data_5W31
# 
_entry.id   5W31 
# 
_audit_conform.dict_name       mmcif_pdbx.dic 
_audit_conform.dict_version    5.379 
_audit_conform.dict_location   http://mmcif.pdb.org/dictionaries/ascii/mmcif_pdbx.dic 
# 
loop_
_database_2.database_id 
_database_2.database_code 
_database_2.pdbx_database_accession 
_database_2.pdbx_DOI 
PDB   5W31         pdb_00005w31 10.2210/pdb5w31/pdb 
WWPDB D_1000228346 ?            ?                   
# 
loop_
_pdbx_database_related.db_name 
_pdbx_database_related.details 
_pdbx_database_related.db_id 
_pdbx_database_related.content_type 
PDB 'CJ without thiol' 5W17 unspecified 
PDB CJ-N48C            5W2X unspecified 
# 
_pdbx_database_status.status_code                     REL 
_pdbx_database_status.status_code_sf                  REL 
_pdbx_database_status.status_code_mr                  ? 
_pdbx_database_status.entry_id                        5W31 
_pdbx_database_status.recvd_initial_deposition_date   2017-06-07 
_pdbx_database_status.SG_entry                        N 
_pdbx_database_status.deposit_site                    RCSB 
_pdbx_database_status.process_site                    RCSB 
_pdbx_database_status.status_code_cs                  ? 
_pdbx_database_status.methods_development_category    ? 
_pdbx_database_status.pdb_format_compatible           Y 
_pdbx_database_status.status_code_nmr_data            ? 
# 
loop_
_audit_author.name 
_audit_author.pdbx_ordinal 
_audit_author.identifier_ORCID 
'Huber, T.R.' 1 ? 
'Snow, C.D.'  2 ? 
# 
_citation.abstract                  ? 
_citation.abstract_id_CAS           ? 
_citation.book_id_ISBN              ? 
_citation.book_publisher            ? 
_citation.book_publisher_city       ? 
_citation.book_title                ? 
_citation.coordinate_linkage        ? 
_citation.country                   US 
_citation.database_id_Medline       ? 
_citation.details                   ? 
_citation.id                        primary 
_citation.journal_abbrev            'Bioconjug. Chem.' 
_citation.journal_id_ASTM           BCCHES 
_citation.journal_id_CSD            2063 
_citation.journal_id_ISSN           1520-4812 
_citation.journal_full              ? 
_citation.journal_issue             ? 
_citation.journal_volume            29 
_citation.language                  ? 
_citation.page_first                17 
_citation.page_last                 22 
_citation.title                     'Installing Guest Molecules at Specific Sites within Scaffold Protein Crystals.' 
_citation.year                      2018 
_citation.database_id_CSD           ? 
_citation.pdbx_database_id_DOI      10.1021/acs.bioconjchem.7b00668 
_citation.pdbx_database_id_PubMed   29232505 
_citation.unpublished_flag          ? 
# 
loop_
_citation_author.citation_id 
_citation_author.name 
_citation_author.ordinal 
_citation_author.identifier_ORCID 
primary 'Huber, T.R.'     1 ? 
primary 'McPherson, E.C.' 2 ? 
primary 'Keating, C.E.'   3 ? 
primary 'Snow, C.D.'      4 ? 
# 
_cell.angle_alpha                  90.000 
_cell.angle_alpha_esd              ? 
_cell.angle_beta                   90.000 
_cell.angle_beta_esd               ? 
_cell.angle_gamma                  120.000 
_cell.angle_gamma_esd              ? 
_cell.entry_id                     5W31 
_cell.details                      ? 
_cell.formula_units_Z              ? 
_cell.length_a                     178.793 
_cell.length_a_esd                 ? 
_cell.length_b                     178.793 
_cell.length_b_esd                 ? 
_cell.length_c                     50.814 
_cell.length_c_esd                 ? 
_cell.volume                       ? 
_cell.volume_esd                   ? 
_cell.Z_PDB                        12 
_cell.reciprocal_angle_alpha       ? 
_cell.reciprocal_angle_beta        ? 
_cell.reciprocal_angle_gamma       ? 
_cell.reciprocal_angle_alpha_esd   ? 
_cell.reciprocal_angle_beta_esd    ? 
_cell.reciprocal_angle_gamma_esd   ? 
_cell.reciprocal_length_a          ? 
_cell.reciprocal_length_b          ? 
_cell.reciprocal_length_c          ? 
_cell.reciprocal_length_a_esd      ? 
_cell.reciprocal_length_b_esd      ? 
_cell.reciprocal_length_c_esd      ? 
_cell.pdbx_unique_axis             ? 
# 
_symmetry.entry_id                         5W31 
_symmetry.cell_setting                     ? 
_symmetry.Int_Tables_number                177 
_symmetry.space_group_name_Hall            ? 
_symmetry.space_group_name_H-M             'P 6 2 2' 
_symmetry.pdbx_full_space_group_name_H-M   ? 
# 
loop_
_entity.id 
_entity.type 
_entity.src_method 
_entity.pdbx_description 
_entity.formula_weight 
_entity.pdbx_number_of_molecules 
_entity.pdbx_ec 
_entity.pdbx_mutation 
_entity.pdbx_fragment 
_entity.details 
1 polymer     man 'Putative periplasmic protein' 20188.832 1  ? N48C ? ? 
2 non-polymer syn 'UNKNOWN LIGAND'               282.547   1  ? ?    ? ? 
3 non-polymer syn 'SULFATE ION'                  96.063    2  ? ?    ? ? 
4 non-polymer syn 'MERCURIBENZOIC ACID'          321.703   1  ? ?    ? ? 
5 water       nat water                          18.015    17 ? ?    ? ? 
# 
_entity_poly.entity_id                      1 
_entity_poly.type                           'polypeptide(L)' 
_entity_poly.nstd_linkage                   no 
_entity_poly.nstd_monomer                   no 
_entity_poly.pdbx_seq_one_letter_code       
;MKEYTLDKAHTDVGFKIKHLQISNVKGCFKDYSAVIDFDPASAEFKKLDVTIKIASVNTENQTRDNHLQQDDFFKAKKYP
DMTFTMKKYEKIDNEKGKMTGTLTIAGVSKDIVLDAEIGGVAKGKDGKEKIGFSLNGKIKRSDFKFATSTSTITLSDDIN
LNIEVEANEKEGGSHHHHHH
;
_entity_poly.pdbx_seq_one_letter_code_can   
;MKEYTLDKAHTDVGFKIKHLQISNVKGCFKDYSAVIDFDPASAEFKKLDVTIKIASVNTENQTRDNHLQQDDFFKAKKYP
DMTFTMKKYEKIDNEKGKMTGTLTIAGVSKDIVLDAEIGGVAKGKDGKEKIGFSLNGKIKRSDFKFATSTSTITLSDDIN
LNIEVEANEKEGGSHHHHHH
;
_entity_poly.pdbx_strand_id                 A 
_entity_poly.pdbx_target_identifier         ? 
# 
loop_
_entity_poly_seq.entity_id 
_entity_poly_seq.num 
_entity_poly_seq.mon_id 
_entity_poly_seq.hetero 
1 1   MET n 
1 2   LYS n 
1 3   GLU n 
1 4   TYR n 
1 5   THR n 
1 6   LEU n 
1 7   ASP n 
1 8   LYS n 
1 9   ALA n 
1 10  HIS n 
1 11  THR n 
1 12  ASP n 
1 13  VAL n 
1 14  GLY n 
1 15  PHE n 
1 16  LYS n 
1 17  ILE n 
1 18  LYS n 
1 19  HIS n 
1 20  LEU n 
1 21  GLN n 
1 22  ILE n 
1 23  SER n 
1 24  ASN n 
1 25  VAL n 
1 26  LYS n 
1 27  GLY n 
1 28  CYS n 
1 29  PHE n 
1 30  LYS n 
1 31  ASP n 
1 32  TYR n 
1 33  SER n 
1 34  ALA n 
1 35  VAL n 
1 36  ILE n 
1 37  ASP n 
1 38  PHE n 
1 39  ASP n 
1 40  PRO n 
1 41  ALA n 
1 42  SER n 
1 43  ALA n 
1 44  GLU n 
1 45  PHE n 
1 46  LYS n 
1 47  LYS n 
1 48  LEU n 
1 49  ASP n 
1 50  VAL n 
1 51  THR n 
1 52  ILE n 
1 53  LYS n 
1 54  ILE n 
1 55  ALA n 
1 56  SER n 
1 57  VAL n 
1 58  ASN n 
1 59  THR n 
1 60  GLU n 
1 61  ASN n 
1 62  GLN n 
1 63  THR n 
1 64  ARG n 
1 65  ASP n 
1 66  ASN n 
1 67  HIS n 
1 68  LEU n 
1 69  GLN n 
1 70  GLN n 
1 71  ASP n 
1 72  ASP n 
1 73  PHE n 
1 74  PHE n 
1 75  LYS n 
1 76  ALA n 
1 77  LYS n 
1 78  LYS n 
1 79  TYR n 
1 80  PRO n 
1 81  ASP n 
1 82  MET n 
1 83  THR n 
1 84  PHE n 
1 85  THR n 
1 86  MET n 
1 87  LYS n 
1 88  LYS n 
1 89  TYR n 
1 90  GLU n 
1 91  LYS n 
1 92  ILE n 
1 93  ASP n 
1 94  ASN n 
1 95  GLU n 
1 96  LYS n 
1 97  GLY n 
1 98  LYS n 
1 99  MET n 
1 100 THR n 
1 101 GLY n 
1 102 THR n 
1 103 LEU n 
1 104 THR n 
1 105 ILE n 
1 106 ALA n 
1 107 GLY n 
1 108 VAL n 
1 109 SER n 
1 110 LYS n 
1 111 ASP n 
1 112 ILE n 
1 113 VAL n 
1 114 LEU n 
1 115 ASP n 
1 116 ALA n 
1 117 GLU n 
1 118 ILE n 
1 119 GLY n 
1 120 GLY n 
1 121 VAL n 
1 122 ALA n 
1 123 LYS n 
1 124 GLY n 
1 125 LYS n 
1 126 ASP n 
1 127 GLY n 
1 128 LYS n 
1 129 GLU n 
1 130 LYS n 
1 131 ILE n 
1 132 GLY n 
1 133 PHE n 
1 134 SER n 
1 135 LEU n 
1 136 ASN n 
1 137 GLY n 
1 138 LYS n 
1 139 ILE n 
1 140 LYS n 
1 141 ARG n 
1 142 SER n 
1 143 ASP n 
1 144 PHE n 
1 145 LYS n 
1 146 PHE n 
1 147 ALA n 
1 148 THR n 
1 149 SER n 
1 150 THR n 
1 151 SER n 
1 152 THR n 
1 153 ILE n 
1 154 THR n 
1 155 LEU n 
1 156 SER n 
1 157 ASP n 
1 158 ASP n 
1 159 ILE n 
1 160 ASN n 
1 161 LEU n 
1 162 ASN n 
1 163 ILE n 
1 164 GLU n 
1 165 VAL n 
1 166 GLU n 
1 167 ALA n 
1 168 ASN n 
1 169 GLU n 
1 170 LYS n 
1 171 GLU n 
1 172 GLY n 
1 173 GLY n 
1 174 SER n 
1 175 HIS n 
1 176 HIS n 
1 177 HIS n 
1 178 HIS n 
1 179 HIS n 
1 180 HIS n 
# 
_entity_src_gen.entity_id                          1 
_entity_src_gen.pdbx_src_id                        1 
_entity_src_gen.pdbx_alt_source_flag               sample 
_entity_src_gen.pdbx_seq_type                      'Biological sequence' 
_entity_src_gen.pdbx_beg_seq_num                   1 
_entity_src_gen.pdbx_end_seq_num                   180 
_entity_src_gen.gene_src_common_name               ? 
_entity_src_gen.gene_src_genus                     ? 
_entity_src_gen.pdbx_gene_src_gene                 Cj0420 
_entity_src_gen.gene_src_species                   ? 
_entity_src_gen.gene_src_strain                    'ATCC 700819 / NCTC 11168' 
_entity_src_gen.gene_src_tissue                    ? 
_entity_src_gen.gene_src_tissue_fraction           ? 
_entity_src_gen.gene_src_details                   ? 
_entity_src_gen.pdbx_gene_src_fragment             ? 
_entity_src_gen.pdbx_gene_src_scientific_name      
'Campylobacter jejuni subsp. jejuni serotype O:2 (strain ATCC 700819 / NCTC 11168)' 
_entity_src_gen.pdbx_gene_src_ncbi_taxonomy_id     192222 
_entity_src_gen.pdbx_gene_src_variant              ? 
_entity_src_gen.pdbx_gene_src_cell_line            ? 
_entity_src_gen.pdbx_gene_src_atcc                 ? 
_entity_src_gen.pdbx_gene_src_organ                ? 
_entity_src_gen.pdbx_gene_src_organelle            ? 
_entity_src_gen.pdbx_gene_src_cell                 ? 
_entity_src_gen.pdbx_gene_src_cellular_location    ? 
_entity_src_gen.host_org_common_name               ? 
_entity_src_gen.pdbx_host_org_scientific_name      'Escherichia coli' 
_entity_src_gen.pdbx_host_org_ncbi_taxonomy_id     562 
_entity_src_gen.host_org_genus                     ? 
_entity_src_gen.pdbx_host_org_gene                 ? 
_entity_src_gen.pdbx_host_org_organ                ? 
_entity_src_gen.host_org_species                   ? 
_entity_src_gen.pdbx_host_org_tissue               ? 
_entity_src_gen.pdbx_host_org_tissue_fraction      ? 
_entity_src_gen.pdbx_host_org_strain               'C41(DE3)' 
_entity_src_gen.pdbx_host_org_variant              ? 
_entity_src_gen.pdbx_host_org_cell_line            ? 
_entity_src_gen.pdbx_host_org_atcc                 ? 
_entity_src_gen.pdbx_host_org_culture_collection   ? 
_entity_src_gen.pdbx_host_org_cell                 ? 
_entity_src_gen.pdbx_host_org_organelle            ? 
_entity_src_gen.pdbx_host_org_cellular_location    ? 
_entity_src_gen.pdbx_host_org_vector_type          plasmid 
_entity_src_gen.pdbx_host_org_vector               ? 
_entity_src_gen.host_org_details                   ? 
_entity_src_gen.expression_system_id               ? 
_entity_src_gen.plasmid_name                       pSB3 
_entity_src_gen.plasmid_details                    ? 
_entity_src_gen.pdbx_description                   ? 
# 
_struct_ref.id                         1 
_struct_ref.db_name                    UNP 
_struct_ref.db_code                    Q0PB90_CAMJE 
_struct_ref.pdbx_db_accession          Q0PB90 
_struct_ref.pdbx_db_isoform            ? 
_struct_ref.entity_id                  1 
_struct_ref.pdbx_seq_one_letter_code   
;KEYTLDKAHTDVGFKIKHLQISNVKGNFKDYSAVIDFDPASAEFKKLDVTIKIASVNTENQTRDNHLQQDDFFKAKKYPD
MTFTMKKYEKIDNEKGKMTGTLTIAGVSKDIVLDAEIGGVAKGKDGKEKIGFSLNGKIKRSDFKFATSTSTITLSDDINL
NIEVEANEK
;
_struct_ref.pdbx_align_begin           22 
# 
_struct_ref_seq.align_id                      1 
_struct_ref_seq.ref_id                        1 
_struct_ref_seq.pdbx_PDB_id_code              5W31 
_struct_ref_seq.pdbx_strand_id                A 
_struct_ref_seq.seq_align_beg                 2 
_struct_ref_seq.pdbx_seq_align_beg_ins_code   ? 
_struct_ref_seq.seq_align_end                 170 
_struct_ref_seq.pdbx_seq_align_end_ins_code   ? 
_struct_ref_seq.pdbx_db_accession             Q0PB90 
_struct_ref_seq.db_align_beg                  22 
_struct_ref_seq.pdbx_db_align_beg_ins_code    ? 
_struct_ref_seq.db_align_end                  190 
_struct_ref_seq.pdbx_db_align_end_ins_code    ? 
_struct_ref_seq.pdbx_auth_seq_align_beg       22 
_struct_ref_seq.pdbx_auth_seq_align_end       190 
# 
loop_
_struct_ref_seq_dif.align_id 
_struct_ref_seq_dif.pdbx_pdb_id_code 
_struct_ref_seq_dif.mon_id 
_struct_ref_seq_dif.pdbx_pdb_strand_id 
_struct_ref_seq_dif.seq_num 
_struct_ref_seq_dif.pdbx_pdb_ins_code 
_struct_ref_seq_dif.pdbx_seq_db_name 
_struct_ref_seq_dif.pdbx_seq_db_accession_code 
_struct_ref_seq_dif.db_mon_id 
_struct_ref_seq_dif.pdbx_seq_db_seq_num 
_struct_ref_seq_dif.details 
_struct_ref_seq_dif.pdbx_auth_seq_num 
_struct_ref_seq_dif.pdbx_ordinal 
1 5W31 MET A 1   ? UNP Q0PB90 ?   ?  'expression tag'      21  1  
1 5W31 CYS A 28  ? UNP Q0PB90 ASN 48 'engineered mutation' 48  2  
1 5W31 GLU A 171 ? UNP Q0PB90 ?   ?  'expression tag'      191 3  
1 5W31 GLY A 172 ? UNP Q0PB90 ?   ?  'expression tag'      192 4  
1 5W31 GLY A 173 ? UNP Q0PB90 ?   ?  'expression tag'      193 5  
1 5W31 SER A 174 ? UNP Q0PB90 ?   ?  'expression tag'      194 6  
1 5W31 HIS A 175 ? UNP Q0PB90 ?   ?  'expression tag'      195 7  
1 5W31 HIS A 176 ? UNP Q0PB90 ?   ?  'expression tag'      196 8  
1 5W31 HIS A 177 ? UNP Q0PB90 ?   ?  'expression tag'      197 9  
1 5W31 HIS A 178 ? UNP Q0PB90 ?   ?  'expression tag'      198 10 
1 5W31 HIS A 179 ? UNP Q0PB90 ?   ?  'expression tag'      199 11 
1 5W31 HIS A 180 ? UNP Q0PB90 ?   ?  'expression tag'      200 12 
# 
loop_
_chem_comp.id 
_chem_comp.type 
_chem_comp.mon_nstd_flag 
_chem_comp.name 
_chem_comp.pdbx_synonyms 
_chem_comp.formula 
_chem_comp.formula_weight 
ALA 'L-peptide linking' y ALANINE               ? 'C3 H7 N O2'     89.093  
ARG 'L-peptide linking' y ARGININE              ? 'C6 H15 N4 O2 1' 175.209 
ASN 'L-peptide linking' y ASPARAGINE            ? 'C4 H8 N2 O3'    132.118 
ASP 'L-peptide linking' y 'ASPARTIC ACID'       ? 'C4 H7 N O4'     133.103 
CYS 'L-peptide linking' y CYSTEINE              ? 'C3 H7 N O2 S'   121.158 
GLN 'L-peptide linking' y GLUTAMINE             ? 'C5 H10 N2 O3'   146.144 
GLU 'L-peptide linking' y 'GLUTAMIC ACID'       ? 'C5 H9 N O4'     147.129 
GLY 'peptide linking'   y GLYCINE               ? 'C2 H5 N O2'     75.067  
HIS 'L-peptide linking' y HISTIDINE             ? 'C6 H10 N3 O2 1' 156.162 
HOH non-polymer         . WATER                 ? 'H2 O'           18.015  
ILE 'L-peptide linking' y ISOLEUCINE            ? 'C6 H13 N O2'    131.173 
LEU 'L-peptide linking' y LEUCINE               ? 'C6 H13 N O2'    131.173 
LYS 'L-peptide linking' y LYSINE                ? 'C6 H15 N2 O2 1' 147.195 
MBO non-polymer         . 'MERCURIBENZOIC ACID' ? 'C7 H5 Hg O2'    321.703 
MET 'L-peptide linking' y METHIONINE            ? 'C5 H11 N O2 S'  149.211 
PHE 'L-peptide linking' y PHENYLALANINE         ? 'C9 H11 N O2'    165.189 
PRO 'L-peptide linking' y PROLINE               ? 'C5 H9 N O2'     115.130 
SER 'L-peptide linking' y SERINE                ? 'C3 H7 N O3'     105.093 
SO4 non-polymer         . 'SULFATE ION'         ? 'O4 S -2'        96.063  
THR 'L-peptide linking' y THREONINE             ? 'C4 H9 N O3'     119.119 
TYR 'L-peptide linking' y TYROSINE              ? 'C9 H11 N O3'    181.189 
UNL non-polymer         . 'UNKNOWN LIGAND'      ? ?                ?       
VAL 'L-peptide linking' y VALINE                ? 'C5 H11 N O2'    117.146 
# 
_exptl.absorpt_coefficient_mu     ? 
_exptl.absorpt_correction_T_max   ? 
_exptl.absorpt_correction_T_min   ? 
_exptl.absorpt_correction_type    ? 
_exptl.absorpt_process_details    ? 
_exptl.entry_id                   5W31 
_exptl.crystals_number            1 
_exptl.details                    ? 
_exptl.method                     'X-RAY DIFFRACTION' 
_exptl.method_details             ? 
# 
_exptl_crystal.colour                      ? 
_exptl_crystal.density_diffrn              ? 
_exptl_crystal.density_Matthews            ? 
_exptl_crystal.density_method              ? 
_exptl_crystal.density_percent_sol         ? 
_exptl_crystal.description                 ? 
_exptl_crystal.F_000                       ? 
_exptl_crystal.id                          1 
_exptl_crystal.preparation                 ? 
_exptl_crystal.size_max                    ? 
_exptl_crystal.size_mid                    ? 
_exptl_crystal.size_min                    ? 
_exptl_crystal.size_rad                    ? 
_exptl_crystal.colour_lustre               ? 
_exptl_crystal.colour_modifier             ? 
_exptl_crystal.colour_primary              ? 
_exptl_crystal.density_meas                ? 
_exptl_crystal.density_meas_esd            ? 
_exptl_crystal.density_meas_gt             ? 
_exptl_crystal.density_meas_lt             ? 
_exptl_crystal.density_meas_temp           ? 
_exptl_crystal.density_meas_temp_esd       ? 
_exptl_crystal.density_meas_temp_gt        ? 
_exptl_crystal.density_meas_temp_lt        ? 
_exptl_crystal.pdbx_crystal_image_url      ? 
_exptl_crystal.pdbx_crystal_image_format   ? 
_exptl_crystal.pdbx_mosaicity              0.180 
_exptl_crystal.pdbx_mosaicity_esd          ? 
# 
_exptl_crystal_grow.apparatus       ? 
_exptl_crystal_grow.atmosphere      ? 
_exptl_crystal_grow.crystal_id      1 
_exptl_crystal_grow.details         ? 
_exptl_crystal_grow.method          'VAPOR DIFFUSION, SITTING DROP' 
_exptl_crystal_grow.method_ref      ? 
_exptl_crystal_grow.pH              6.0 
_exptl_crystal_grow.pressure        ? 
_exptl_crystal_grow.pressure_esd    ? 
_exptl_crystal_grow.seeding         ? 
_exptl_crystal_grow.seeding_ref     ? 
_exptl_crystal_grow.temp            293 
_exptl_crystal_grow.temp_details    ? 
_exptl_crystal_grow.temp_esd        ? 
_exptl_crystal_grow.time            ? 
_exptl_crystal_grow.pdbx_details    '3.2 M Ammonium Sulfate, 0.1 M Bis-Tris' 
_exptl_crystal_grow.pdbx_pH_range   ? 
# 
_diffrn.ambient_environment    ? 
_diffrn.ambient_temp           100 
_diffrn.ambient_temp_details   ? 
_diffrn.ambient_temp_esd       ? 
_diffrn.crystal_id             1 
_diffrn.crystal_support        ? 
_diffrn.crystal_treatment      ? 
_diffrn.details                ? 
_diffrn.id                     1 
_diffrn.ambient_pressure       ? 
_diffrn.ambient_pressure_esd   ? 
_diffrn.ambient_pressure_gt    ? 
_diffrn.ambient_pressure_lt    ? 
_diffrn.ambient_temp_gt        ? 
_diffrn.ambient_temp_lt        ? 
# 
_diffrn_detector.details                      ? 
_diffrn_detector.detector                     CMOS 
_diffrn_detector.diffrn_id                    1 
_diffrn_detector.type                         'RDI CMOS_8M' 
_diffrn_detector.area_resol_mean              ? 
_diffrn_detector.dtime                        ? 
_diffrn_detector.pdbx_frames_total            ? 
_diffrn_detector.pdbx_collection_time_total   ? 
_diffrn_detector.pdbx_collection_date         2017-04-04 
# 
_diffrn_radiation.collimation                      ? 
_diffrn_radiation.diffrn_id                        1 
_diffrn_radiation.filter_edge                      ? 
_diffrn_radiation.inhomogeneity                    ? 
_diffrn_radiation.monochromator                    'Si (111) double crystal' 
_diffrn_radiation.polarisn_norm                    ? 
_diffrn_radiation.polarisn_ratio                   ? 
_diffrn_radiation.probe                            ? 
_diffrn_radiation.type                             ? 
_diffrn_radiation.xray_symbol                      ? 
_diffrn_radiation.wavelength_id                    1 
_diffrn_radiation.pdbx_monochromatic_or_laue_m_l   M 
_diffrn_radiation.pdbx_wavelength_list             ? 
_diffrn_radiation.pdbx_wavelength                  ? 
_diffrn_radiation.pdbx_diffrn_protocol             'SINGLE WAVELENGTH' 
_diffrn_radiation.pdbx_analyzer                    ? 
_diffrn_radiation.pdbx_scattering_type             x-ray 
# 
_diffrn_radiation_wavelength.id           1 
_diffrn_radiation_wavelength.wavelength   1.0 
_diffrn_radiation_wavelength.wt           1.0 
# 
_diffrn_source.current                     ? 
_diffrn_source.details                     ? 
_diffrn_source.diffrn_id                   1 
_diffrn_source.power                       ? 
_diffrn_source.size                        ? 
_diffrn_source.source                      SYNCHROTRON 
_diffrn_source.target                      ? 
_diffrn_source.type                        'ALS BEAMLINE 4.2.2' 
_diffrn_source.voltage                     ? 
_diffrn_source.take-off_angle              ? 
_diffrn_source.pdbx_wavelength_list        1.0 
_diffrn_source.pdbx_wavelength             ? 
_diffrn_source.pdbx_synchrotron_beamline   4.2.2 
_diffrn_source.pdbx_synchrotron_site       ALS 
# 
_reflns.B_iso_Wilson_estimate            ? 
_reflns.entry_id                         5W31 
_reflns.data_reduction_details           ? 
_reflns.data_reduction_method            ? 
_reflns.d_resolution_high                2.560 
_reflns.d_resolution_low                 38.710 
_reflns.details                          ? 
_reflns.limit_h_max                      ? 
_reflns.limit_h_min                      ? 
_reflns.limit_k_max                      ? 
_reflns.limit_k_min                      ? 
_reflns.limit_l_max                      ? 
_reflns.limit_l_min                      ? 
_reflns.number_all                       15939 
_reflns.number_obs                       15939 
_reflns.observed_criterion               ? 
_reflns.observed_criterion_F_max         ? 
_reflns.observed_criterion_F_min         ? 
_reflns.observed_criterion_I_max         ? 
_reflns.observed_criterion_I_min         ? 
_reflns.observed_criterion_sigma_F       ? 
_reflns.observed_criterion_sigma_I       ? 
_reflns.percent_possible_obs             99.900 
_reflns.R_free_details                   ? 
_reflns.Rmerge_F_all                     ? 
_reflns.Rmerge_F_obs                     ? 
_reflns.Friedel_coverage                 ? 
_reflns.number_gt                        ? 
_reflns.threshold_expression             ? 
_reflns.pdbx_redundancy                  20.700 
_reflns.pdbx_Rmerge_I_obs                ? 
_reflns.pdbx_Rmerge_I_all                ? 
_reflns.pdbx_Rsym_value                  0.180 
_reflns.pdbx_netI_over_av_sigmaI         3.600 
_reflns.pdbx_netI_over_sigmaI            14.400 
_reflns.pdbx_res_netI_over_av_sigmaI_2   ? 
_reflns.pdbx_res_netI_over_sigmaI_2      ? 
_reflns.pdbx_chi_squared                 ? 
_reflns.pdbx_scaling_rejects             ? 
_reflns.pdbx_d_res_high_opt              ? 
_reflns.pdbx_d_res_low_opt               ? 
_reflns.pdbx_d_res_opt_method            ? 
_reflns.phase_calculation_details        ? 
_reflns.pdbx_Rrim_I_all                  0.184 
_reflns.pdbx_Rpim_I_all                  0.040 
_reflns.pdbx_d_opt                       ? 
_reflns.pdbx_number_measured_all         330151 
_reflns.pdbx_diffrn_id                   1 
_reflns.pdbx_ordinal                     1 
_reflns.pdbx_CC_half                     ? 
_reflns.pdbx_R_split                     ? 
# 
loop_
_reflns_shell.d_res_high 
_reflns_shell.d_res_low 
_reflns_shell.meanI_over_sigI_all 
_reflns_shell.meanI_over_sigI_obs 
_reflns_shell.number_measured_all 
_reflns_shell.number_measured_obs 
_reflns_shell.number_possible 
_reflns_shell.number_unique_all 
_reflns_shell.number_unique_obs 
_reflns_shell.percent_possible_all 
_reflns_shell.percent_possible_obs 
_reflns_shell.Rmerge_F_all 
_reflns_shell.Rmerge_F_obs 
_reflns_shell.Rmerge_I_all 
_reflns_shell.Rmerge_I_obs 
_reflns_shell.meanI_over_sigI_gt 
_reflns_shell.meanI_over_uI_all 
_reflns_shell.meanI_over_uI_gt 
_reflns_shell.number_measured_gt 
_reflns_shell.number_unique_gt 
_reflns_shell.percent_possible_gt 
_reflns_shell.Rmerge_F_gt 
_reflns_shell.Rmerge_I_gt 
_reflns_shell.pdbx_redundancy 
_reflns_shell.pdbx_Rsym_value 
_reflns_shell.pdbx_chi_squared 
_reflns_shell.pdbx_netI_over_sigmaI_all 
_reflns_shell.pdbx_netI_over_sigmaI_obs 
_reflns_shell.pdbx_Rrim_I_all 
_reflns_shell.pdbx_Rpim_I_all 
_reflns_shell.pdbx_rejects 
_reflns_shell.pdbx_ordinal 
_reflns_shell.pdbx_diffrn_id 
_reflns_shell.pdbx_CC_half 
_reflns_shell.pdbx_R_split 
2.560 2.700  ? 0.300  ? ? ? ? ? 99.900  ? ? ? ? 2.680 ? ? ? ? ? ? ? ? 19.000 2.680 ? ? ? 2.754 0.628 ? 1  1 ? ? 
2.700 2.860  ? 0.500  ? ? ? ? ? 100.000 ? ? ? ? 1.580 ? ? ? ? ? ? ? ? 20.900 1.580 ? ? ? 1.619 0.352 ? 2  1 ? ? 
2.860 3.060  ? 0.400  ? ? ? ? ? 99.900  ? ? ? ? 1.574 ? ? ? ? ? ? ? ? 21.300 1.574 ? ? ? 1.612 0.346 ? 3  1 ? ? 
3.060 3.300  ? 1.000  ? ? ? ? ? 99.900  ? ? ? ? 0.624 ? ? ? ? ? ? ? ? 21.600 0.624 ? ? ? 0.639 0.137 ? 4  1 ? ? 
3.300 3.620  ? 2.600  ? ? ? ? ? 100.000 ? ? ? ? 0.261 ? ? ? ? ? ? ? ? 21.500 0.261 ? ? ? 0.267 0.057 ? 5  1 ? ? 
3.620 4.050  ? 5.200  ? ? ? ? ? 100.000 ? ? ? ? 0.144 ? ? ? ? ? ? ? ? 21.500 0.144 ? ? ? 0.148 0.032 ? 6  1 ? ? 
4.050 4.670  ? 7.900  ? ? ? ? ? 100.000 ? ? ? ? 0.088 ? ? ? ? ? ? ? ? 20.900 0.088 ? ? ? 0.090 0.020 ? 7  1 ? ? 
4.670 5.720  ? 8.700  ? ? ? ? ? 100.000 ? ? ? ? 0.077 ? ? ? ? ? ? ? ? 20.600 0.077 ? ? ? 0.079 0.017 ? 8  1 ? ? 
5.720 8.100  ? 9.200  ? ? ? ? ? 100.000 ? ? ? ? 0.072 ? ? ? ? ? ? ? ? 20.200 0.072 ? ? ? 0.074 0.016 ? 9  1 ? ? 
8.100 38.710 ? 11.500 ? ? ? ? ? 99.100  ? ? ? ? 0.048 ? ? ? ? ? ? ? ? 17.700 0.048 ? ? ? 0.049 0.011 ? 10 1 ? ? 
# 
_refine.aniso_B[1][1]                            2.7800 
_refine.aniso_B[1][2]                            1.3900 
_refine.aniso_B[1][3]                            0.0000 
_refine.aniso_B[2][2]                            2.7800 
_refine.aniso_B[2][3]                            -0.0000 
_refine.aniso_B[3][3]                            -9.0100 
_refine.B_iso_max                                185.060 
_refine.B_iso_mean                               74.5870 
_refine.B_iso_min                                42.980 
_refine.correlation_coeff_Fo_to_Fc               0.9560 
_refine.correlation_coeff_Fo_to_Fc_free          0.9490 
_refine.details                                  'U VALUES      : REFINED INDIVIDUALLY' 
_refine.diff_density_max                         ? 
_refine.diff_density_max_esd                     ? 
_refine.diff_density_min                         ? 
_refine.diff_density_min_esd                     ? 
_refine.diff_density_rms                         ? 
_refine.diff_density_rms_esd                     ? 
_refine.entry_id                                 5W31 
_refine.pdbx_refine_id                           'X-RAY DIFFRACTION' 
_refine.ls_abs_structure_details                 ? 
_refine.ls_abs_structure_Flack                   ? 
_refine.ls_abs_structure_Flack_esd               ? 
_refine.ls_abs_structure_Rogers                  ? 
_refine.ls_abs_structure_Rogers_esd              ? 
_refine.ls_d_res_high                            2.5600 
_refine.ls_d_res_low                             38.7400 
_refine.ls_extinction_coef                       ? 
_refine.ls_extinction_coef_esd                   ? 
_refine.ls_extinction_expression                 ? 
_refine.ls_extinction_method                     ? 
_refine.ls_goodness_of_fit_all                   ? 
_refine.ls_goodness_of_fit_all_esd               ? 
_refine.ls_goodness_of_fit_obs                   ? 
_refine.ls_goodness_of_fit_obs_esd               ? 
_refine.ls_hydrogen_treatment                    ? 
_refine.ls_matrix_type                           ? 
_refine.ls_number_constraints                    ? 
_refine.ls_number_parameters                     ? 
_refine.ls_number_reflns_all                     ? 
_refine.ls_number_reflns_obs                     15126 
_refine.ls_number_reflns_R_free                  788 
_refine.ls_number_reflns_R_work                  ? 
_refine.ls_number_restraints                     ? 
_refine.ls_percent_reflns_obs                    99.7200 
_refine.ls_percent_reflns_R_free                 5.0000 
_refine.ls_R_factor_all                          ? 
_refine.ls_R_factor_obs                          0.2147 
_refine.ls_R_factor_R_free                       0.2412 
_refine.ls_R_factor_R_free_error                 ? 
_refine.ls_R_factor_R_free_error_details         ? 
_refine.ls_R_factor_R_work                       0.2133 
_refine.ls_R_Fsqd_factor_obs                     ? 
_refine.ls_R_I_factor_obs                        ? 
_refine.ls_redundancy_reflns_all                 ? 
_refine.ls_redundancy_reflns_obs                 ? 
_refine.ls_restrained_S_all                      ? 
_refine.ls_restrained_S_obs                      ? 
_refine.ls_shift_over_esd_max                    ? 
_refine.ls_shift_over_esd_mean                   ? 
_refine.ls_structure_factor_coef                 ? 
_refine.ls_weighting_details                     ? 
_refine.ls_weighting_scheme                      ? 
_refine.ls_wR_factor_all                         ? 
_refine.ls_wR_factor_obs                         ? 
_refine.ls_wR_factor_R_free                      ? 
_refine.ls_wR_factor_R_work                      ? 
_refine.occupancy_max                            ? 
_refine.occupancy_min                            ? 
_refine.solvent_model_details                    ? 
_refine.solvent_model_param_bsol                 ? 
_refine.solvent_model_param_ksol                 ? 
_refine.ls_R_factor_gt                           ? 
_refine.ls_goodness_of_fit_gt                    ? 
_refine.ls_goodness_of_fit_ref                   ? 
_refine.ls_shift_over_su_max                     ? 
_refine.ls_shift_over_su_max_lt                  ? 
_refine.ls_shift_over_su_mean                    ? 
_refine.ls_shift_over_su_mean_lt                 ? 
_refine.pdbx_ls_sigma_I                          ? 
_refine.pdbx_ls_sigma_F                          0.000 
_refine.pdbx_ls_sigma_Fsqd                       ? 
_refine.pdbx_data_cutoff_high_absF               ? 
_refine.pdbx_data_cutoff_high_rms_absF           ? 
_refine.pdbx_data_cutoff_low_absF                ? 
_refine.pdbx_isotropic_thermal_model             ? 
_refine.pdbx_ls_cross_valid_method               THROUGHOUT 
_refine.pdbx_method_to_determine_struct          'MOLECULAR REPLACEMENT' 
_refine.pdbx_starting_model                      5W2X 
_refine.pdbx_stereochemistry_target_values       ? 
_refine.pdbx_R_Free_selection_details            RANDOM 
_refine.pdbx_stereochem_target_val_spec_case     ? 
_refine.pdbx_overall_ESU_R                       0.2090 
_refine.pdbx_overall_ESU_R_Free                  0.1890 
_refine.pdbx_solvent_vdw_probe_radii             1.2000 
_refine.pdbx_solvent_ion_probe_radii             0.8000 
_refine.pdbx_solvent_shrinkage_radii             0.8000 
_refine.pdbx_real_space_R                        ? 
_refine.pdbx_density_correlation                 ? 
_refine.pdbx_pd_number_of_powder_patterns        ? 
_refine.pdbx_pd_number_of_points                 ? 
_refine.pdbx_pd_meas_number_of_points            ? 
_refine.pdbx_pd_proc_ls_prof_R_factor            ? 
_refine.pdbx_pd_proc_ls_prof_wR_factor           ? 
_refine.pdbx_pd_Marquardt_correlation_coeff      ? 
_refine.pdbx_pd_Fsqrd_R_factor                   ? 
_refine.pdbx_pd_ls_matrix_band_width             ? 
_refine.pdbx_overall_phase_error                 ? 
_refine.pdbx_overall_SU_R_free_Cruickshank_DPI   ? 
_refine.pdbx_overall_SU_R_free_Blow_DPI          ? 
_refine.pdbx_overall_SU_R_Blow_DPI               ? 
_refine.pdbx_TLS_residual_ADP_flag               ? 
_refine.pdbx_diffrn_id                           1 
_refine.overall_SU_B                             10.2010 
_refine.overall_SU_ML                            0.1910 
_refine.overall_SU_R_Cruickshank_DPI             ? 
_refine.overall_SU_R_free                        ? 
_refine.overall_FOM_free_R_set                   ? 
_refine.overall_FOM_work_R_set                   ? 
_refine.pdbx_average_fsc_overall                 ? 
_refine.pdbx_average_fsc_work                    ? 
_refine.pdbx_average_fsc_free                    ? 
# 
_refine_hist.cycle_id                         final 
_refine_hist.pdbx_refine_id                   'X-RAY DIFFRACTION' 
_refine_hist.d_res_high                       2.5600 
_refine_hist.d_res_low                        38.7400 
_refine_hist.pdbx_number_atoms_ligand         37 
_refine_hist.number_atoms_solvent             17 
_refine_hist.number_atoms_total               1369 
_refine_hist.pdbx_number_residues_total       171 
_refine_hist.pdbx_B_iso_mean_ligand           87.37 
_refine_hist.pdbx_B_iso_mean_solvent          66.85 
_refine_hist.pdbx_number_atoms_protein        1315 
_refine_hist.pdbx_number_atoms_nucleic_acid   0 
# 
loop_
_refine_ls_restr.pdbx_refine_id 
_refine_ls_restr.criterion 
_refine_ls_restr.dev_ideal 
_refine_ls_restr.dev_ideal_target 
_refine_ls_restr.number 
_refine_ls_restr.rejects 
_refine_ls_restr.type 
_refine_ls_restr.weight 
_refine_ls_restr.pdbx_restraint_function 
'X-RAY DIFFRACTION' ? 0.014  0.019  1368 ? r_bond_refined_d       ? ? 
'X-RAY DIFFRACTION' ? 1.940  1.980  1830 ? r_angle_refined_deg    ? ? 
'X-RAY DIFFRACTION' ? 7.735  5.000  170  ? r_dihedral_angle_1_deg ? ? 
'X-RAY DIFFRACTION' ? 38.214 26.316 57   ? r_dihedral_angle_2_deg ? ? 
'X-RAY DIFFRACTION' ? 20.872 15.000 253  ? r_dihedral_angle_3_deg ? ? 
'X-RAY DIFFRACTION' ? 24.477 15.000 2    ? r_dihedral_angle_4_deg ? ? 
'X-RAY DIFFRACTION' ? 0.123  0.200  208  ? r_chiral_restr         ? ? 
'X-RAY DIFFRACTION' ? 0.007  0.020  982  ? r_gen_planes_refined   ? ? 
# 
_refine_ls_shell.pdbx_refine_id                   'X-RAY DIFFRACTION' 
_refine_ls_shell.d_res_high                       2.5600 
_refine_ls_shell.d_res_low                        2.6260 
_refine_ls_shell.number_reflns_all                1132 
_refine_ls_shell.number_reflns_obs                ? 
_refine_ls_shell.number_reflns_R_free             59 
_refine_ls_shell.number_reflns_R_work             1073 
_refine_ls_shell.percent_reflns_obs               99.7400 
_refine_ls_shell.percent_reflns_R_free            ? 
_refine_ls_shell.R_factor_all                     ? 
_refine_ls_shell.R_factor_obs                     ? 
_refine_ls_shell.R_factor_R_free                  0.4100 
_refine_ls_shell.R_factor_R_free_error            0.0000 
_refine_ls_shell.R_factor_R_work                  0.4230 
_refine_ls_shell.redundancy_reflns_all            ? 
_refine_ls_shell.redundancy_reflns_obs            ? 
_refine_ls_shell.wR_factor_all                    ? 
_refine_ls_shell.wR_factor_obs                    ? 
_refine_ls_shell.wR_factor_R_free                 ? 
_refine_ls_shell.wR_factor_R_work                 ? 
_refine_ls_shell.pdbx_total_number_of_bins_used   20 
_refine_ls_shell.pdbx_phase_error                 ? 
_refine_ls_shell.pdbx_fsc_work                    ? 
_refine_ls_shell.pdbx_fsc_free                    ? 
# 
_struct.entry_id                     5W31 
_struct.title                        
'Crystal structure of mutant CJ YCEI protein (CJ-N48C) with mercuribenzoic acid guest structure' 
_struct.pdbx_model_details           ? 
_struct.pdbx_formula_weight          ? 
_struct.pdbx_formula_weight_method   ? 
_struct.pdbx_model_type_details      ? 
_struct.pdbx_CASP_flag               N 
# 
_struct_keywords.entry_id        5W31 
_struct_keywords.text            'nanotechnology nanoporous, UNKNOWN FUNCTION' 
_struct_keywords.pdbx_keywords   'UNKNOWN FUNCTION' 
# 
loop_
_struct_asym.id 
_struct_asym.pdbx_blank_PDB_chainid_flag 
_struct_asym.pdbx_modified 
_struct_asym.entity_id 
_struct_asym.details 
A N N 1 ? 
B N N 2 ? 
C N N 3 ? 
D N N 3 ? 
E N N 4 ? 
F N N 5 ? 
# 
loop_
_struct_conf.conf_type_id 
_struct_conf.id 
_struct_conf.pdbx_PDB_helix_id 
_struct_conf.beg_label_comp_id 
_struct_conf.beg_label_asym_id 
_struct_conf.beg_label_seq_id 
_struct_conf.pdbx_beg_PDB_ins_code 
_struct_conf.end_label_comp_id 
_struct_conf.end_label_asym_id 
_struct_conf.end_label_seq_id 
_struct_conf.pdbx_end_PDB_ins_code 
_struct_conf.beg_auth_comp_id 
_struct_conf.beg_auth_asym_id 
_struct_conf.beg_auth_seq_id 
_struct_conf.end_auth_comp_id 
_struct_conf.end_auth_asym_id 
_struct_conf.end_auth_seq_id 
_struct_conf.pdbx_PDB_helix_class 
_struct_conf.details 
_struct_conf.pdbx_PDB_helix_length 
HELX_P HELX_P1 AA1 ASP A 7   ? THR A 11  ? ASP A 27  THR A 31  5 ? 5 
HELX_P HELX_P2 AA2 ASN A 61  ? GLN A 69  ? ASN A 81  GLN A 89  1 ? 9 
HELX_P HELX_P3 AA3 SER A 142 ? LYS A 145 ? SER A 162 LYS A 165 5 ? 4 
# 
_struct_conf_type.id          HELX_P 
_struct_conf_type.criteria    ? 
_struct_conf_type.reference   ? 
# 
_struct_conn.id                            metalc1 
_struct_conn.conn_type_id                  metalc 
_struct_conn.pdbx_leaving_atom_flag        ? 
_struct_conn.pdbx_PDB_id                   ? 
_struct_conn.ptnr1_label_asym_id           A 
_struct_conn.ptnr1_label_comp_id           CYS 
_struct_conn.ptnr1_label_seq_id            28 
_struct_conn.ptnr1_label_atom_id           SG 
_struct_conn.pdbx_ptnr1_label_alt_id       ? 
_struct_conn.pdbx_ptnr1_PDB_ins_code       ? 
_struct_conn.pdbx_ptnr1_standard_comp_id   ? 
_struct_conn.ptnr1_symmetry                1_555 
_struct_conn.ptnr2_label_asym_id           E 
_struct_conn.ptnr2_label_comp_id           MBO 
_struct_conn.ptnr2_label_seq_id            . 
_struct_conn.ptnr2_label_atom_id           HG 
_struct_conn.pdbx_ptnr2_label_alt_id       ? 
_struct_conn.pdbx_ptnr2_PDB_ins_code       ? 
_struct_conn.ptnr1_auth_asym_id            A 
_struct_conn.ptnr1_auth_comp_id            CYS 
_struct_conn.ptnr1_auth_seq_id             48 
_struct_conn.ptnr2_auth_asym_id            A 
_struct_conn.ptnr2_auth_comp_id            MBO 
_struct_conn.ptnr2_auth_seq_id             304 
_struct_conn.ptnr2_symmetry                1_555 
_struct_conn.pdbx_ptnr3_label_atom_id      ? 
_struct_conn.pdbx_ptnr3_label_seq_id       ? 
_struct_conn.pdbx_ptnr3_label_comp_id      ? 
_struct_conn.pdbx_ptnr3_label_asym_id      ? 
_struct_conn.pdbx_ptnr3_label_alt_id       ? 
_struct_conn.pdbx_ptnr3_PDB_ins_code       ? 
_struct_conn.details                       ? 
_struct_conn.pdbx_dist_value               2.356 
_struct_conn.pdbx_value_order              ? 
_struct_conn.pdbx_role                     ? 
# 
_struct_conn_type.id          metalc 
_struct_conn_type.criteria    ? 
_struct_conn_type.reference   ? 
# 
loop_
_struct_sheet.id 
_struct_sheet.type 
_struct_sheet.number_strands 
_struct_sheet.details 
AA1 ? 2 ? 
AA2 ? 7 ? 
# 
loop_
_struct_sheet_order.sheet_id 
_struct_sheet_order.range_id_1 
_struct_sheet_order.range_id_2 
_struct_sheet_order.offset 
_struct_sheet_order.sense 
AA1 1 2 ? anti-parallel 
AA2 1 2 ? anti-parallel 
AA2 2 3 ? anti-parallel 
AA2 3 4 ? anti-parallel 
AA2 4 5 ? anti-parallel 
AA2 5 6 ? anti-parallel 
AA2 6 7 ? anti-parallel 
# 
loop_
_struct_sheet_range.sheet_id 
_struct_sheet_range.id 
_struct_sheet_range.beg_label_comp_id 
_struct_sheet_range.beg_label_asym_id 
_struct_sheet_range.beg_label_seq_id 
_struct_sheet_range.pdbx_beg_PDB_ins_code 
_struct_sheet_range.end_label_comp_id 
_struct_sheet_range.end_label_asym_id 
_struct_sheet_range.end_label_seq_id 
_struct_sheet_range.pdbx_end_PDB_ins_code 
_struct_sheet_range.beg_auth_comp_id 
_struct_sheet_range.beg_auth_asym_id 
_struct_sheet_range.beg_auth_seq_id 
_struct_sheet_range.end_auth_comp_id 
_struct_sheet_range.end_auth_asym_id 
_struct_sheet_range.end_auth_seq_id 
AA1 1 CYS A 28  ? PHE A 29  ? CYS A 48  PHE A 49  
AA1 2 VAL A 57  ? ASN A 58  ? VAL A 77  ASN A 78  
AA2 1 TYR A 32  ? PHE A 38  ? TYR A 52  PHE A 58  
AA2 2 PHE A 45  ? LYS A 53  ? PHE A 65  LYS A 73  
AA2 3 ASP A 81  ? ASP A 93  ? ASP A 101 ASP A 113 
AA2 4 LYS A 96  ? ILE A 105 ? LYS A 116 ILE A 125 
AA2 5 VAL A 108 ? LYS A 123 ? VAL A 128 LYS A 143 
AA2 6 GLU A 129 ? LYS A 140 ? GLU A 149 LYS A 160 
AA2 7 ASP A 158 ? ASN A 168 ? ASP A 178 ASN A 188 
# 
loop_
_pdbx_struct_sheet_hbond.sheet_id 
_pdbx_struct_sheet_hbond.range_id_1 
_pdbx_struct_sheet_hbond.range_id_2 
_pdbx_struct_sheet_hbond.range_1_label_atom_id 
_pdbx_struct_sheet_hbond.range_1_label_comp_id 
_pdbx_struct_sheet_hbond.range_1_label_asym_id 
_pdbx_struct_sheet_hbond.range_1_label_seq_id 
_pdbx_struct_sheet_hbond.range_1_PDB_ins_code 
_pdbx_struct_sheet_hbond.range_1_auth_atom_id 
_pdbx_struct_sheet_hbond.range_1_auth_comp_id 
_pdbx_struct_sheet_hbond.range_1_auth_asym_id 
_pdbx_struct_sheet_hbond.range_1_auth_seq_id 
_pdbx_struct_sheet_hbond.range_2_label_atom_id 
_pdbx_struct_sheet_hbond.range_2_label_comp_id 
_pdbx_struct_sheet_hbond.range_2_label_asym_id 
_pdbx_struct_sheet_hbond.range_2_label_seq_id 
_pdbx_struct_sheet_hbond.range_2_PDB_ins_code 
_pdbx_struct_sheet_hbond.range_2_auth_atom_id 
_pdbx_struct_sheet_hbond.range_2_auth_comp_id 
_pdbx_struct_sheet_hbond.range_2_auth_asym_id 
_pdbx_struct_sheet_hbond.range_2_auth_seq_id 
AA1 1 2 N CYS A 28  ? N CYS A 48  O ASN A 58  ? O ASN A 78  
AA2 1 2 N ASP A 37  ? N ASP A 57  O LYS A 46  ? O LYS A 66  
AA2 2 3 N ILE A 52  ? N ILE A 72  O MET A 82  ? O MET A 102 
AA2 3 4 N LYS A 87  ? N LYS A 107 O THR A 100 ? O THR A 120 
AA2 4 5 N LEU A 103 ? N LEU A 123 O LYS A 110 ? O LYS A 130 
AA2 5 6 N ASP A 115 ? N ASP A 135 O ASN A 136 ? O ASN A 156 
AA2 6 7 N LEU A 135 ? N LEU A 155 O ILE A 163 ? O ILE A 183 
# 
loop_
_struct_site.id 
_struct_site.pdbx_evidence_code 
_struct_site.pdbx_auth_asym_id 
_struct_site.pdbx_auth_comp_id 
_struct_site.pdbx_auth_seq_id 
_struct_site.pdbx_auth_ins_code 
_struct_site.pdbx_num_residues 
_struct_site.details 
AC1 Software A SO4 302 ? 2 'binding site for residue SO4 A 302' 
AC2 Software A SO4 303 ? 7 'binding site for residue SO4 A 303' 
AC3 Software A MBO 304 ? 4 'binding site for residue MBO A 304' 
# 
loop_
_struct_site_gen.id 
_struct_site_gen.site_id 
_struct_site_gen.pdbx_num_res 
_struct_site_gen.label_comp_id 
_struct_site_gen.label_asym_id 
_struct_site_gen.label_seq_id 
_struct_site_gen.pdbx_auth_ins_code 
_struct_site_gen.auth_comp_id 
_struct_site_gen.auth_asym_id 
_struct_site_gen.auth_seq_id 
_struct_site_gen.label_atom_id 
_struct_site_gen.label_alt_id 
_struct_site_gen.symmetry 
_struct_site_gen.details 
1  AC1 2 LYS A 110 ? LYS A 130 . ? 1_555 ? 
2  AC1 2 ASP A 111 ? ASP A 131 . ? 1_555 ? 
3  AC2 7 SER A 149 ? SER A 169 . ? 4_545 ? 
4  AC2 7 THR A 150 ? THR A 170 . ? 4_545 ? 
5  AC2 7 THR A 150 ? THR A 170 . ? 1_555 ? 
6  AC2 7 SER A 151 ? SER A 171 . ? 1_555 ? 
7  AC2 7 SER A 151 ? SER A 171 . ? 4_545 ? 
8  AC2 7 THR A 154 ? THR A 174 . ? 4_545 ? 
9  AC2 7 THR A 154 ? THR A 174 . ? 1_555 ? 
10 AC3 4 LYS A 26  ? LYS A 46  . ? 1_555 ? 
11 AC3 4 CYS A 28  ? CYS A 48  . ? 1_555 ? 
12 AC3 4 ASN A 58  ? ASN A 78  . ? 1_555 ? 
13 AC3 4 GLU A 60  ? GLU A 80  . ? 1_555 ? 
# 
_atom_sites.entry_id                    5W31 
_atom_sites.fract_transf_matrix[1][1]   0.00452344 
_atom_sites.fract_transf_matrix[1][2]   -0.00152853 
_atom_sites.fract_transf_matrix[1][3]   -0.00434858 
_atom_sites.fract_transf_matrix[2][1]   0.00616630 
_atom_sites.fract_transf_matrix[2][2]   -0.00058959 
_atom_sites.fract_transf_matrix[2][3]   0.00182616 
_atom_sites.fract_transf_matrix[3][1]   -0.00291782 
_atom_sites.fract_transf_matrix[3][2]   -0.01911097 
_atom_sites.fract_transf_matrix[3][3]   0.00368236 
_atom_sites.fract_transf_vector[1]      -0.118517 
_atom_sites.fract_transf_vector[2]      -0.500828 
_atom_sites.fract_transf_vector[3]      0.322223 
# 
loop_
_atom_type.symbol 
C  
HG 
N  
O  
S  
# 
loop_
_atom_site.group_PDB 
_atom_site.id 
_atom_site.type_symbol 
_atom_site.label_atom_id 
_atom_site.label_alt_id 
_atom_site.label_comp_id 
_atom_site.label_asym_id 
_atom_site.label_entity_id 
_atom_site.label_seq_id 
_atom_site.pdbx_PDB_ins_code 
_atom_site.Cartn_x 
_atom_site.Cartn_y 
_atom_site.Cartn_z 
_atom_site.occupancy 
_atom_site.B_iso_or_equiv 
_atom_site.pdbx_formal_charge 
_atom_site.auth_seq_id 
_atom_site.auth_comp_id 
_atom_site.auth_asym_id 
_atom_site.auth_atom_id 
_atom_site.pdbx_PDB_model_num 
ATOM   1    N  N   . MET A 1 1   ? 44.308  -36.688 -38.526 1.00 92.86  ? 21  MET A N   1 
ATOM   2    C  CA  . MET A 1 1   ? 43.334  -36.904 -37.422 1.00 90.26  ? 21  MET A CA  1 
ATOM   3    C  C   . MET A 1 1   ? 44.075  -37.200 -36.107 1.00 80.37  ? 21  MET A C   1 
ATOM   4    O  O   . MET A 1 1   ? 45.172  -37.700 -36.099 1.00 77.01  ? 21  MET A O   1 
ATOM   5    C  CB  . MET A 1 1   ? 42.317  -37.983 -37.831 1.00 92.48  ? 21  MET A CB  1 
ATOM   6    C  CG  . MET A 1 1   ? 41.160  -38.197 -36.872 1.00 109.03 ? 21  MET A CG  1 
ATOM   7    S  SD  . MET A 1 1   ? 41.599  -39.314 -35.511 1.00 138.48 ? 21  MET A SD  1 
ATOM   8    C  CE  . MET A 1 1   ? 41.401  -40.939 -36.276 1.00 119.43 ? 21  MET A CE  1 
ATOM   9    N  N   . LYS A 1 2   ? 43.469  -36.852 -34.993 1.00 78.32  ? 22  LYS A N   1 
ATOM   10   C  CA  . LYS A 1 2   ? 44.079  -37.041 -33.692 1.00 82.31  ? 22  LYS A CA  1 
ATOM   11   C  C   . LYS A 1 2   ? 42.945  -37.203 -32.687 1.00 88.06  ? 22  LYS A C   1 
ATOM   12   O  O   . LYS A 1 2   ? 41.817  -36.772 -32.936 1.00 110.20 ? 22  LYS A O   1 
ATOM   13   C  CB  . LYS A 1 2   ? 44.991  -35.859 -33.335 1.00 78.46  ? 22  LYS A CB  1 
ATOM   14   C  CG  . LYS A 1 2   ? 46.453  -36.190 -33.427 1.00 90.20  ? 22  LYS A CG  1 
ATOM   15   C  CD  . LYS A 1 2   ? 47.236  -35.160 -34.230 1.00 104.57 ? 22  LYS A CD  1 
ATOM   16   C  CE  . LYS A 1 2   ? 48.704  -35.069 -33.790 1.00 107.61 ? 22  LYS A CE  1 
ATOM   17   N  NZ  . LYS A 1 2   ? 49.465  -36.358 -33.857 1.00 96.14  ? 22  LYS A NZ  1 
ATOM   18   N  N   . GLU A 1 3   ? 43.244  -37.826 -31.558 1.00 81.69  ? 23  GLU A N   1 
ATOM   19   C  CA  . GLU A 1 3   ? 42.229  -38.170 -30.586 1.00 80.18  ? 23  GLU A CA  1 
ATOM   20   C  C   . GLU A 1 3   ? 42.536  -37.397 -29.335 1.00 77.74  ? 23  GLU A C   1 
ATOM   21   O  O   . GLU A 1 3   ? 43.701  -37.282 -28.940 1.00 76.96  ? 23  GLU A O   1 
ATOM   22   C  CB  . GLU A 1 3   ? 42.223  -39.669 -30.300 1.00 86.37  ? 23  GLU A CB  1 
ATOM   23   C  CG  . GLU A 1 3   ? 42.072  -40.546 -31.540 1.00 99.42  ? 23  GLU A CG  1 
ATOM   24   C  CD  . GLU A 1 3   ? 42.003  -42.036 -31.218 1.00 108.07 ? 23  GLU A CD  1 
ATOM   25   O  OE1 . GLU A 1 3   ? 42.348  -42.851 -32.106 1.00 105.40 ? 23  GLU A OE1 1 
ATOM   26   O  OE2 . GLU A 1 3   ? 41.594  -42.392 -30.086 1.00 112.38 ? 23  GLU A OE2 1 
ATOM   27   N  N   . TYR A 1 4   ? 41.489  -36.843 -28.723 1.00 71.57  ? 24  TYR A N   1 
ATOM   28   C  CA  . TYR A 1 4   ? 41.678  -36.010 -27.543 1.00 71.59  ? 24  TYR A CA  1 
ATOM   29   C  C   . TYR A 1 4   ? 40.867  -36.550 -26.378 1.00 67.99  ? 24  TYR A C   1 
ATOM   30   O  O   . TYR A 1 4   ? 40.009  -37.408 -26.573 1.00 64.30  ? 24  TYR A O   1 
ATOM   31   C  CB  . TYR A 1 4   ? 41.325  -34.554 -27.853 1.00 72.29  ? 24  TYR A CB  1 
ATOM   32   C  CG  . TYR A 1 4   ? 42.184  -33.904 -28.931 1.00 67.82  ? 24  TYR A CG  1 
ATOM   33   C  CD1 . TYR A 1 4   ? 42.083  -34.292 -30.310 1.00 58.48  ? 24  TYR A CD1 1 
ATOM   34   C  CD2 . TYR A 1 4   ? 43.069  -32.864 -28.587 1.00 63.63  ? 24  TYR A CD2 1 
ATOM   35   C  CE1 . TYR A 1 4   ? 42.863  -33.684 -31.292 1.00 59.21  ? 24  TYR A CE1 1 
ATOM   36   C  CE2 . TYR A 1 4   ? 43.848  -32.242 -29.568 1.00 69.45  ? 24  TYR A CE2 1 
ATOM   37   C  CZ  . TYR A 1 4   ? 43.750  -32.650 -30.908 1.00 66.73  ? 24  TYR A CZ  1 
ATOM   38   O  OH  . TYR A 1 4   ? 44.545  -31.999 -31.832 1.00 72.43  ? 24  TYR A OH  1 
ATOM   39   N  N   . THR A 1 5   ? 41.165  -36.064 -25.180 1.00 61.79  ? 25  THR A N   1 
ATOM   40   C  CA  . THR A 1 5   ? 40.481  -36.485 -23.982 1.00 77.36  ? 25  THR A CA  1 
ATOM   41   C  C   . THR A 1 5   ? 40.141  -35.193 -23.302 1.00 78.14  ? 25  THR A C   1 
ATOM   42   O  O   . THR A 1 5   ? 41.036  -34.375 -23.069 1.00 83.10  ? 25  THR A O   1 
ATOM   43   C  CB  . THR A 1 5   ? 41.403  -37.347 -23.053 1.00 82.85  ? 25  THR A CB  1 
ATOM   44   O  OG1 . THR A 1 5   ? 41.708  -38.592 -23.693 1.00 85.84  ? 25  THR A OG1 1 
ATOM   45   C  CG2 . THR A 1 5   ? 40.748  -37.644 -21.665 1.00 79.74  ? 25  THR A CG2 1 
ATOM   46   N  N   . LEU A 1 6   ? 38.871  -35.006 -22.958 1.00 75.67  ? 26  LEU A N   1 
ATOM   47   C  CA  . LEU A 1 6   ? 38.472  -33.792 -22.218 1.00 81.51  ? 26  LEU A CA  1 
ATOM   48   C  C   . LEU A 1 6   ? 39.327  -33.576 -20.986 1.00 78.57  ? 26  LEU A C   1 
ATOM   49   O  O   . LEU A 1 6   ? 39.813  -34.539 -20.402 1.00 95.72  ? 26  LEU A O   1 
ATOM   50   C  CB  . LEU A 1 6   ? 37.014  -33.859 -21.780 1.00 74.66  ? 26  LEU A CB  1 
ATOM   51   C  CG  . LEU A 1 6   ? 36.007  -33.807 -22.905 1.00 76.43  ? 26  LEU A CG  1 
ATOM   52   C  CD1 . LEU A 1 6   ? 35.362  -35.172 -23.054 1.00 86.34  ? 26  LEU A CD1 1 
ATOM   53   C  CD2 . LEU A 1 6   ? 34.994  -32.767 -22.506 1.00 79.21  ? 26  LEU A CD2 1 
ATOM   54   N  N   . ASP A 1 7   ? 39.539  -32.320 -20.622 1.00 75.43  ? 27  ASP A N   1 
ATOM   55   C  CA  . ASP A 1 7   ? 40.079  -31.991 -19.317 1.00 78.13  ? 27  ASP A CA  1 
ATOM   56   C  C   . ASP A 1 7   ? 38.889  -31.418 -18.569 1.00 79.31  ? 27  ASP A C   1 
ATOM   57   O  O   . ASP A 1 7   ? 38.625  -30.211 -18.614 1.00 85.12  ? 27  ASP A O   1 
ATOM   58   C  CB  . ASP A 1 7   ? 41.298  -31.039 -19.413 1.00 81.32  ? 27  ASP A CB  1 
ATOM   59   C  CG  . ASP A 1 7   ? 41.607  -30.280 -18.087 1.00 95.81  ? 27  ASP A CG  1 
ATOM   60   O  OD1 . ASP A 1 7   ? 41.181  -30.720 -16.986 1.00 99.59  ? 27  ASP A OD1 1 
ATOM   61   O  OD2 . ASP A 1 7   ? 42.288  -29.219 -18.155 1.00 93.46  ? 27  ASP A OD2 1 
ATOM   62   N  N   . LYS A 1 8   ? 38.167  -32.311 -17.890 1.00 83.65  ? 28  LYS A N   1 
ATOM   63   C  CA  . LYS A 1 8   ? 36.933  -31.979 -17.154 1.00 76.29  ? 28  LYS A CA  1 
ATOM   64   C  C   . LYS A 1 8   ? 37.078  -30.751 -16.236 1.00 77.43  ? 28  LYS A C   1 
ATOM   65   O  O   . LYS A 1 8   ? 36.087  -30.056 -15.967 1.00 81.89  ? 28  LYS A O   1 
ATOM   66   C  CB  . LYS A 1 8   ? 36.395  -33.196 -16.375 1.00 74.82  ? 28  LYS A CB  1 
ATOM   67   C  CG  . LYS A 1 8   ? 36.102  -34.453 -17.205 1.00 78.85  ? 28  LYS A CG  1 
ATOM   68   C  CD  . LYS A 1 8   ? 34.658  -34.901 -16.996 1.00 89.80  ? 28  LYS A CD  1 
ATOM   69   C  CE  . LYS A 1 8   ? 34.474  -36.381 -16.667 1.00 92.71  ? 28  LYS A CE  1 
ATOM   70   N  NZ  . LYS A 1 8   ? 34.724  -37.258 -17.839 1.00 91.86  ? 28  LYS A NZ  1 
ATOM   71   N  N   . ALA A 1 9   ? 38.310  -30.474 -15.799 1.00 74.21  ? 29  ALA A N   1 
ATOM   72   C  CA  . ALA A 1 9   ? 38.608  -29.353 -14.901 1.00 77.22  ? 29  ALA A CA  1 
ATOM   73   C  C   . ALA A 1 9   ? 38.449  -27.982 -15.565 1.00 79.71  ? 29  ALA A C   1 
ATOM   74   O  O   . ALA A 1 9   ? 38.097  -27.015 -14.907 1.00 79.08  ? 29  ALA A O   1 
ATOM   75   C  CB  . ALA A 1 9   ? 40.014  -29.506 -14.339 1.00 73.12  ? 29  ALA A CB  1 
ATOM   76   N  N   . HIS A 1 10  ? 38.728  -27.904 -16.865 1.00 87.53  ? 30  HIS A N   1 
ATOM   77   C  CA  . HIS A 1 10  ? 38.653  -26.644 -17.627 1.00 96.22  ? 30  HIS A CA  1 
ATOM   78   C  C   . HIS A 1 10  ? 37.649  -26.775 -18.782 1.00 94.24  ? 30  HIS A C   1 
ATOM   79   O  O   . HIS A 1 10  ? 37.797  -26.141 -19.844 1.00 92.56  ? 30  HIS A O   1 
ATOM   80   C  CB  . HIS A 1 10  ? 40.045  -26.242 -18.150 1.00 106.89 ? 30  HIS A CB  1 
ATOM   81   C  CG  . HIS A 1 10  ? 41.062  -26.020 -17.073 1.00 113.56 ? 30  HIS A CG  1 
ATOM   82   N  ND1 . HIS A 1 10  ? 42.032  -26.953 -16.759 1.00 105.31 ? 30  HIS A ND1 1 
ATOM   83   C  CD2 . HIS A 1 10  ? 41.259  -24.972 -16.237 1.00 111.63 ? 30  HIS A CD2 1 
ATOM   84   C  CE1 . HIS A 1 10  ? 42.782  -26.489 -15.777 1.00 114.59 ? 30  HIS A CE1 1 
ATOM   85   N  NE2 . HIS A 1 10  ? 42.335  -25.289 -15.443 1.00 124.48 ? 30  HIS A NE2 1 
ATOM   86   N  N   . THR A 1 11  ? 36.657  -27.642 -18.563 1.00 86.81  ? 31  THR A N   1 
ATOM   87   C  CA  . THR A 1 11  ? 35.512  -27.855 -19.448 1.00 71.66  ? 31  THR A CA  1 
ATOM   88   C  C   . THR A 1 11  ? 34.227  -27.550 -18.665 1.00 75.39  ? 31  THR A C   1 
ATOM   89   O  O   . THR A 1 11  ? 34.135  -27.823 -17.460 1.00 81.87  ? 31  THR A O   1 
ATOM   90   C  CB  . THR A 1 11  ? 35.522  -29.280 -20.052 1.00 66.37  ? 31  THR A CB  1 
ATOM   91   O  OG1 . THR A 1 11  ? 36.647  -29.411 -20.930 1.00 65.92  ? 31  THR A OG1 1 
ATOM   92   C  CG2 . THR A 1 11  ? 34.272  -29.577 -20.858 1.00 64.50  ? 31  THR A CG2 1 
ATOM   93   N  N   . ASP A 1 12  ? 33.272  -26.931 -19.355 1.00 75.34  ? 32  ASP A N   1 
ATOM   94   C  CA  . ASP A 1 12  ? 31.978  -26.586 -18.808 1.00 75.86  ? 32  ASP A CA  1 
ATOM   95   C  C   . ASP A 1 12  ? 30.914  -26.996 -19.864 1.00 73.05  ? 32  ASP A C   1 
ATOM   96   O  O   . ASP A 1 12  ? 30.877  -26.413 -20.957 1.00 69.31  ? 32  ASP A O   1 
ATOM   97   C  CB  . ASP A 1 12  ? 31.962  -25.082 -18.458 1.00 77.56  ? 32  ASP A CB  1 
ATOM   98   C  CG  . ASP A 1 12  ? 30.564  -24.579 -18.031 1.00 104.30 ? 32  ASP A CG  1 
ATOM   99   O  OD1 . ASP A 1 12  ? 30.230  -24.690 -16.827 1.00 111.32 ? 32  ASP A OD1 1 
ATOM   100  O  OD2 . ASP A 1 12  ? 29.795  -24.064 -18.892 1.00 105.74 ? 32  ASP A OD2 1 
ATOM   101  N  N   . VAL A 1 13  ? 30.098  -28.016 -19.558 1.00 66.41  ? 33  VAL A N   1 
ATOM   102  C  CA  . VAL A 1 13  ? 29.033  -28.469 -20.467 1.00 62.49  ? 33  VAL A CA  1 
ATOM   103  C  C   . VAL A 1 13  ? 27.774  -27.724 -20.041 1.00 69.30  ? 33  VAL A C   1 
ATOM   104  O  O   . VAL A 1 13  ? 26.985  -28.216 -19.236 1.00 79.85  ? 33  VAL A O   1 
ATOM   105  C  CB  . VAL A 1 13  ? 28.905  -30.020 -20.476 1.00 61.87  ? 33  VAL A CB  1 
ATOM   106  C  CG1 . VAL A 1 13  ? 27.788  -30.511 -21.380 1.00 50.34  ? 33  VAL A CG1 1 
ATOM   107  C  CG2 . VAL A 1 13  ? 30.211  -30.652 -20.937 1.00 59.99  ? 33  VAL A CG2 1 
ATOM   108  N  N   . GLY A 1 14  ? 27.617  -26.508 -20.572 1.00 74.12  ? 34  GLY A N   1 
ATOM   109  C  CA  . GLY A 1 14  ? 26.685  -25.508 -20.017 1.00 66.61  ? 34  GLY A CA  1 
ATOM   110  C  C   . GLY A 1 14  ? 25.439  -25.210 -20.828 1.00 69.54  ? 34  GLY A C   1 
ATOM   111  O  O   . GLY A 1 14  ? 25.365  -25.532 -22.014 1.00 70.86  ? 34  GLY A O   1 
ATOM   112  N  N   . PHE A 1 15  ? 24.457  -24.584 -20.173 1.00 69.25  ? 35  PHE A N   1 
ATOM   113  C  CA  . PHE A 1 15  ? 23.180  -24.180 -20.788 1.00 63.49  ? 35  PHE A CA  1 
ATOM   114  C  C   . PHE A 1 15  ? 22.562  -22.988 -20.054 1.00 64.20  ? 35  PHE A C   1 
ATOM   115  O  O   . PHE A 1 15  ? 22.852  -22.772 -18.879 1.00 64.61  ? 35  PHE A O   1 
ATOM   116  C  CB  . PHE A 1 15  ? 22.189  -25.345 -20.828 1.00 62.26  ? 35  PHE A CB  1 
ATOM   117  C  CG  . PHE A 1 15  ? 21.719  -25.790 -19.473 1.00 73.40  ? 35  PHE A CG  1 
ATOM   118  C  CD1 . PHE A 1 15  ? 22.429  -26.745 -18.753 1.00 75.98  ? 35  PHE A CD1 1 
ATOM   119  C  CD2 . PHE A 1 15  ? 20.553  -25.259 -18.913 1.00 77.81  ? 35  PHE A CD2 1 
ATOM   120  C  CE1 . PHE A 1 15  ? 21.997  -27.154 -17.501 1.00 76.27  ? 35  PHE A CE1 1 
ATOM   121  C  CE2 . PHE A 1 15  ? 20.121  -25.666 -17.666 1.00 75.52  ? 35  PHE A CE2 1 
ATOM   122  C  CZ  . PHE A 1 15  ? 20.845  -26.610 -16.959 1.00 74.66  ? 35  PHE A CZ  1 
ATOM   123  N  N   . LYS A 1 16  ? 21.711  -22.231 -20.753 1.00 62.76  ? 36  LYS A N   1 
ATOM   124  C  CA  . LYS A 1 16  ? 20.992  -21.086 -20.193 1.00 61.33  ? 36  LYS A CA  1 
ATOM   125  C  C   . LYS A 1 16  ? 19.583  -21.124 -20.682 1.00 57.32  ? 36  LYS A C   1 
ATOM   126  O  O   . LYS A 1 16  ? 19.325  -21.359 -21.879 1.00 57.03  ? 36  LYS A O   1 
ATOM   127  C  CB  . LYS A 1 16  ? 21.604  -19.747 -20.601 1.00 68.42  ? 36  LYS A CB  1 
ATOM   128  C  CG  . LYS A 1 16  ? 22.656  -19.236 -19.643 1.00 77.80  ? 36  LYS A CG  1 
ATOM   129  C  CD  . LYS A 1 16  ? 23.166  -17.863 -20.068 1.00 96.58  ? 36  LYS A CD  1 
ATOM   130  C  CE  . LYS A 1 16  ? 24.483  -17.488 -19.376 1.00 105.99 ? 36  LYS A CE  1 
ATOM   131  N  NZ  . LYS A 1 16  ? 24.917  -16.097 -19.709 1.00 107.65 ? 36  LYS A NZ  1 
ATOM   132  N  N   . ILE A 1 17  ? 18.665  -20.893 -19.755 1.00 53.32  ? 37  ILE A N   1 
ATOM   133  C  CA  . ILE A 1 17  ? 17.244  -20.853 -20.099 1.00 56.40  ? 37  ILE A CA  1 
ATOM   134  C  C   . ILE A 1 17  ? 16.508  -19.810 -19.254 1.00 61.95  ? 37  ILE A C   1 
ATOM   135  O  O   . ILE A 1 17  ? 16.780  -19.638 -18.037 1.00 61.84  ? 37  ILE A O   1 
ATOM   136  C  CB  . ILE A 1 17  ? 16.590  -22.253 -19.995 1.00 54.82  ? 37  ILE A CB  1 
ATOM   137  C  CG1 . ILE A 1 17  ? 15.157  -22.219 -20.497 1.00 50.63  ? 37  ILE A CG1 1 
ATOM   138  C  CG2 . ILE A 1 17  ? 16.733  -22.844 -18.582 1.00 53.79  ? 37  ILE A CG2 1 
ATOM   139  C  CD1 . ILE A 1 17  ? 14.534  -23.573 -20.521 1.00 51.52  ? 37  ILE A CD1 1 
ATOM   140  N  N   . LYS A 1 18  ? 15.580  -19.131 -19.917 1.00 62.73  ? 38  LYS A N   1 
ATOM   141  C  CA  . LYS A 1 18  ? 14.893  -18.004 -19.327 1.00 69.72  ? 38  LYS A CA  1 
ATOM   142  C  C   . LYS A 1 18  ? 13.589  -18.484 -18.699 1.00 72.69  ? 38  LYS A C   1 
ATOM   143  O  O   . LYS A 1 18  ? 12.771  -19.146 -19.383 1.00 72.66  ? 38  LYS A O   1 
ATOM   144  C  CB  . LYS A 1 18  ? 14.573  -16.966 -20.416 1.00 77.22  ? 38  LYS A CB  1 
ATOM   145  C  CG  . LYS A 1 18  ? 15.659  -15.972 -20.818 1.00 77.51  ? 38  LYS A CG  1 
ATOM   146  C  CD  . LYS A 1 18  ? 15.328  -15.535 -22.252 1.00 98.27  ? 38  LYS A CD  1 
ATOM   147  C  CE  . LYS A 1 18  ? 15.693  -14.084 -22.569 1.00 110.80 ? 38  LYS A CE  1 
ATOM   148  N  NZ  . LYS A 1 18  ? 17.144  -13.910 -22.866 1.00 114.05 ? 38  LYS A NZ  1 
ATOM   149  N  N   . HIS A 1 19  ? 13.388  -18.157 -17.415 1.00 67.90  ? 39  HIS A N   1 
ATOM   150  C  CA  . HIS A 1 19  ? 12.037  -18.241 -16.825 1.00 74.92  ? 39  HIS A CA  1 
ATOM   151  C  C   . HIS A 1 19  ? 11.546  -16.996 -16.081 1.00 77.09  ? 39  HIS A C   1 
ATOM   152  O  O   . HIS A 1 19  ? 12.346  -16.194 -15.581 1.00 75.12  ? 39  HIS A O   1 
ATOM   153  C  CB  . HIS A 1 19  ? 11.845  -19.493 -15.947 1.00 77.09  ? 39  HIS A CB  1 
ATOM   154  C  CG  . HIS A 1 19  ? 12.379  -19.361 -14.546 1.00 81.27  ? 39  HIS A CG  1 
ATOM   155  N  ND1 . HIS A 1 19  ? 13.551  -18.687 -14.247 1.00 75.63  ? 39  HIS A ND1 1 
ATOM   156  C  CD2 . HIS A 1 19  ? 11.921  -19.859 -13.367 1.00 87.21  ? 39  HIS A CD2 1 
ATOM   157  C  CE1 . HIS A 1 19  ? 13.776  -18.748 -12.941 1.00 79.19  ? 39  HIS A CE1 1 
ATOM   158  N  NE2 . HIS A 1 19  ? 12.809  -19.463 -12.387 1.00 93.96  ? 39  HIS A NE2 1 
ATOM   159  N  N   . LEU A 1 20  ? 10.216  -16.892 -16.017 1.00 74.31  ? 40  LEU A N   1 
ATOM   160  C  CA  . LEU A 1 20  ? 9.493   -15.893 -15.265 1.00 69.76  ? 40  LEU A CA  1 
ATOM   161  C  C   . LEU A 1 20  ? 9.331   -16.308 -13.827 1.00 71.37  ? 40  LEU A C   1 
ATOM   162  O  O   . LEU A 1 20  ? 9.212   -17.486 -13.547 1.00 91.91  ? 40  LEU A O   1 
ATOM   163  C  CB  . LEU A 1 20  ? 8.119   -15.720 -15.883 1.00 62.83  ? 40  LEU A CB  1 
ATOM   164  C  CG  . LEU A 1 20  ? 8.156   -15.086 -17.268 1.00 67.70  ? 40  LEU A CG  1 
ATOM   165  C  CD1 . LEU A 1 20  ? 6.748   -14.767 -17.749 1.00 57.93  ? 40  LEU A CD1 1 
ATOM   166  C  CD2 . LEU A 1 20  ? 9.037   -13.835 -17.262 1.00 72.19  ? 40  LEU A CD2 1 
ATOM   167  N  N   . GLN A 1 21  ? 9.349   -15.334 -12.923 1.00 76.75  ? 41  GLN A N   1 
ATOM   168  C  CA  . GLN A 1 21  ? 8.962   -15.517 -11.517 1.00 76.79  ? 41  GLN A CA  1 
ATOM   169  C  C   . GLN A 1 21  ? 8.082   -14.369 -11.023 1.00 79.57  ? 41  GLN A C   1 
ATOM   170  O  O   . GLN A 1 21  ? 8.424   -13.195 -11.166 1.00 87.35  ? 41  GLN A O   1 
ATOM   171  C  CB  . GLN A 1 21  ? 10.180  -15.645 -10.627 1.00 72.14  ? 41  GLN A CB  1 
ATOM   172  C  CG  . GLN A 1 21  ? 11.085  -16.799 -11.011 1.00 83.03  ? 41  GLN A CG  1 
ATOM   173  C  CD  . GLN A 1 21  ? 12.149  -17.078 -9.966  1.00 97.33  ? 41  GLN A CD  1 
ATOM   174  O  OE1 . GLN A 1 21  ? 13.122  -16.327 -9.837  1.00 93.45  ? 41  GLN A OE1 1 
ATOM   175  N  NE2 . GLN A 1 21  ? 11.974  -18.170 -9.216  1.00 104.36 ? 41  GLN A NE2 1 
ATOM   176  N  N   . ILE A 1 22  ? 6.932   -14.730 -10.467 1.00 83.99  ? 42  ILE A N   1 
ATOM   177  C  CA  . ILE A 1 22  ? 6.011   -13.802 -9.802  1.00 75.35  ? 42  ILE A CA  1 
ATOM   178  C  C   . ILE A 1 22  ? 6.533   -13.553 -8.395  1.00 73.05  ? 42  ILE A C   1 
ATOM   179  O  O   . ILE A 1 22  ? 7.080   -14.458 -7.772  1.00 78.68  ? 42  ILE A O   1 
ATOM   180  C  CB  . ILE A 1 22  ? 4.584   -14.383 -9.778  1.00 70.90  ? 42  ILE A CB  1 
ATOM   181  C  CG1 . ILE A 1 22  ? 3.530   -13.290 -9.534  1.00 72.65  ? 42  ILE A CG1 1 
ATOM   182  C  CG2 . ILE A 1 22  ? 4.499   -15.563 -8.806  1.00 74.63  ? 42  ILE A CG2 1 
ATOM   183  C  CD1 . ILE A 1 22  ? 2.158   -13.556 -10.168 1.00 64.87  ? 42  ILE A CD1 1 
ATOM   184  N  N   . SER A 1 23  ? 6.437   -12.309 -7.938  1.00 83.68  ? 43  SER A N   1 
ATOM   185  C  CA  . SER A 1 23  ? 6.802   -11.925 -6.559  1.00 84.67  ? 43  SER A CA  1 
ATOM   186  C  C   . SER A 1 23  ? 5.980   -10.705 -6.117  1.00 90.11  ? 43  SER A C   1 
ATOM   187  O  O   . SER A 1 23  ? 5.515   -9.904  -6.952  1.00 83.76  ? 43  SER A O   1 
ATOM   188  C  CB  . SER A 1 23  ? 8.310   -11.673 -6.396  1.00 72.14  ? 43  SER A CB  1 
ATOM   189  O  OG  . SER A 1 23  ? 8.686   -10.447 -7.002  1.00 87.16  ? 43  SER A OG  1 
ATOM   190  N  N   . ASN A 1 24  ? 5.783   -10.607 -4.803  1.00 95.13  ? 44  ASN A N   1 
ATOM   191  C  CA  . ASN A 1 24  ? 5.095   -9.486  -4.177  1.00 89.26  ? 44  ASN A CA  1 
ATOM   192  C  C   . ASN A 1 24  ? 6.072   -8.397  -3.864  1.00 81.28  ? 44  ASN A C   1 
ATOM   193  O  O   . ASN A 1 24  ? 6.995   -8.632  -3.071  1.00 84.97  ? 44  ASN A O   1 
ATOM   194  C  CB  . ASN A 1 24  ? 4.493   -9.926  -2.842  1.00 96.03  ? 44  ASN A CB  1 
ATOM   195  C  CG  . ASN A 1 24  ? 3.059   -10.367 -2.962  1.00 105.65 ? 44  ASN A CG  1 
ATOM   196  O  OD1 . ASN A 1 24  ? 2.306   -9.898  -3.824  1.00 106.87 ? 44  ASN A OD1 1 
ATOM   197  N  ND2 . ASN A 1 24  ? 2.664   -11.276 -2.080  1.00 120.35 ? 44  ASN A ND2 1 
ATOM   198  N  N   . VAL A 1 25  ? 5.877   -7.214  -4.452  1.00 71.85  ? 45  VAL A N   1 
ATOM   199  C  CA  . VAL A 1 25  ? 6.471   -6.004  -3.863  1.00 76.52  ? 45  VAL A CA  1 
ATOM   200  C  C   . VAL A 1 25  ? 5.641   -5.526  -2.650  1.00 73.82  ? 45  VAL A C   1 
ATOM   201  O  O   . VAL A 1 25  ? 4.453   -5.179  -2.818  1.00 73.02  ? 45  VAL A O   1 
ATOM   202  C  CB  . VAL A 1 25  ? 6.590   -4.846  -4.853  1.00 77.47  ? 45  VAL A CB  1 
ATOM   203  C  CG1 . VAL A 1 25  ? 7.524   -3.792  -4.271  1.00 78.40  ? 45  VAL A CG1 1 
ATOM   204  C  CG2 . VAL A 1 25  ? 7.121   -5.330  -6.176  1.00 73.10  ? 45  VAL A CG2 1 
ATOM   205  N  N   . LYS A 1 26  ? 6.258   -5.557  -1.455  1.00 65.39  ? 46  LYS A N   1 
ATOM   206  C  CA  . LYS A 1 26  ? 5.709   -4.960  -0.206  1.00 71.03  ? 46  LYS A CA  1 
ATOM   207  C  C   . LYS A 1 26  ? 6.280   -3.541  -0.064  1.00 79.86  ? 46  LYS A C   1 
ATOM   208  O  O   . LYS A 1 26  ? 7.403   -3.267  -0.515  1.00 90.61  ? 46  LYS A O   1 
ATOM   209  C  CB  . LYS A 1 26  ? 5.994   -5.807  1.069   1.00 57.82  ? 46  LYS A CB  1 
ATOM   210  N  N   . GLY A 1 27  ? 5.490   -2.643  0.524   1.00 81.60  ? 47  GLY A N   1 
ATOM   211  C  CA  . GLY A 1 27  ? 5.844   -1.242  0.644   1.00 75.86  ? 47  GLY A CA  1 
ATOM   212  C  C   . GLY A 1 27  ? 5.015   -0.545  1.689   1.00 78.86  ? 47  GLY A C   1 
ATOM   213  O  O   . GLY A 1 27  ? 3.913   -0.996  2.012   1.00 88.84  ? 47  GLY A O   1 
ATOM   214  N  N   . CYS A 1 28  ? 5.568   0.531   2.248   1.00 79.49  ? 48  CYS A N   1 
ATOM   215  C  CA  . CYS A 1 28  ? 4.809   1.499   3.070   1.00 78.57  ? 48  CYS A CA  1 
ATOM   216  C  C   . CYS A 1 28  ? 5.219   2.910   2.725   1.00 78.74  ? 48  CYS A C   1 
ATOM   217  O  O   . CYS A 1 28  ? 6.109   3.145   1.888   1.00 80.74  ? 48  CYS A O   1 
ATOM   218  C  CB  . CYS A 1 28  ? 5.016   1.295   4.572   1.00 73.39  ? 48  CYS A CB  1 
ATOM   219  S  SG  . CYS A 1 28  ? 6.743   1.382   5.115   1.00 85.04  ? 48  CYS A SG  1 
ATOM   220  N  N   . PHE A 1 29  ? 4.564   3.855   3.376   1.00 70.34  ? 49  PHE A N   1 
ATOM   221  C  CA  . PHE A 1 29  ? 5.013   5.216   3.309   1.00 68.96  ? 49  PHE A CA  1 
ATOM   222  C  C   . PHE A 1 29  ? 5.420   5.626   4.703   1.00 75.89  ? 49  PHE A C   1 
ATOM   223  O  O   . PHE A 1 29  ? 4.630   5.482   5.659   1.00 74.01  ? 49  PHE A O   1 
ATOM   224  C  CB  . PHE A 1 29  ? 3.926   6.095   2.755   1.00 64.72  ? 49  PHE A CB  1 
ATOM   225  C  CG  . PHE A 1 29  ? 3.541   5.750   1.355   1.00 67.92  ? 49  PHE A CG  1 
ATOM   226  C  CD1 . PHE A 1 29  ? 2.591   4.758   1.096   1.00 64.94  ? 49  PHE A CD1 1 
ATOM   227  C  CD2 . PHE A 1 29  ? 4.122   6.415   0.281   1.00 64.70  ? 49  PHE A CD2 1 
ATOM   228  C  CE1 . PHE A 1 29  ? 2.223   4.445   -0.208  1.00 63.98  ? 49  PHE A CE1 1 
ATOM   229  C  CE2 . PHE A 1 29  ? 3.754   6.096   -1.024  1.00 64.83  ? 49  PHE A CE2 1 
ATOM   230  C  CZ  . PHE A 1 29  ? 2.808   5.111   -1.268  1.00 64.15  ? 49  PHE A CZ  1 
ATOM   231  N  N   . LYS A 1 30  ? 6.672   6.090   4.807   1.00 80.39  ? 50  LYS A N   1 
ATOM   232  C  CA  . LYS A 1 30  ? 7.281   6.450   6.080   1.00 82.98  ? 50  LYS A CA  1 
ATOM   233  C  C   . LYS A 1 30  ? 6.682   7.775   6.643   1.00 86.04  ? 50  LYS A C   1 
ATOM   234  O  O   . LYS A 1 30  ? 6.640   7.960   7.861   1.00 85.15  ? 50  LYS A O   1 
ATOM   235  C  CB  . LYS A 1 30  ? 8.820   6.423   5.981   1.00 72.31  ? 50  LYS A CB  1 
ATOM   236  N  N   . ASP A 1 31  ? 6.138   8.640   5.777   1.00 79.79  ? 51  ASP A N   1 
ATOM   237  C  CA  . ASP A 1 31  ? 5.601   9.935   6.219   1.00 84.39  ? 51  ASP A CA  1 
ATOM   238  C  C   . ASP A 1 31  ? 4.215   10.361  5.670   1.00 77.38  ? 51  ASP A C   1 
ATOM   239  O  O   . ASP A 1 31  ? 4.019   10.505  4.456   1.00 80.64  ? 51  ASP A O   1 
ATOM   240  C  CB  . ASP A 1 31  ? 6.646   11.025  5.941   1.00 106.88 ? 51  ASP A CB  1 
ATOM   241  C  CG  . ASP A 1 31  ? 6.230   12.380  6.452   1.00 114.73 ? 51  ASP A CG  1 
ATOM   242  O  OD1 . ASP A 1 31  ? 5.748   12.472  7.618   1.00 119.90 ? 51  ASP A OD1 1 
ATOM   243  O  OD2 . ASP A 1 31  ? 6.390   13.340  5.668   1.00 114.90 ? 51  ASP A OD2 1 
ATOM   244  N  N   . TYR A 1 32  ? 3.294   10.623  6.595   1.00 66.23  ? 52  TYR A N   1 
ATOM   245  C  CA  . TYR A 1 32  ? 1.857   10.790  6.321   1.00 63.25  ? 52  TYR A CA  1 
ATOM   246  C  C   . TYR A 1 32  ? 1.253   11.489  7.530   1.00 66.95  ? 52  TYR A C   1 
ATOM   247  O  O   . TYR A 1 32  ? 1.820   11.441  8.626   1.00 68.53  ? 52  TYR A O   1 
ATOM   248  C  CB  . TYR A 1 32  ? 1.157   9.407   6.178   1.00 67.46  ? 52  TYR A CB  1 
ATOM   249  C  CG  . TYR A 1 32  ? 1.478   8.428   7.333   1.00 63.45  ? 52  TYR A CG  1 
ATOM   250  C  CD1 . TYR A 1 32  ? 2.664   7.684   7.321   1.00 64.77  ? 52  TYR A CD1 1 
ATOM   251  C  CD2 . TYR A 1 32  ? 0.623   8.274   8.437   1.00 60.59  ? 52  TYR A CD2 1 
ATOM   252  C  CE1 . TYR A 1 32  ? 3.005   6.825   8.357   1.00 69.72  ? 52  TYR A CE1 1 
ATOM   253  C  CE2 . TYR A 1 32  ? 0.962   7.414   9.488   1.00 63.14  ? 52  TYR A CE2 1 
ATOM   254  C  CZ  . TYR A 1 32  ? 2.160   6.691   9.439   1.00 68.50  ? 52  TYR A CZ  1 
ATOM   255  O  OH  . TYR A 1 32  ? 2.562   5.819   10.439  1.00 74.05  ? 52  TYR A OH  1 
ATOM   256  N  N   . SER A 1 33  ? 0.101   12.115  7.355   1.00 70.03  ? 53  SER A N   1 
ATOM   257  C  CA  . SER A 1 33  ? -0.671  12.590  8.500   1.00 79.18  ? 53  SER A CA  1 
ATOM   258  C  C   . SER A 1 33  ? -2.109  12.056  8.428   1.00 84.79  ? 53  SER A C   1 
ATOM   259  O  O   . SER A 1 33  ? -2.601  11.696  7.345   1.00 89.40  ? 53  SER A O   1 
ATOM   260  C  CB  . SER A 1 33  ? -0.682  14.123  8.544   1.00 80.06  ? 53  SER A CB  1 
ATOM   261  O  OG  . SER A 1 33  ? -1.827  14.653  7.881   1.00 85.67  ? 53  SER A OG  1 
ATOM   262  N  N   . ALA A 1 34  ? -2.791  12.027  9.570   1.00 80.96  ? 54  ALA A N   1 
ATOM   263  C  CA  . ALA A 1 34  ? -4.204  11.692  9.575   1.00 74.34  ? 54  ALA A CA  1 
ATOM   264  C  C   . ALA A 1 34  ? -4.949  12.336  10.706  1.00 67.08  ? 54  ALA A C   1 
ATOM   265  O  O   . ALA A 1 34  ? -4.392  12.551  11.781  1.00 69.04  ? 54  ALA A O   1 
ATOM   266  C  CB  . ALA A 1 34  ? -4.400  10.182  9.636   1.00 76.90  ? 54  ALA A CB  1 
ATOM   267  N  N   . VAL A 1 35  ? -6.222  12.586  10.432  1.00 65.56  ? 55  VAL A N   1 
ATOM   268  C  CA  . VAL A 1 35  ? -7.248  13.002  11.383  1.00 69.43  ? 55  VAL A CA  1 
ATOM   269  C  C   . VAL A 1 35  ? -8.194  11.813  11.582  1.00 68.59  ? 55  VAL A C   1 
ATOM   270  O  O   . VAL A 1 35  ? -8.837  11.348  10.640  1.00 69.71  ? 55  VAL A O   1 
ATOM   271  C  CB  . VAL A 1 35  ? -8.037  14.215  10.818  1.00 74.53  ? 55  VAL A CB  1 
ATOM   272  C  CG1 . VAL A 1 35  ? -9.234  14.598  11.682  1.00 69.52  ? 55  VAL A CG1 1 
ATOM   273  C  CG2 . VAL A 1 35  ? -7.110  15.404  10.602  1.00 79.24  ? 55  VAL A CG2 1 
ATOM   274  N  N   . ILE A 1 36  ? -8.263  11.331  12.815  1.00 70.52  ? 56  ILE A N   1 
ATOM   275  C  CA  . ILE A 1 36  ? -9.095  10.190  13.206  1.00 68.13  ? 56  ILE A CA  1 
ATOM   276  C  C   . ILE A 1 36  ? -10.178 10.513  14.287  1.00 69.14  ? 56  ILE A C   1 
ATOM   277  O  O   . ILE A 1 36  ? -9.851  10.769  15.454  1.00 69.42  ? 56  ILE A O   1 
ATOM   278  C  CB  . ILE A 1 36  ? -8.186  9.052   13.692  1.00 65.32  ? 56  ILE A CB  1 
ATOM   279  C  CG1 . ILE A 1 36  ? -7.023  8.848   12.719  1.00 60.39  ? 56  ILE A CG1 1 
ATOM   280  C  CG2 . ILE A 1 36  ? -9.006  7.785   13.882  1.00 70.74  ? 56  ILE A CG2 1 
ATOM   281  C  CD1 . ILE A 1 36  ? -5.977  7.842   13.180  1.00 66.41  ? 56  ILE A CD1 1 
ATOM   282  N  N   . ASP A 1 37  ? -11.452 10.506  13.891  1.00 71.56  ? 57  ASP A N   1 
ATOM   283  C  CA  . ASP A 1 37  ? -12.584 10.607  14.835  1.00 73.10  ? 57  ASP A CA  1 
ATOM   284  C  C   . ASP A 1 37  ? -13.344 9.295   14.955  1.00 78.36  ? 57  ASP A C   1 
ATOM   285  O  O   . ASP A 1 37  ? -13.955 8.823   13.970  1.00 85.47  ? 57  ASP A O   1 
ATOM   286  C  CB  . ASP A 1 37  ? -13.589 11.671  14.408  1.00 68.57  ? 57  ASP A CB  1 
ATOM   287  C  CG  . ASP A 1 37  ? -13.040 13.102  14.508  1.00 81.21  ? 57  ASP A CG  1 
ATOM   288  O  OD1 . ASP A 1 37  ? -11.886 13.320  15.005  1.00 72.58  ? 57  ASP A OD1 1 
ATOM   289  O  OD2 . ASP A 1 37  ? -13.807 14.013  14.067  1.00 72.20  ? 57  ASP A OD2 1 
ATOM   290  N  N   . PHE A 1 38  ? -13.344 8.739   16.165  1.00 71.03  ? 58  PHE A N   1 
ATOM   291  C  CA  . PHE A 1 38  ? -13.937 7.432   16.432  1.00 75.43  ? 58  PHE A CA  1 
ATOM   292  C  C   . PHE A 1 38  ? -14.695 7.387   17.760  1.00 74.32  ? 58  PHE A C   1 
ATOM   293  O  O   . PHE A 1 38  ? -14.170 7.814   18.779  1.00 76.74  ? 58  PHE A O   1 
ATOM   294  C  CB  . PHE A 1 38  ? -12.814 6.385   16.426  1.00 76.62  ? 58  PHE A CB  1 
ATOM   295  C  CG  . PHE A 1 38  ? -13.277 4.985   16.662  1.00 75.82  ? 58  PHE A CG  1 
ATOM   296  C  CD1 . PHE A 1 38  ? -13.920 4.266   15.646  1.00 70.64  ? 58  PHE A CD1 1 
ATOM   297  C  CD2 . PHE A 1 38  ? -13.055 4.365   17.905  1.00 78.40  ? 58  PHE A CD2 1 
ATOM   298  C  CE1 . PHE A 1 38  ? -14.340 2.953   15.881  1.00 78.84  ? 58  PHE A CE1 1 
ATOM   299  C  CE2 . PHE A 1 38  ? -13.476 3.053   18.141  1.00 74.34  ? 58  PHE A CE2 1 
ATOM   300  C  CZ  . PHE A 1 38  ? -14.123 2.349   17.129  1.00 72.60  ? 58  PHE A CZ  1 
ATOM   301  N  N   . ASP A 1 39  ? -15.895 6.810   17.740  1.00 70.83  ? 59  ASP A N   1 
ATOM   302  C  CA  . ASP A 1 39  ? -16.791 6.712   18.912  1.00 67.62  ? 59  ASP A CA  1 
ATOM   303  C  C   . ASP A 1 39  ? -16.818 5.325   19.544  1.00 72.17  ? 59  ASP A C   1 
ATOM   304  O  O   . ASP A 1 39  ? -17.614 4.463   19.104  1.00 71.74  ? 59  ASP A O   1 
ATOM   305  C  CB  . ASP A 1 39  ? -18.232 7.097   18.526  1.00 66.35  ? 59  ASP A CB  1 
ATOM   306  C  CG  . ASP A 1 39  ? -19.175 7.133   19.709  1.00 69.08  ? 59  ASP A CG  1 
ATOM   307  O  OD1 . ASP A 1 39  ? -18.736 7.304   20.877  1.00 71.59  ? 59  ASP A OD1 1 
ATOM   308  O  OD2 . ASP A 1 39  ? -20.382 6.996   19.456  1.00 77.81  ? 59  ASP A OD2 1 
ATOM   309  N  N   . PRO A 1 40  ? -16.023 5.118   20.619  1.00 69.37  ? 60  PRO A N   1 
ATOM   310  C  CA  . PRO A 1 40  ? -15.936 3.793   21.242  1.00 65.62  ? 60  PRO A CA  1 
ATOM   311  C  C   . PRO A 1 40  ? -17.242 3.313   21.859  1.00 60.59  ? 60  PRO A C   1 
ATOM   312  O  O   . PRO A 1 40  ? -17.426 2.125   22.054  1.00 67.59  ? 60  PRO A O   1 
ATOM   313  C  CB  . PRO A 1 40  ? -14.866 3.975   22.311  1.00 66.56  ? 60  PRO A CB  1 
ATOM   314  C  CG  . PRO A 1 40  ? -14.204 5.276   21.983  1.00 64.59  ? 60  PRO A CG  1 
ATOM   315  C  CD  . PRO A 1 40  ? -15.305 6.107   21.424  1.00 64.86  ? 60  PRO A CD  1 
ATOM   316  N  N   . ALA A 1 41  ? -18.176 4.212   22.123  1.00 61.68  ? 61  ALA A N   1 
ATOM   317  C  CA  . ALA A 1 41  ? -19.508 3.768   22.550  1.00 68.14  ? 61  ALA A CA  1 
ATOM   318  C  C   . ALA A 1 41  ? -20.197 2.894   21.505  1.00 70.00  ? 61  ALA A C   1 
ATOM   319  O  O   . ALA A 1 41  ? -20.933 1.976   21.848  1.00 71.70  ? 61  ALA A O   1 
ATOM   320  C  CB  . ALA A 1 41  ? -20.406 4.947   22.915  1.00 70.21  ? 61  ALA A CB  1 
ATOM   321  N  N   . SER A 1 42  ? -19.974 3.206   20.232  1.00 75.94  ? 62  SER A N   1 
ATOM   322  C  CA  . SER A 1 42  ? -20.724 2.561   19.169  1.00 70.35  ? 62  SER A CA  1 
ATOM   323  C  C   . SER A 1 42  ? -19.828 1.846   18.166  1.00 65.51  ? 62  SER A C   1 
ATOM   324  O  O   . SER A 1 42  ? -20.328 1.183   17.280  1.00 69.89  ? 62  SER A O   1 
ATOM   325  C  CB  . SER A 1 42  ? -21.676 3.549   18.495  1.00 58.76  ? 62  SER A CB  1 
ATOM   326  O  OG  . SER A 1 42  ? -20.933 4.605   17.927  1.00 67.49  ? 62  SER A OG  1 
ATOM   327  N  N   . ALA A 1 43  ? -18.512 1.938   18.342  1.00 68.73  ? 63  ALA A N   1 
ATOM   328  C  CA  . ALA A 1 43  ? -17.526 1.416   17.363  1.00 69.75  ? 63  ALA A CA  1 
ATOM   329  C  C   . ALA A 1 43  ? -17.831 1.851   15.906  1.00 65.72  ? 63  ALA A C   1 
ATOM   330  O  O   . ALA A 1 43  ? -17.995 1.024   14.999  1.00 78.36  ? 63  ALA A O   1 
ATOM   331  C  CB  . ALA A 1 43  ? -17.366 -0.096  17.495  1.00 67.59  ? 63  ALA A CB  1 
ATOM   332  N  N   . GLU A 1 44  ? -17.959 3.166   15.742  1.00 60.66  ? 64  GLU A N   1 
ATOM   333  C  CA  . GLU A 1 44  ? -18.148 3.845   14.478  1.00 62.29  ? 64  GLU A CA  1 
ATOM   334  C  C   . GLU A 1 44  ? -17.079 4.894   14.249  1.00 66.98  ? 64  GLU A C   1 
ATOM   335  O  O   . GLU A 1 44  ? -16.696 5.619   15.179  1.00 65.10  ? 64  GLU A O   1 
ATOM   336  C  CB  . GLU A 1 44  ? -19.501 4.493   14.450  1.00 58.43  ? 64  GLU A CB  1 
ATOM   337  C  CG  . GLU A 1 44  ? -20.557 3.419   14.473  1.00 69.81  ? 64  GLU A CG  1 
ATOM   338  C  CD  . GLU A 1 44  ? -21.938 3.958   14.282  1.00 82.99  ? 64  GLU A CD  1 
ATOM   339  O  OE1 . GLU A 1 44  ? -22.202 5.091   14.737  1.00 98.41  ? 64  GLU A OE1 1 
ATOM   340  O  OE2 . GLU A 1 44  ? -22.759 3.240   13.687  1.00 87.64  ? 64  GLU A OE2 1 
ATOM   341  N  N   . PHE A 1 45  ? -16.568 4.941   13.014  1.00 66.67  ? 65  PHE A N   1 
ATOM   342  C  CA  . PHE A 1 45  ? -15.682 6.018   12.610  1.00 59.01  ? 65  PHE A CA  1 
ATOM   343  C  C   . PHE A 1 45  ? -16.552 7.181   12.155  1.00 62.21  ? 65  PHE A C   1 
ATOM   344  O  O   . PHE A 1 45  ? -17.676 6.988   11.608  1.00 56.16  ? 65  PHE A O   1 
ATOM   345  C  CB  . PHE A 1 45  ? -14.753 5.561   11.530  1.00 52.41  ? 65  PHE A CB  1 
ATOM   346  C  CG  . PHE A 1 45  ? -13.635 4.659   12.009  1.00 50.63  ? 65  PHE A CG  1 
ATOM   347  C  CD1 . PHE A 1 45  ? -13.796 3.279   12.048  1.00 53.30  ? 65  PHE A CD1 1 
ATOM   348  C  CD2 . PHE A 1 45  ? -12.392 5.181   12.345  1.00 47.63  ? 65  PHE A CD2 1 
ATOM   349  C  CE1 . PHE A 1 45  ? -12.743 2.435   12.448  1.00 56.85  ? 65  PHE A CE1 1 
ATOM   350  C  CE2 . PHE A 1 45  ? -11.327 4.357   12.748  1.00 51.98  ? 65  PHE A CE2 1 
ATOM   351  C  CZ  . PHE A 1 45  ? -11.499 2.974   12.796  1.00 55.76  ? 65  PHE A CZ  1 
ATOM   352  N  N   . LYS A 1 46  ? -16.070 8.392   12.441  1.00 65.64  ? 66  LYS A N   1 
ATOM   353  C  CA  . LYS A 1 46  ? -16.856 9.622   12.150  1.00 71.39  ? 66  LYS A CA  1 
ATOM   354  C  C   . LYS A 1 46  ? -16.172 10.448  11.070  1.00 66.75  ? 66  LYS A C   1 
ATOM   355  O  O   . LYS A 1 46  ? -16.836 11.037  10.208  1.00 57.80  ? 66  LYS A O   1 
ATOM   356  C  CB  . LYS A 1 46  ? -17.102 10.465  13.424  1.00 84.61  ? 66  LYS A CB  1 
ATOM   357  C  CG  . LYS A 1 46  ? -17.891 9.780   14.556  1.00 90.30  ? 66  LYS A CG  1 
ATOM   358  C  CD  . LYS A 1 46  ? -19.378 9.684   14.220  1.00 94.34  ? 66  LYS A CD  1 
ATOM   359  C  CE  . LYS A 1 46  ? -20.127 8.822   15.217  1.00 102.14 ? 66  LYS A CE  1 
ATOM   360  N  NZ  . LYS A 1 46  ? -21.595 8.814   14.949  1.00 98.54  ? 66  LYS A NZ  1 
ATOM   361  N  N   . LYS A 1 47  ? -14.839 10.442  11.113  1.00 60.52  ? 67  LYS A N   1 
ATOM   362  C  CA  . LYS A 1 47  ? -14.013 11.149  10.173  1.00 61.34  ? 67  LYS A CA  1 
ATOM   363  C  C   . LYS A 1 47  ? -12.678 10.394  10.122  1.00 65.64  ? 67  LYS A C   1 
ATOM   364  O  O   . LYS A 1 47  ? -12.108 10.020  11.159  1.00 63.76  ? 67  LYS A O   1 
ATOM   365  C  CB  . LYS A 1 47  ? -13.825 12.571  10.696  1.00 65.55  ? 67  LYS A CB  1 
ATOM   366  C  CG  . LYS A 1 47  ? -13.287 13.638  9.763   1.00 75.89  ? 67  LYS A CG  1 
ATOM   367  C  CD  . LYS A 1 47  ? -12.880 14.860  10.590  1.00 80.01  ? 67  LYS A CD  1 
ATOM   368  C  CE  . LYS A 1 47  ? -12.331 16.012  9.756   1.00 99.43  ? 67  LYS A CE  1 
ATOM   369  N  NZ  . LYS A 1 47  ? -13.364 16.711  8.925   1.00 106.13 ? 67  LYS A NZ  1 
ATOM   370  N  N   . LEU A 1 48  ? -12.202 10.141  8.907   1.00 70.55  ? 68  LEU A N   1 
ATOM   371  C  CA  . LEU A 1 48  ? -10.850 9.629   8.695   1.00 70.35  ? 68  LEU A CA  1 
ATOM   372  C  C   . LEU A 1 48  ? -10.330 10.217  7.393   1.00 71.20  ? 68  LEU A C   1 
ATOM   373  O  O   . LEU A 1 48  ? -10.826 9.897   6.309   1.00 74.18  ? 68  LEU A O   1 
ATOM   374  C  CB  . LEU A 1 48  ? -10.814 8.106   8.663   1.00 64.90  ? 68  LEU A CB  1 
ATOM   375  C  CG  . LEU A 1 48  ? -9.394  7.616   8.521   1.00 66.24  ? 68  LEU A CG  1 
ATOM   376  C  CD1 . LEU A 1 48  ? -8.868  7.370   9.906   1.00 80.76  ? 68  LEU A CD1 1 
ATOM   377  C  CD2 . LEU A 1 48  ? -9.427  6.309   7.798   1.00 72.95  ? 68  LEU A CD2 1 
ATOM   378  N  N   . ASP A 1 49  ? -9.352  11.103  7.539   1.00 71.65  ? 69  ASP A N   1 
ATOM   379  C  CA  . ASP A 1 49  ? -8.741  11.847  6.441   1.00 63.68  ? 69  ASP A CA  1 
ATOM   380  C  C   . ASP A 1 49  ? -7.248  11.618  6.539   1.00 61.45  ? 69  ASP A C   1 
ATOM   381  O  O   . ASP A 1 49  ? -6.652  11.913  7.564   1.00 65.21  ? 69  ASP A O   1 
ATOM   382  C  CB  . ASP A 1 49  ? -9.087  13.340  6.525   1.00 62.33  ? 69  ASP A CB  1 
ATOM   383  C  CG  . ASP A 1 49  ? -10.610 13.633  6.308   1.00 76.70  ? 69  ASP A CG  1 
ATOM   384  O  OD1 . ASP A 1 49  ? -11.314 12.860  5.624   1.00 80.21  ? 69  ASP A OD1 1 
ATOM   385  O  OD2 . ASP A 1 49  ? -11.127 14.659  6.815   1.00 75.76  ? 69  ASP A OD2 1 
ATOM   386  N  N   . VAL A 1 50  ? -6.660  11.020  5.507   1.00 62.27  ? 70  VAL A N   1 
ATOM   387  C  CA  . VAL A 1 50  ? -5.212  10.719  5.492   1.00 66.29  ? 70  VAL A CA  1 
ATOM   388  C  C   . VAL A 1 50  ? -4.549  11.465  4.313   1.00 68.79  ? 70  VAL A C   1 
ATOM   389  O  O   . VAL A 1 50  ? -5.161  11.604  3.244   1.00 68.16  ? 70  VAL A O   1 
ATOM   390  C  CB  . VAL A 1 50  ? -4.929  9.192   5.456   1.00 62.34  ? 70  VAL A CB  1 
ATOM   391  C  CG1 . VAL A 1 50  ? -3.451  8.884   5.521   1.00 59.57  ? 70  VAL A CG1 1 
ATOM   392  C  CG2 . VAL A 1 50  ? -5.581  8.506   6.626   1.00 71.56  ? 70  VAL A CG2 1 
ATOM   393  N  N   . THR A 1 51  ? -3.330  11.976  4.539   1.00 62.35  ? 71  THR A N   1 
ATOM   394  C  CA  . THR A 1 51  ? -2.477  12.565  3.499   1.00 63.09  ? 71  THR A CA  1 
ATOM   395  C  C   . THR A 1 51  ? -1.147  11.871  3.603   1.00 62.65  ? 71  THR A C   1 
ATOM   396  O  O   . THR A 1 51  ? -0.579  11.775  4.700   1.00 60.51  ? 71  THR A O   1 
ATOM   397  C  CB  . THR A 1 51  ? -2.283  14.089  3.684   1.00 65.68  ? 71  THR A CB  1 
ATOM   398  O  OG1 . THR A 1 51  ? -3.486  14.749  3.304   1.00 74.10  ? 71  THR A OG1 1 
ATOM   399  C  CG2 . THR A 1 51  ? -1.182  14.644  2.792   1.00 61.39  ? 71  THR A CG2 1 
ATOM   400  N  N   . ILE A 1 52  ? -0.656  11.400  2.459   1.00 63.04  ? 72  ILE A N   1 
ATOM   401  C  CA  . ILE A 1 52  ? 0.558   10.602  2.414   1.00 66.28  ? 72  ILE A CA  1 
ATOM   402  C  C   . ILE A 1 52  ? 1.544   11.295  1.510   1.00 68.13  ? 72  ILE A C   1 
ATOM   403  O  O   . ILE A 1 52  ? 1.174   11.674  0.386   1.00 61.80  ? 72  ILE A O   1 
ATOM   404  C  CB  . ILE A 1 52  ? 0.265   9.212   1.835   1.00 67.48  ? 72  ILE A CB  1 
ATOM   405  C  CG1 . ILE A 1 52  ? -0.621  8.419   2.784   1.00 70.52  ? 72  ILE A CG1 1 
ATOM   406  C  CG2 . ILE A 1 52  ? 1.550   8.438   1.637   1.00 63.69  ? 72  ILE A CG2 1 
ATOM   407  C  CD1 . ILE A 1 52  ? -1.518  7.470   2.039   1.00 73.83  ? 72  ILE A CD1 1 
ATOM   408  N  N   . LYS A 1 53  ? 2.790   11.428  1.979   1.00 67.30  ? 73  LYS A N   1 
ATOM   409  C  CA  . LYS A 1 53  ? 3.860   12.013  1.151   1.00 71.31  ? 73  LYS A CA  1 
ATOM   410  C  C   . LYS A 1 53  ? 4.498   10.927  0.289   1.00 69.21  ? 73  LYS A C   1 
ATOM   411  O  O   . LYS A 1 53  ? 5.244   10.058  0.778   1.00 64.13  ? 73  LYS A O   1 
ATOM   412  C  CB  . LYS A 1 53  ? 4.890   12.829  1.964   1.00 70.08  ? 73  LYS A CB  1 
ATOM   413  C  CG  . LYS A 1 53  ? 4.270   13.980  2.750   1.00 84.09  ? 73  LYS A CG  1 
ATOM   414  C  CD  . LYS A 1 53  ? 5.155   15.221  2.875   1.00 98.85  ? 73  LYS A CD  1 
ATOM   415  C  CE  . LYS A 1 53  ? 4.311   16.498  3.038   1.00 105.95 ? 73  LYS A CE  1 
ATOM   416  N  NZ  . LYS A 1 53  ? 3.339   16.757  1.914   1.00 87.30  ? 73  LYS A NZ  1 
ATOM   417  N  N   . ILE A 1 54  ? 4.166   10.984  -1.000  1.00 67.51  ? 74  ILE A N   1 
ATOM   418  C  CA  . ILE A 1 54  ? 4.669   10.044  -2.000  1.00 65.13  ? 74  ILE A CA  1 
ATOM   419  C  C   . ILE A 1 54  ? 6.200   9.900   -1.912  1.00 72.69  ? 74  ILE A C   1 
ATOM   420  O  O   . ILE A 1 54  ? 6.737   8.793   -2.010  1.00 78.06  ? 74  ILE A O   1 
ATOM   421  C  CB  . ILE A 1 54  ? 4.190   10.458  -3.416  1.00 65.16  ? 74  ILE A CB  1 
ATOM   422  C  CG1 . ILE A 1 54  ? 2.689   10.230  -3.584  1.00 64.97  ? 74  ILE A CG1 1 
ATOM   423  C  CG2 . ILE A 1 54  ? 4.948   9.726   -4.508  1.00 70.82  ? 74  ILE A CG2 1 
ATOM   424  C  CD1 . ILE A 1 54  ? 2.200   8.882   -3.058  1.00 69.51  ? 74  ILE A CD1 1 
ATOM   425  N  N   . ALA A 1 55  ? 6.896   11.017  -1.689  1.00 79.17  ? 75  ALA A N   1 
ATOM   426  C  CA  . ALA A 1 55  ? 8.353   11.004  -1.492  1.00 78.53  ? 75  ALA A CA  1 
ATOM   427  C  C   . ALA A 1 55  ? 8.834   10.025  -0.401  1.00 81.29  ? 75  ALA A C   1 
ATOM   428  O  O   . ALA A 1 55  ? 10.001  9.650   -0.402  1.00 84.12  ? 75  ALA A O   1 
ATOM   429  C  CB  . ALA A 1 55  ? 8.876   12.412  -1.222  1.00 68.33  ? 75  ALA A CB  1 
ATOM   430  N  N   . SER A 1 56  ? 7.948   9.606   0.512   1.00 69.64  ? 76  SER A N   1 
ATOM   431  C  CA  . SER A 1 56  ? 8.388   8.820   1.659   1.00 68.50  ? 76  SER A CA  1 
ATOM   432  C  C   . SER A 1 56  ? 8.163   7.318   1.483   1.00 74.79  ? 76  SER A C   1 
ATOM   433  O  O   . SER A 1 56  ? 8.335   6.542   2.438   1.00 79.34  ? 76  SER A O   1 
ATOM   434  C  CB  . SER A 1 56  ? 7.797   9.345   2.981   1.00 74.27  ? 76  SER A CB  1 
ATOM   435  O  OG  . SER A 1 56  ? 6.402   9.100   3.116   1.00 71.08  ? 76  SER A OG  1 
ATOM   436  N  N   . VAL A 1 57  ? 7.808   6.921   0.259   1.00 65.79  ? 77  VAL A N   1 
ATOM   437  C  CA  . VAL A 1 57  ? 7.673   5.519   -0.115  1.00 69.78  ? 77  VAL A CA  1 
ATOM   438  C  C   . VAL A 1 57  ? 8.904   4.670   0.266   1.00 74.00  ? 77  VAL A C   1 
ATOM   439  O  O   . VAL A 1 57  ? 10.032  5.141   0.243   1.00 75.94  ? 77  VAL A O   1 
ATOM   440  C  CB  . VAL A 1 57  ? 7.309   5.391   -1.612  1.00 68.59  ? 77  VAL A CB  1 
ATOM   441  C  CG1 . VAL A 1 57  ? 8.509   5.663   -2.509  1.00 74.29  ? 77  VAL A CG1 1 
ATOM   442  C  CG2 . VAL A 1 57  ? 6.688   4.030   -1.920  1.00 68.95  ? 77  VAL A CG2 1 
ATOM   443  N  N   . ASN A 1 58  ? 8.673   3.421   0.642   1.00 81.61  ? 78  ASN A N   1 
ATOM   444  C  CA  . ASN A 1 58  ? 9.759   2.521   1.018   1.00 81.89  ? 78  ASN A CA  1 
ATOM   445  C  C   . ASN A 1 58  ? 9.414   1.090   0.582   1.00 78.22  ? 78  ASN A C   1 
ATOM   446  O  O   . ASN A 1 58  ? 8.456   0.483   1.061   1.00 73.26  ? 78  ASN A O   1 
ATOM   447  C  CB  . ASN A 1 58  ? 10.048  2.628   2.531   1.00 73.97  ? 78  ASN A CB  1 
ATOM   448  C  CG  . ASN A 1 58  ? 11.086  1.630   3.009   1.00 84.86  ? 78  ASN A CG  1 
ATOM   449  O  OD1 . ASN A 1 58  ? 11.846  1.042   2.217   1.00 95.26  ? 78  ASN A OD1 1 
ATOM   450  N  ND2 . ASN A 1 58  ? 11.124  1.420   4.322   1.00 84.36  ? 78  ASN A ND2 1 
ATOM   451  N  N   . THR A 1 59  ? 10.196  0.568   -0.348  1.00 79.39  ? 79  THR A N   1 
ATOM   452  C  CA  . THR A 1 59  ? 10.028  -0.808  -0.789  1.00 83.13  ? 79  THR A CA  1 
ATOM   453  C  C   . THR A 1 59  ? 11.344  -1.564  -0.617  1.00 89.57  ? 79  THR A C   1 
ATOM   454  O  O   . THR A 1 59  ? 11.707  -2.392  -1.463  1.00 95.95  ? 79  THR A O   1 
ATOM   455  C  CB  . THR A 1 59  ? 9.499   -0.889  -2.237  1.00 78.12  ? 79  THR A CB  1 
ATOM   456  O  OG1 . THR A 1 59  ? 10.322  -0.100  -3.097  1.00 80.46  ? 79  THR A OG1 1 
ATOM   457  C  CG2 . THR A 1 59  ? 8.103   -0.366  -2.334  1.00 76.76  ? 79  THR A CG2 1 
ATOM   458  N  N   . GLU A 1 60  ? 12.035  -1.262  0.492   1.00 92.97  ? 80  GLU A N   1 
ATOM   459  C  CA  . GLU A 1 60  ? 13.375  -1.779  0.839   1.00 104.24 ? 80  GLU A CA  1 
ATOM   460  C  C   . GLU A 1 60  ? 14.364  -1.851  -0.331  1.00 113.00 ? 80  GLU A C   1 
ATOM   461  O  O   . GLU A 1 60  ? 15.052  -2.862  -0.511  1.00 132.04 ? 80  GLU A O   1 
ATOM   462  C  CB  . GLU A 1 60  ? 13.295  -3.162  1.514   1.00 119.22 ? 80  GLU A CB  1 
ATOM   463  C  CG  . GLU A 1 60  ? 12.558  -3.274  2.845   1.00 129.88 ? 80  GLU A CG  1 
ATOM   464  C  CD  . GLU A 1 60  ? 12.983  -2.283  3.918   1.00 141.34 ? 80  GLU A CD  1 
ATOM   465  O  OE1 . GLU A 1 60  ? 13.784  -1.356  3.647   1.00 142.52 ? 80  GLU A OE1 1 
ATOM   466  O  OE2 . GLU A 1 60  ? 12.483  -2.434  5.057   1.00 150.48 ? 80  GLU A OE2 1 
ATOM   467  N  N   . ASN A 1 61  ? 14.427  -0.781  -1.125  1.00 110.54 ? 81  ASN A N   1 
ATOM   468  C  CA  . ASN A 1 61  ? 15.230  -0.736  -2.347  1.00 95.13  ? 81  ASN A CA  1 
ATOM   469  C  C   . ASN A 1 61  ? 15.251  0.725   -2.804  1.00 100.88 ? 81  ASN A C   1 
ATOM   470  O  O   . ASN A 1 61  ? 14.231  1.226   -3.317  1.00 109.21 ? 81  ASN A O   1 
ATOM   471  C  CB  . ASN A 1 61  ? 14.620  -1.702  -3.391  1.00 84.47  ? 81  ASN A CB  1 
ATOM   472  C  CG  . ASN A 1 61  ? 15.022  -1.398  -4.836  1.00 86.94  ? 81  ASN A CG  1 
ATOM   473  O  OD1 . ASN A 1 61  ? 15.453  -0.293  -5.187  1.00 91.88  ? 81  ASN A OD1 1 
ATOM   474  N  ND2 . ASN A 1 61  ? 14.831  -2.388  -5.701  1.00 74.83  ? 81  ASN A ND2 1 
ATOM   475  N  N   . GLN A 1 62  ? 16.395  1.404   -2.618  1.00 97.58  ? 82  GLN A N   1 
ATOM   476  C  CA  . GLN A 1 62  ? 16.484  2.853   -2.928  1.00 98.31  ? 82  GLN A CA  1 
ATOM   477  C  C   . GLN A 1 62  ? 16.289  3.202   -4.430  1.00 94.59  ? 82  GLN A C   1 
ATOM   478  O  O   . GLN A 1 62  ? 15.669  4.215   -4.738  1.00 93.19  ? 82  GLN A O   1 
ATOM   479  C  CB  . GLN A 1 62  ? 17.681  3.578   -2.264  1.00 81.40  ? 82  GLN A CB  1 
ATOM   480  N  N   . THR A 1 63  ? 16.762  2.366   -5.356  1.00 92.05  ? 83  THR A N   1 
ATOM   481  C  CA  . THR A 1 63  ? 16.603  2.716   -6.788  1.00 105.45 ? 83  THR A CA  1 
ATOM   482  C  C   . THR A 1 63  ? 15.155  2.592   -7.307  1.00 98.28  ? 83  THR A C   1 
ATOM   483  O  O   . THR A 1 63  ? 14.754  3.345   -8.210  1.00 99.10  ? 83  THR A O   1 
ATOM   484  C  CB  . THR A 1 63  ? 17.662  2.085   -7.765  1.00 109.41 ? 83  THR A CB  1 
ATOM   485  O  OG1 . THR A 1 63  ? 17.908  0.708   -7.425  1.00 129.38 ? 83  THR A OG1 1 
ATOM   486  C  CG2 . THR A 1 63  ? 19.012  2.891   -7.762  1.00 108.69 ? 83  THR A CG2 1 
ATOM   487  N  N   . ARG A 1 64  ? 14.372  1.677   -6.733  1.00 97.04  ? 84  ARG A N   1 
ATOM   488  C  CA  . ARG A 1 64  ? 12.953  1.542   -7.119  1.00 100.89 ? 84  ARG A CA  1 
ATOM   489  C  C   . ARG A 1 64  ? 12.133  2.669   -6.490  1.00 98.04  ? 84  ARG A C   1 
ATOM   490  O  O   . ARG A 1 64  ? 11.298  3.284   -7.158  1.00 88.16  ? 84  ARG A O   1 
ATOM   491  C  CB  . ARG A 1 64  ? 12.366  0.186   -6.730  1.00 98.06  ? 84  ARG A CB  1 
ATOM   492  C  CG  . ARG A 1 64  ? 11.325  -0.340  -7.714  1.00 103.54 ? 84  ARG A CG  1 
ATOM   493  C  CD  . ARG A 1 64  ? 10.200  -1.047  -6.983  1.00 99.89  ? 84  ARG A CD  1 
ATOM   494  N  NE  . ARG A 1 64  ? 10.516  -2.416  -6.560  1.00 105.09 ? 84  ARG A NE  1 
ATOM   495  C  CZ  . ARG A 1 64  ? 10.966  -2.759  -5.348  1.00 94.34  ? 84  ARG A CZ  1 
ATOM   496  N  NH1 . ARG A 1 64  ? 11.198  -1.847  -4.418  1.00 91.89  ? 84  ARG A NH1 1 
ATOM   497  N  NH2 . ARG A 1 64  ? 11.212  -4.023  -5.061  1.00 75.58  ? 84  ARG A NH2 1 
ATOM   498  N  N   . ASP A 1 65  ? 12.395  2.946   -5.215  1.00 85.52  ? 85  ASP A N   1 
ATOM   499  C  CA  . ASP A 1 65  ? 11.820  4.091   -4.540  1.00 86.44  ? 85  ASP A CA  1 
ATOM   500  C  C   . ASP A 1 65  ? 11.938  5.400   -5.358  1.00 86.34  ? 85  ASP A C   1 
ATOM   501  O  O   . ASP A 1 65  ? 10.911  6.033   -5.669  1.00 93.01  ? 85  ASP A O   1 
ATOM   502  C  CB  . ASP A 1 65  ? 12.367  4.176   -3.113  1.00 91.82  ? 85  ASP A CB  1 
ATOM   503  C  CG  . ASP A 1 65  ? 11.969  2.948   -2.266  1.00 101.42 ? 85  ASP A CG  1 
ATOM   504  O  OD1 . ASP A 1 65  ? 11.016  2.223   -2.661  1.00 92.49  ? 85  ASP A OD1 1 
ATOM   505  O  OD2 . ASP A 1 65  ? 12.615  2.703   -1.215  1.00 102.13 ? 85  ASP A OD2 1 
ATOM   506  N  N   . ASN A 1 66  ? 13.162  5.745   -5.767  1.00 79.68  ? 86  ASN A N   1 
ATOM   507  C  CA  . ASN A 1 66  ? 13.406  6.828   -6.733  1.00 79.50  ? 86  ASN A CA  1 
ATOM   508  C  C   . ASN A 1 66  ? 12.571  6.690   -7.980  1.00 72.77  ? 86  ASN A C   1 
ATOM   509  O  O   . ASN A 1 66  ? 11.938  7.644   -8.397  1.00 80.97  ? 86  ASN A O   1 
ATOM   510  C  CB  . ASN A 1 66  ? 14.872  6.900   -7.193  1.00 91.24  ? 86  ASN A CB  1 
ATOM   511  C  CG  . ASN A 1 66  ? 15.846  7.214   -6.067  1.00 103.01 ? 86  ASN A CG  1 
ATOM   512  O  OD1 . ASN A 1 66  ? 15.477  7.702   -4.983  1.00 95.06  ? 86  ASN A OD1 1 
ATOM   513  N  ND2 . ASN A 1 66  ? 17.122  6.930   -6.327  1.00 115.52 ? 86  ASN A ND2 1 
ATOM   514  N  N   . HIS A 1 67  ? 12.560  5.506   -8.579  1.00 69.80  ? 87  HIS A N   1 
ATOM   515  C  CA  . HIS A 1 67  ? 11.906  5.352   -9.860  1.00 73.70  ? 87  HIS A CA  1 
ATOM   516  C  C   . HIS A 1 67  ? 10.386  5.627   -9.728  1.00 80.89  ? 87  HIS A C   1 
ATOM   517  O  O   . HIS A 1 67  ? 9.742   6.132   -10.673 1.00 73.21  ? 87  HIS A O   1 
ATOM   518  C  CB  . HIS A 1 67  ? 12.266  3.997   -10.515 1.00 78.08  ? 87  HIS A CB  1 
ATOM   519  C  CG  . HIS A 1 67  ? 11.755  3.853   -11.917 1.00 96.05  ? 87  HIS A CG  1 
ATOM   520  N  ND1 . HIS A 1 67  ? 11.170  2.694   -12.385 1.00 113.22 ? 87  HIS A ND1 1 
ATOM   521  C  CD2 . HIS A 1 67  ? 11.691  4.743   -12.941 1.00 106.42 ? 87  HIS A CD2 1 
ATOM   522  C  CE1 . HIS A 1 67  ? 10.783  2.867   -13.639 1.00 108.81 ? 87  HIS A CE1 1 
ATOM   523  N  NE2 . HIS A 1 67  ? 11.082  4.105   -13.996 1.00 106.63 ? 87  HIS A NE2 1 
ATOM   524  N  N   . LEU A 1 68  ? 9.841   5.349   -8.532  1.00 88.26  ? 88  LEU A N   1 
ATOM   525  C  CA  . LEU A 1 68  ? 8.398   5.473   -8.253  1.00 82.45  ? 88  LEU A CA  1 
ATOM   526  C  C   . LEU A 1 68  ? 7.943   6.934   -8.283  1.00 90.98  ? 88  LEU A C   1 
ATOM   527  O  O   . LEU A 1 68  ? 6.782   7.236   -8.633  1.00 81.75  ? 88  LEU A O   1 
ATOM   528  C  CB  . LEU A 1 68  ? 8.040   4.823   -6.914  1.00 75.75  ? 88  LEU A CB  1 
ATOM   529  C  CG  . LEU A 1 68  ? 8.040   3.286   -6.841  1.00 68.87  ? 88  LEU A CG  1 
ATOM   530  C  CD1 . LEU A 1 68  ? 8.023   2.822   -5.390  1.00 70.92  ? 88  LEU A CD1 1 
ATOM   531  C  CD2 . LEU A 1 68  ? 6.914   2.657   -7.631  1.00 60.73  ? 88  LEU A CD2 1 
ATOM   532  N  N   . GLN A 1 69  ? 8.878   7.825   -7.941  1.00 78.00  ? 89  GLN A N   1 
ATOM   533  C  CA  . GLN A 1 69  ? 8.695   9.272   -8.063  1.00 68.71  ? 89  GLN A CA  1 
ATOM   534  C  C   . GLN A 1 69  ? 8.548   9.856   -9.489  1.00 61.90  ? 89  GLN A C   1 
ATOM   535  O  O   . GLN A 1 69  ? 8.014   10.936  -9.615  1.00 73.67  ? 89  GLN A O   1 
ATOM   536  C  CB  . GLN A 1 69  ? 9.770   9.983   -7.296  1.00 59.10  ? 89  GLN A CB  1 
ATOM   537  C  CG  . GLN A 1 69  ? 10.130  9.258   -6.018  1.00 65.71  ? 89  GLN A CG  1 
ATOM   538  C  CD  . GLN A 1 69  ? 9.336   9.758   -4.845  1.00 79.65  ? 89  GLN A CD  1 
ATOM   539  O  OE1 . GLN A 1 69  ? 9.171   10.959  -4.674  1.00 100.04 ? 89  GLN A OE1 1 
ATOM   540  N  NE2 . GLN A 1 69  ? 8.850   8.847   -4.019  1.00 87.62  ? 89  GLN A NE2 1 
ATOM   541  N  N   . GLN A 1 70  ? 8.963   9.132   -10.532 1.00 62.36  ? 90  GLN A N   1 
ATOM   542  C  CA  . GLN A 1 70  ? 9.047   9.625   -11.940 1.00 68.66  ? 90  GLN A CA  1 
ATOM   543  C  C   . GLN A 1 70  ? 7.727   9.566   -12.716 1.00 65.33  ? 90  GLN A C   1 
ATOM   544  O  O   . GLN A 1 70  ? 6.762   9.045   -12.213 1.00 69.98  ? 90  GLN A O   1 
ATOM   545  C  CB  . GLN A 1 70  ? 10.166  8.887   -12.756 1.00 85.21  ? 90  GLN A CB  1 
ATOM   546  C  CG  . GLN A 1 70  ? 11.562  8.675   -12.120 1.00 96.83  ? 90  GLN A CG  1 
ATOM   547  C  CD  . GLN A 1 70  ? 12.101  9.876   -11.314 1.00 115.14 ? 90  GLN A CD  1 
ATOM   548  O  OE1 . GLN A 1 70  ? 12.008  11.038  -11.746 1.00 128.00 ? 90  GLN A OE1 1 
ATOM   549  N  NE2 . GLN A 1 70  ? 12.681  9.592   -10.139 1.00 104.97 ? 90  GLN A NE2 1 
ATOM   550  N  N   . ASP A 1 71  ? 7.719   10.065  -13.956 1.00 73.69  ? 91  ASP A N   1 
ATOM   551  C  CA  . ASP A 1 71  ? 6.508   10.235  -14.804 1.00 85.21  ? 91  ASP A CA  1 
ATOM   552  C  C   . ASP A 1 71  ? 5.728   8.981   -15.057 1.00 83.18  ? 91  ASP A C   1 
ATOM   553  O  O   . ASP A 1 71  ? 4.525   9.035   -15.348 1.00 97.09  ? 91  ASP A O   1 
ATOM   554  C  CB  . ASP A 1 71  ? 6.835   10.811  -16.199 1.00 92.87  ? 91  ASP A CB  1 
ATOM   555  C  CG  . ASP A 1 71  ? 7.608   12.116  -16.149 1.00 114.70 ? 91  ASP A CG  1 
ATOM   556  O  OD1 . ASP A 1 71  ? 7.998   12.596  -15.051 1.00 122.70 ? 91  ASP A OD1 1 
ATOM   557  O  OD2 . ASP A 1 71  ? 7.842   12.665  -17.246 1.00 132.94 ? 91  ASP A OD2 1 
ATOM   558  N  N   . ASP A 1 72  ? 6.428   7.857   -15.015 1.00 92.38  ? 92  ASP A N   1 
ATOM   559  C  CA  . ASP A 1 72  ? 5.832   6.575   -15.371 1.00 98.82  ? 92  ASP A CA  1 
ATOM   560  C  C   . ASP A 1 72  ? 5.143   5.941   -14.133 1.00 92.45  ? 92  ASP A C   1 
ATOM   561  O  O   . ASP A 1 72  ? 4.414   4.947   -14.258 1.00 83.56  ? 92  ASP A O   1 
ATOM   562  C  CB  . ASP A 1 72  ? 6.837   5.657   -16.134 1.00 102.06 ? 92  ASP A CB  1 
ATOM   563  C  CG  . ASP A 1 72  ? 8.288   5.684   -15.558 1.00 113.30 ? 92  ASP A CG  1 
ATOM   564  O  OD1 . ASP A 1 72  ? 8.620   6.436   -14.593 1.00 110.87 ? 92  ASP A OD1 1 
ATOM   565  O  OD2 . ASP A 1 72  ? 9.114   4.908   -16.092 1.00 108.63 ? 92  ASP A OD2 1 
ATOM   566  N  N   . PHE A 1 73  ? 5.374   6.575   -12.970 1.00 78.56  ? 93  PHE A N   1 
ATOM   567  C  CA  . PHE A 1 73  ? 4.712   6.278   -11.699 1.00 71.27  ? 93  PHE A CA  1 
ATOM   568  C  C   . PHE A 1 73  ? 3.984   7.471   -11.016 1.00 66.66  ? 93  PHE A C   1 
ATOM   569  O  O   . PHE A 1 73  ? 2.982   7.982   -11.571 1.00 54.50  ? 93  PHE A O   1 
ATOM   570  C  CB  . PHE A 1 73  ? 5.676   5.518   -10.784 1.00 78.32  ? 93  PHE A CB  1 
ATOM   571  C  CG  . PHE A 1 73  ? 5.975   4.156   -11.302 1.00 95.47  ? 93  PHE A CG  1 
ATOM   572  C  CD1 . PHE A 1 73  ? 5.044   3.121   -11.148 1.00 88.34  ? 93  PHE A CD1 1 
ATOM   573  C  CD2 . PHE A 1 73  ? 7.132   3.920   -12.058 1.00 97.62  ? 93  PHE A CD2 1 
ATOM   574  C  CE1 . PHE A 1 73  ? 5.287   1.873   -11.698 1.00 89.28  ? 93  PHE A CE1 1 
ATOM   575  C  CE2 . PHE A 1 73  ? 7.378   2.668   -12.612 1.00 80.23  ? 93  PHE A CE2 1 
ATOM   576  C  CZ  . PHE A 1 73  ? 6.456   1.644   -12.425 1.00 87.77  ? 93  PHE A CZ  1 
ATOM   577  N  N   . PHE A 1 74  ? 4.462   7.903   -9.846  1.00 59.29  ? 94  PHE A N   1 
ATOM   578  C  CA  . PHE A 1 74  ? 3.763   8.919   -9.063  1.00 65.72  ? 94  PHE A CA  1 
ATOM   579  C  C   . PHE A 1 74  ? 3.762   10.372  -9.579  1.00 71.46  ? 94  PHE A C   1 
ATOM   580  O  O   . PHE A 1 74  ? 2.732   11.051  -9.464  1.00 82.85  ? 94  PHE A O   1 
ATOM   581  C  CB  . PHE A 1 74  ? 4.171   8.877   -7.600  1.00 68.15  ? 94  PHE A CB  1 
ATOM   582  C  CG  . PHE A 1 74  ? 3.577   7.722   -6.836  1.00 77.88  ? 94  PHE A CG  1 
ATOM   583  C  CD1 . PHE A 1 74  ? 2.190   7.673   -6.557  1.00 76.46  ? 94  PHE A CD1 1 
ATOM   584  C  CD2 . PHE A 1 74  ? 4.399   6.687   -6.351  1.00 75.06  ? 94  PHE A CD2 1 
ATOM   585  C  CE1 . PHE A 1 74  ? 1.637   6.615   -5.826  1.00 74.17  ? 94  PHE A CE1 1 
ATOM   586  C  CE2 . PHE A 1 74  ? 3.848   5.634   -5.619  1.00 75.44  ? 94  PHE A CE2 1 
ATOM   587  C  CZ  . PHE A 1 74  ? 2.469   5.598   -5.357  1.00 76.43  ? 94  PHE A CZ  1 
ATOM   588  N  N   . LYS A 1 75  ? 4.887   10.825  -10.150 1.00 66.52  ? 95  LYS A N   1 
ATOM   589  C  CA  . LYS A 1 75  ? 5.098   12.209  -10.670 1.00 64.20  ? 95  LYS A CA  1 
ATOM   590  C  C   . LYS A 1 75  ? 5.088   13.148  -9.488  1.00 61.85  ? 95  LYS A C   1 
ATOM   591  O  O   . LYS A 1 75  ? 4.466   14.197  -9.539  1.00 66.19  ? 95  LYS A O   1 
ATOM   592  C  CB  . LYS A 1 75  ? 4.087   12.658  -11.764 1.00 72.80  ? 95  LYS A CB  1 
ATOM   593  C  CG  . LYS A 1 75  ? 3.681   11.573  -12.774 1.00 90.94  ? 95  LYS A CG  1 
ATOM   594  C  CD  . LYS A 1 75  ? 2.238   11.641  -13.297 1.00 98.35  ? 95  LYS A CD  1 
ATOM   595  C  CE  . LYS A 1 75  ? 1.972   10.509  -14.296 1.00 102.18 ? 95  LYS A CE  1 
ATOM   596  N  NZ  . LYS A 1 75  ? 1.063   10.822  -15.442 1.00 112.89 ? 95  LYS A NZ  1 
ATOM   597  N  N   . ALA A 1 76  ? 5.781   12.739  -8.422  1.00 58.86  ? 96  ALA A N   1 
ATOM   598  C  CA  . ALA A 1 76  ? 5.929   13.489  -7.157  1.00 65.25  ? 96  ALA A CA  1 
ATOM   599  C  C   . ALA A 1 76  ? 6.284   14.974  -7.226  1.00 74.23  ? 96  ALA A C   1 
ATOM   600  O  O   . ALA A 1 76  ? 6.035   15.691  -6.253  1.00 77.58  ? 96  ALA A O   1 
ATOM   601  C  CB  . ALA A 1 76  ? 6.939   12.795  -6.267  1.00 69.68  ? 96  ALA A CB  1 
ATOM   602  N  N   . LYS A 1 77  ? 6.932   15.409  -8.318  1.00 80.67  ? 97  LYS A N   1 
ATOM   603  C  CA  . LYS A 1 77  ? 7.244   16.828  -8.534  1.00 73.87  ? 97  LYS A CA  1 
ATOM   604  C  C   . LYS A 1 77  ? 5.880   17.528  -8.650  1.00 68.81  ? 97  LYS A C   1 
ATOM   605  O  O   . LYS A 1 77  ? 5.552   18.336  -7.786  1.00 70.21  ? 97  LYS A O   1 
ATOM   606  C  CB  . LYS A 1 77  ? 8.181   17.068  -9.756  1.00 69.70  ? 97  LYS A CB  1 
ATOM   607  N  N   . LYS A 1 78  ? 5.081   17.161  -9.664  1.00 60.26  ? 98  LYS A N   1 
ATOM   608  C  CA  . LYS A 1 78  ? 3.703   17.687  -9.882  1.00 56.71  ? 98  LYS A CA  1 
ATOM   609  C  C   . LYS A 1 78  ? 2.697   17.318  -8.769  1.00 61.24  ? 98  LYS A C   1 
ATOM   610  O  O   . LYS A 1 78  ? 1.922   18.168  -8.373  1.00 80.95  ? 98  LYS A O   1 
ATOM   611  C  CB  . LYS A 1 78  ? 3.178   17.262  -11.264 1.00 49.54  ? 98  LYS A CB  1 
ATOM   612  C  CG  . LYS A 1 78  ? 1.989   18.034  -11.819 1.00 51.36  ? 98  LYS A CG  1 
ATOM   613  C  CD  . LYS A 1 78  ? 1.694   17.700  -13.288 1.00 48.89  ? 98  LYS A CD  1 
ATOM   614  C  CE  . LYS A 1 78  ? 1.013   18.864  -13.994 1.00 58.49  ? 98  LYS A CE  1 
ATOM   615  N  NZ  . LYS A 1 78  ? 0.199   18.574  -15.223 1.00 67.31  ? 98  LYS A NZ  1 
ATOM   616  N  N   . TYR A 1 79  ? 2.728   16.080  -8.251  1.00 65.73  ? 99  TYR A N   1 
ATOM   617  C  CA  . TYR A 1 79  ? 1.732   15.580  -7.271  1.00 57.46  ? 99  TYR A CA  1 
ATOM   618  C  C   . TYR A 1 79  ? 2.428   14.951  -6.076  1.00 60.46  ? 99  TYR A C   1 
ATOM   619  O  O   . TYR A 1 79  ? 2.518   13.745  -5.972  1.00 67.20  ? 99  TYR A O   1 
ATOM   620  C  CB  . TYR A 1 79  ? 0.763   14.564  -7.889  1.00 48.20  ? 99  TYR A CB  1 
ATOM   621  C  CG  . TYR A 1 79  ? 0.153   14.937  -9.235  1.00 51.55  ? 99  TYR A CG  1 
ATOM   622  C  CD1 . TYR A 1 79  ? -1.064  15.670  -9.328  1.00 51.42  ? 99  TYR A CD1 1 
ATOM   623  C  CD2 . TYR A 1 79  ? 0.767   14.545  -10.422 1.00 48.10  ? 99  TYR A CD2 1 
ATOM   624  C  CE1 . TYR A 1 79  ? -1.643  16.005  -10.578 1.00 52.04  ? 99  TYR A CE1 1 
ATOM   625  C  CE2 . TYR A 1 79  ? 0.201   14.847  -11.663 1.00 54.65  ? 99  TYR A CE2 1 
ATOM   626  C  CZ  . TYR A 1 79  ? -0.993  15.582  -11.754 1.00 56.35  ? 99  TYR A CZ  1 
ATOM   627  O  OH  . TYR A 1 79  ? -1.471  15.892  -13.019 1.00 58.21  ? 99  TYR A OH  1 
ATOM   628  N  N   . PRO A 1 80  ? 2.912   15.776  -5.148  1.00 70.12  ? 100 PRO A N   1 
ATOM   629  C  CA  . PRO A 1 80  ? 3.694   15.275  -3.982  1.00 66.99  ? 100 PRO A CA  1 
ATOM   630  C  C   . PRO A 1 80  ? 2.936   14.369  -3.001  1.00 67.62  ? 100 PRO A C   1 
ATOM   631  O  O   . PRO A 1 80  ? 3.569   13.647  -2.190  1.00 73.73  ? 100 PRO A O   1 
ATOM   632  C  CB  . PRO A 1 80  ? 4.074   16.570  -3.237  1.00 58.94  ? 100 PRO A CB  1 
ATOM   633  C  CG  . PRO A 1 80  ? 2.956   17.517  -3.585  1.00 55.49  ? 100 PRO A CG  1 
ATOM   634  C  CD  . PRO A 1 80  ? 2.640   17.230  -5.045  1.00 59.02  ? 100 PRO A CD  1 
ATOM   635  N  N   . ASP A 1 81  ? 1.609   14.442  -3.005  1.00 61.82  ? 101 ASP A N   1 
ATOM   636  C  CA  . ASP A 1 81  ? 0.915   13.679  -1.986  1.00 69.77  ? 101 ASP A CA  1 
ATOM   637  C  C   . ASP A 1 81  ? -0.317  12.882  -2.419  1.00 65.64  ? 101 ASP A C   1 
ATOM   638  O  O   . ASP A 1 81  ? -0.921  13.215  -3.416  1.00 56.46  ? 101 ASP A O   1 
ATOM   639  C  CB  . ASP A 1 81  ? 0.803   14.437  -0.634  1.00 80.46  ? 101 ASP A CB  1 
ATOM   640  C  CG  . ASP A 1 81  ? 0.390   15.891  -0.755  1.00 80.07  ? 101 ASP A CG  1 
ATOM   641  O  OD1 . ASP A 1 81  ? -0.348  16.258  -1.684  1.00 90.82  ? 101 ASP A OD1 1 
ATOM   642  O  OD2 . ASP A 1 81  ? 0.771   16.661  0.146   1.00 75.98  ? 101 ASP A OD2 1 
ATOM   643  N  N   . MET A 1 82  ? -0.614  11.763  -1.746  1.00 67.98  ? 102 MET A N   1 
ATOM   644  C  CA  . MET A 1 82  ? -1.890  11.092  -1.982  1.00 64.43  ? 102 MET A CA  1 
ATOM   645  C  C   . MET A 1 82  ? -2.750  11.185  -0.744  1.00 66.18  ? 102 MET A C   1 
ATOM   646  O  O   . MET A 1 82  ? -2.241  11.198  0.400   1.00 67.91  ? 102 MET A O   1 
ATOM   647  C  CB  . MET A 1 82  ? -1.752  9.669   -2.534  1.00 65.75  ? 102 MET A CB  1 
ATOM   648  C  CG  . MET A 1 82  ? -1.410  8.580   -1.537  1.00 71.61  ? 102 MET A CG  1 
ATOM   649  S  SD  . MET A 1 82  ? -1.396  6.889   -2.218  1.00 72.92  ? 102 MET A SD  1 
ATOM   650  C  CE  . MET A 1 82  ? -2.669  7.056   -3.429  1.00 64.26  ? 102 MET A CE  1 
ATOM   651  N  N   . THR A 1 83  ? -4.049  11.305  -1.002  1.00 59.64  ? 103 THR A N   1 
ATOM   652  C  CA  . THR A 1 83  ? -5.041  11.565  0.025   1.00 58.43  ? 103 THR A CA  1 
ATOM   653  C  C   . THR A 1 83  ? -6.222  10.579  -0.012  1.00 63.60  ? 103 THR A C   1 
ATOM   654  O  O   . THR A 1 83  ? -6.706  10.145  -1.094  1.00 59.16  ? 103 THR A O   1 
ATOM   655  C  CB  . THR A 1 83  ? -5.660  12.986  -0.097  1.00 58.14  ? 103 THR A CB  1 
ATOM   656  O  OG1 . THR A 1 83  ? -6.420  13.082  -1.313  1.00 53.60  ? 103 THR A OG1 1 
ATOM   657  C  CG2 . THR A 1 83  ? -4.601  14.071  -0.047  1.00 53.01  ? 103 THR A CG2 1 
ATOM   658  N  N   . PHE A 1 84  ? -6.677  10.264  1.200   1.00 63.39  ? 104 PHE A N   1 
ATOM   659  C  CA  . PHE A 1 84  ? -7.885  9.525   1.433   1.00 60.70  ? 104 PHE A CA  1 
ATOM   660  C  C   . PHE A 1 84  ? -8.818  10.300  2.366   1.00 60.71  ? 104 PHE A C   1 
ATOM   661  O  O   . PHE A 1 84  ? -8.411  10.707  3.447   1.00 65.41  ? 104 PHE A O   1 
ATOM   662  C  CB  . PHE A 1 84  ? -7.567  8.172   2.065   1.00 58.97  ? 104 PHE A CB  1 
ATOM   663  C  CG  . PHE A 1 84  ? -8.786  7.384   2.356   1.00 57.15  ? 104 PHE A CG  1 
ATOM   664  C  CD1 . PHE A 1 84  ? -9.521  6.819   1.301   1.00 57.55  ? 104 PHE A CD1 1 
ATOM   665  C  CD2 . PHE A 1 84  ? -9.262  7.269   3.653   1.00 53.47  ? 104 PHE A CD2 1 
ATOM   666  C  CE1 . PHE A 1 84  ? -10.689 6.108   1.537   1.00 53.82  ? 104 PHE A CE1 1 
ATOM   667  C  CE2 . PHE A 1 84  ? -10.444 6.567   3.901   1.00 55.18  ? 104 PHE A CE2 1 
ATOM   668  C  CZ  . PHE A 1 84  ? -11.155 5.989   2.840   1.00 56.59  ? 104 PHE A CZ  1 
ATOM   669  N  N   . THR A 1 85  ? -10.073 10.442  1.953   1.00 58.34  ? 105 THR A N   1 
ATOM   670  C  CA  . THR A 1 85  ? -11.139 11.075  2.724   1.00 56.35  ? 105 THR A CA  1 
ATOM   671  C  C   . THR A 1 85  ? -12.312 10.128  2.928   1.00 55.36  ? 105 THR A C   1 
ATOM   672  O  O   . THR A 1 85  ? -12.993 9.810   1.949   1.00 61.35  ? 105 THR A O   1 
ATOM   673  C  CB  . THR A 1 85  ? -11.661 12.318  1.962   1.00 59.67  ? 105 THR A CB  1 
ATOM   674  O  OG1 . THR A 1 85  ? -10.660 13.324  2.015   1.00 65.82  ? 105 THR A OG1 1 
ATOM   675  C  CG2 . THR A 1 85  ? -12.952 12.900  2.589   1.00 62.50  ? 105 THR A CG2 1 
ATOM   676  N  N   . MET A 1 86  ? -12.574 9.703   4.172   1.00 53.41  ? 106 MET A N   1 
ATOM   677  C  CA  . MET A 1 86  ? -13.760 8.888   4.444   1.00 55.96  ? 106 MET A CA  1 
ATOM   678  C  C   . MET A 1 86  ? -15.045 9.610   4.113   1.00 55.22  ? 106 MET A C   1 
ATOM   679  O  O   . MET A 1 86  ? -15.190 10.753  4.450   1.00 63.38  ? 106 MET A O   1 
ATOM   680  C  CB  . MET A 1 86  ? -13.830 8.469   5.886   1.00 59.92  ? 106 MET A CB  1 
ATOM   681  C  CG  . MET A 1 86  ? -14.926 7.422   6.098   1.00 61.74  ? 106 MET A CG  1 
ATOM   682  S  SD  . MET A 1 86  ? -15.002 7.119   7.855   1.00 64.77  ? 106 MET A SD  1 
ATOM   683  C  CE  . MET A 1 86  ? -16.368 8.198   8.176   1.00 57.32  ? 106 MET A CE  1 
ATOM   684  N  N   . LYS A 1 87  ? -15.980 8.938   3.467   1.00 58.47  ? 107 LYS A N   1 
ATOM   685  C  CA  . LYS A 1 87  ? -17.270 9.551   3.159   1.00 59.97  ? 107 LYS A CA  1 
ATOM   686  C  C   . LYS A 1 87  ? -18.430 8.912   3.911   1.00 61.56  ? 107 LYS A C   1 
ATOM   687  O  O   . LYS A 1 87  ? -19.477 9.534   4.039   1.00 73.63  ? 107 LYS A O   1 
ATOM   688  C  CB  . LYS A 1 87  ? -17.548 9.527   1.652   1.00 58.72  ? 107 LYS A CB  1 
ATOM   689  C  CG  . LYS A 1 87  ? -16.863 10.656  0.910   1.00 69.31  ? 107 LYS A CG  1 
ATOM   690  C  CD  . LYS A 1 87  ? -17.017 10.498  -0.596  1.00 88.35  ? 107 LYS A CD  1 
ATOM   691  C  CE  . LYS A 1 87  ? -18.303 11.093  -1.161  1.00 90.09  ? 107 LYS A CE  1 
ATOM   692  N  NZ  . LYS A 1 87  ? -18.404 10.646  -2.574  1.00 81.82  ? 107 LYS A NZ  1 
ATOM   693  N  N   . LYS A 1 88  ? -18.242 7.688   4.415   1.00 63.46  ? 108 LYS A N   1 
ATOM   694  C  CA  . LYS A 1 88  ? -19.335 6.834   4.929   1.00 59.87  ? 108 LYS A CA  1 
ATOM   695  C  C   . LYS A 1 88  ? -18.637 5.716   5.705   1.00 63.67  ? 108 LYS A C   1 
ATOM   696  O  O   . LYS A 1 88  ? -17.668 5.127   5.205   1.00 72.04  ? 108 LYS A O   1 
ATOM   697  C  CB  . LYS A 1 88  ? -20.080 6.275   3.730   1.00 61.44  ? 108 LYS A CB  1 
ATOM   698  C  CG  . LYS A 1 88  ? -21.472 5.706   3.849   1.00 62.53  ? 108 LYS A CG  1 
ATOM   699  C  CD  . LYS A 1 88  ? -21.652 4.936   2.522   1.00 76.11  ? 108 LYS A CD  1 
ATOM   700  C  CE  . LYS A 1 88  ? -23.094 4.624   2.139   1.00 85.27  ? 108 LYS A CE  1 
ATOM   701  N  NZ  . LYS A 1 88  ? -23.847 5.732   1.477   1.00 99.41  ? 108 LYS A NZ  1 
ATOM   702  N  N   . TYR A 1 89  ? -19.066 5.465   6.943   1.00 59.20  ? 109 TYR A N   1 
ATOM   703  C  CA  . TYR A 1 89  ? -18.715 4.202   7.615   1.00 55.12  ? 109 TYR A CA  1 
ATOM   704  C  C   . TYR A 1 89  ? -19.978 3.415   7.859   1.00 58.41  ? 109 TYR A C   1 
ATOM   705  O  O   . TYR A 1 89  ? -20.940 3.947   8.389   1.00 67.27  ? 109 TYR A O   1 
ATOM   706  C  CB  . TYR A 1 89  ? -18.036 4.442   8.910   1.00 49.06  ? 109 TYR A CB  1 
ATOM   707  C  CG  . TYR A 1 89  ? -17.581 3.190   9.571   1.00 56.45  ? 109 TYR A CG  1 
ATOM   708  C  CD1 . TYR A 1 89  ? -16.377 2.577   9.211   1.00 59.40  ? 109 TYR A CD1 1 
ATOM   709  C  CD2 . TYR A 1 89  ? -18.308 2.635   10.614  1.00 58.85  ? 109 TYR A CD2 1 
ATOM   710  C  CE1 . TYR A 1 89  ? -15.925 1.427   9.877   1.00 61.25  ? 109 TYR A CE1 1 
ATOM   711  C  CE2 . TYR A 1 89  ? -17.866 1.479   11.274  1.00 57.50  ? 109 TYR A CE2 1 
ATOM   712  C  CZ  . TYR A 1 89  ? -16.672 0.879   10.913  1.00 55.67  ? 109 TYR A CZ  1 
ATOM   713  O  OH  . TYR A 1 89  ? -16.269 -0.275  11.571  1.00 56.88  ? 109 TYR A OH  1 
ATOM   714  N  N   . GLU A 1 90  ? -20.008 2.168   7.414   1.00 57.96  ? 110 GLU A N   1 
ATOM   715  C  CA  . GLU A 1 90  ? -21.205 1.356   7.560   1.00 54.58  ? 110 GLU A CA  1 
ATOM   716  C  C   . GLU A 1 90  ? -20.811 0.227   8.495   1.00 61.30  ? 110 GLU A C   1 
ATOM   717  O  O   . GLU A 1 90  ? -20.074 -0.684  8.049   1.00 63.75  ? 110 GLU A O   1 
ATOM   718  C  CB  . GLU A 1 90  ? -21.687 0.820   6.208   1.00 51.55  ? 110 GLU A CB  1 
ATOM   719  C  CG  . GLU A 1 90  ? -22.206 1.881   5.238   1.00 57.06  ? 110 GLU A CG  1 
ATOM   720  C  CD  . GLU A 1 90  ? -22.426 1.375   3.805   1.00 62.90  ? 110 GLU A CD  1 
ATOM   721  O  OE1 . GLU A 1 90  ? -23.563 1.517   3.308   1.00 71.59  ? 110 GLU A OE1 1 
ATOM   722  O  OE2 . GLU A 1 90  ? -21.492 0.838   3.147   1.00 68.70  ? 110 GLU A OE2 1 
ATOM   723  N  N   . LYS A 1 91  ? -21.253 0.309   9.773   1.00 62.40  ? 111 LYS A N   1 
ATOM   724  C  CA  . LYS A 1 91  ? -20.963 -0.722  10.822  1.00 64.37  ? 111 LYS A CA  1 
ATOM   725  C  C   . LYS A 1 91  ? -21.494 -2.112  10.456  1.00 63.86  ? 111 LYS A C   1 
ATOM   726  O  O   . LYS A 1 91  ? -22.617 -2.216  9.938   1.00 57.84  ? 111 LYS A O   1 
ATOM   727  C  CB  . LYS A 1 91  ? -21.535 -0.351  12.201  1.00 62.95  ? 111 LYS A CB  1 
ATOM   728  C  CG  . LYS A 1 91  ? -20.693 -0.909  13.352  1.00 68.88  ? 111 LYS A CG  1 
ATOM   729  C  CD  . LYS A 1 91  ? -21.513 -1.588  14.450  1.00 77.62  ? 111 LYS A CD  1 
ATOM   730  C  CE  . LYS A 1 91  ? -22.115 -0.650  15.515  1.00 75.53  ? 111 LYS A CE  1 
ATOM   731  N  NZ  . LYS A 1 91  ? -21.904 -1.166  16.910  1.00 60.19  ? 111 LYS A NZ  1 
ATOM   732  N  N   . ILE A 1 92  ? -20.680 -3.158  10.675  1.00 59.75  ? 112 ILE A N   1 
ATOM   733  C  CA  . ILE A 1 92  ? -21.200 -4.524  10.543  1.00 59.64  ? 112 ILE A CA  1 
ATOM   734  C  C   . ILE A 1 92  ? -21.482 -5.019  11.947  1.00 63.55  ? 112 ILE A C   1 
ATOM   735  O  O   . ILE A 1 92  ? -22.628 -5.279  12.265  1.00 60.14  ? 112 ILE A O   1 
ATOM   736  C  CB  . ILE A 1 92  ? -20.298 -5.463  9.727   1.00 58.87  ? 112 ILE A CB  1 
ATOM   737  C  CG1 . ILE A 1 92  ? -20.387 -5.049  8.269   1.00 53.72  ? 112 ILE A CG1 1 
ATOM   738  C  CG2 . ILE A 1 92  ? -20.711 -6.947  9.878   1.00 48.14  ? 112 ILE A CG2 1 
ATOM   739  C  CD1 . ILE A 1 92  ? -19.244 -5.579  7.454   1.00 56.26  ? 112 ILE A CD1 1 
ATOM   740  N  N   . ASP A 1 93  ? -20.442 -5.137  12.772  1.00 63.59  ? 113 ASP A N   1 
ATOM   741  C  CA  . ASP A 1 93  ? -20.598 -5.321  14.208  1.00 64.33  ? 113 ASP A CA  1 
ATOM   742  C  C   . ASP A 1 93  ? -19.492 -4.485  14.870  1.00 65.07  ? 113 ASP A C   1 
ATOM   743  O  O   . ASP A 1 93  ? -18.909 -3.618  14.216  1.00 87.09  ? 113 ASP A O   1 
ATOM   744  C  CB  . ASP A 1 93  ? -20.583 -6.817  14.555  1.00 56.07  ? 113 ASP A CB  1 
ATOM   745  C  CG  . ASP A 1 93  ? -19.250 -7.508  14.230  1.00 65.14  ? 113 ASP A CG  1 
ATOM   746  O  OD1 . ASP A 1 93  ? -18.170 -6.844  14.226  1.00 61.48  ? 113 ASP A OD1 1 
ATOM   747  O  OD2 . ASP A 1 93  ? -19.276 -8.756  14.019  1.00 69.55  ? 113 ASP A OD2 1 
ATOM   748  N  N   . ASN A 1 94  ? -19.178 -4.728  16.135  1.00 66.93  ? 114 ASN A N   1 
ATOM   749  C  CA  . ASN A 1 94  ? -18.161 -3.909  16.824  1.00 71.76  ? 114 ASN A CA  1 
ATOM   750  C  C   . ASN A 1 94  ? -16.753 -4.214  16.385  1.00 66.22  ? 114 ASN A C   1 
ATOM   751  O  O   . ASN A 1 94  ? -15.843 -3.543  16.812  1.00 77.42  ? 114 ASN A O   1 
ATOM   752  C  CB  . ASN A 1 94  ? -18.216 -4.022  18.362  1.00 72.24  ? 114 ASN A CB  1 
ATOM   753  C  CG  . ASN A 1 94  ? -19.569 -3.668  18.954  1.00 76.19  ? 114 ASN A CG  1 
ATOM   754  O  OD1 . ASN A 1 94  ? -20.464 -3.065  18.318  1.00 76.78  ? 114 ASN A OD1 1 
ATOM   755  N  ND2 . ASN A 1 94  ? -19.731 -4.059  20.207  1.00 105.26 ? 114 ASN A ND2 1 
ATOM   756  N  N   . GLU A 1 95  ? -16.550 -5.217  15.555  1.00 68.15  ? 115 GLU A N   1 
ATOM   757  C  CA  . GLU A 1 95  ? -15.184 -5.583  15.202  1.00 71.99  ? 115 GLU A CA  1 
ATOM   758  C  C   . GLU A 1 95  ? -14.874 -5.271  13.747  1.00 74.69  ? 115 GLU A C   1 
ATOM   759  O  O   . GLU A 1 95  ? -13.696 -5.298  13.341  1.00 70.26  ? 115 GLU A O   1 
ATOM   760  C  CB  . GLU A 1 95  ? -14.938 -7.061  15.480  1.00 74.94  ? 115 GLU A CB  1 
ATOM   761  C  CG  . GLU A 1 95  ? -15.114 -7.465  16.934  1.00 81.73  ? 115 GLU A CG  1 
ATOM   762  C  CD  . GLU A 1 95  ? -14.337 -8.725  17.287  1.00 94.43  ? 115 GLU A CD  1 
ATOM   763  O  OE1 . GLU A 1 95  ? -14.636 -9.798  16.711  1.00 92.24  ? 115 GLU A OE1 1 
ATOM   764  O  OE2 . GLU A 1 95  ? -13.427 -8.642  18.152  1.00 98.62  ? 115 GLU A OE2 1 
ATOM   765  N  N   . LYS A 1 96  ? -15.936 -4.973  12.985  1.00 66.96  ? 116 LYS A N   1 
ATOM   766  C  CA  . LYS A 1 96  ? -15.929 -5.030  11.520  1.00 63.15  ? 116 LYS A CA  1 
ATOM   767  C  C   . LYS A 1 96  ? -16.852 -3.958  10.955  1.00 63.82  ? 116 LYS A C   1 
ATOM   768  O  O   . LYS A 1 96  ? -17.984 -3.742  11.434  1.00 63.59  ? 116 LYS A O   1 
ATOM   769  C  CB  . LYS A 1 96  ? -16.370 -6.433  10.984  1.00 64.71  ? 116 LYS A CB  1 
ATOM   770  C  CG  . LYS A 1 96  ? -15.387 -7.585  11.223  1.00 76.13  ? 116 LYS A CG  1 
ATOM   771  C  CD  . LYS A 1 96  ? -15.703 -8.917  10.521  1.00 94.85  ? 116 LYS A CD  1 
ATOM   772  C  CE  . LYS A 1 96  ? -16.485 -9.953  11.352  1.00 107.06 ? 116 LYS A CE  1 
ATOM   773  N  NZ  . LYS A 1 96  ? -17.933 -10.092 10.987  1.00 87.84  ? 116 LYS A NZ  1 
ATOM   774  N  N   . GLY A 1 97  ? -16.385 -3.294  9.909   1.00 57.96  ? 117 GLY A N   1 
ATOM   775  C  CA  . GLY A 1 97  ? -17.281 -2.402  9.162   1.00 59.40  ? 117 GLY A CA  1 
ATOM   776  C  C   . GLY A 1 97  ? -16.738 -2.154  7.786   1.00 55.48  ? 117 GLY A C   1 
ATOM   777  O  O   . GLY A 1 97  ? -15.574 -2.463  7.522   1.00 58.27  ? 117 GLY A O   1 
ATOM   778  N  N   . LYS A 1 98  ? -17.571 -1.578  6.931   1.00 52.98  ? 118 LYS A N   1 
ATOM   779  C  CA  . LYS A 1 98  ? -17.225 -1.242  5.555   1.00 53.09  ? 118 LYS A CA  1 
ATOM   780  C  C   . LYS A 1 98  ? -16.992 0.292   5.491   1.00 53.52  ? 118 LYS A C   1 
ATOM   781  O  O   . LYS A 1 98  ? -17.937 1.054   5.736   1.00 53.22  ? 118 LYS A O   1 
ATOM   782  C  CB  . LYS A 1 98  ? -18.429 -1.617  4.719   1.00 53.48  ? 118 LYS A CB  1 
ATOM   783  C  CG  . LYS A 1 98  ? -18.222 -2.247  3.375   1.00 64.45  ? 118 LYS A CG  1 
ATOM   784  C  CD  . LYS A 1 98  ? -19.372 -1.775  2.464   1.00 78.86  ? 118 LYS A CD  1 
ATOM   785  C  CE  . LYS A 1 98  ? -19.524 -2.517  1.130   1.00 76.21  ? 118 LYS A CE  1 
ATOM   786  N  NZ  . LYS A 1 98  ? -20.299 -1.606  0.249   1.00 70.36  ? 118 LYS A NZ  1 
ATOM   787  N  N   . MET A 1 99  ? -15.748 0.747   5.208   1.00 53.40  ? 119 MET A N   1 
ATOM   788  C  CA  . MET A 1 99  ? -15.423 2.207   5.002   1.00 50.76  ? 119 MET A CA  1 
ATOM   789  C  C   . MET A 1 99  ? -15.420 2.631   3.540   1.00 54.84  ? 119 MET A C   1 
ATOM   790  O  O   . MET A 1 99  ? -14.729 2.023   2.738   1.00 63.23  ? 119 MET A O   1 
ATOM   791  C  CB  . MET A 1 99  ? -14.069 2.550   5.570   1.00 46.31  ? 119 MET A CB  1 
ATOM   792  C  CG  . MET A 1 99  ? -13.872 4.039   5.817   1.00 50.31  ? 119 MET A CG  1 
ATOM   793  S  SD  . MET A 1 99  ? -12.377 4.381   6.800   1.00 59.01  ? 119 MET A SD  1 
ATOM   794  C  CE  . MET A 1 99  ? -12.957 4.078   8.473   1.00 60.14  ? 119 MET A CE  1 
ATOM   795  N  N   . THR A 1 100 ? -16.203 3.640   3.183   1.00 50.93  ? 120 THR A N   1 
ATOM   796  C  CA  . THR A 1 100 ? -16.155 4.199   1.832   1.00 53.95  ? 120 THR A CA  1 
ATOM   797  C  C   . THR A 1 100 ? -15.509 5.593   1.836   1.00 57.91  ? 120 THR A C   1 
ATOM   798  O  O   . THR A 1 100 ? -15.850 6.451   2.647   1.00 64.01  ? 120 THR A O   1 
ATOM   799  C  CB  . THR A 1 100 ? -17.536 4.216   1.175   1.00 53.58  ? 120 THR A CB  1 
ATOM   800  O  OG1 . THR A 1 100 ? -18.047 2.880   1.170   1.00 59.89  ? 120 THR A OG1 1 
ATOM   801  C  CG2 . THR A 1 100 ? -17.449 4.675   -0.274  1.00 49.75  ? 120 THR A CG2 1 
ATOM   802  N  N   . GLY A 1 101 ? -14.559 5.803   0.940   1.00 58.42  ? 121 GLY A N   1 
ATOM   803  C  CA  . GLY A 1 101 ? -13.832 7.060   0.889   1.00 57.50  ? 121 GLY A CA  1 
ATOM   804  C  C   . GLY A 1 101 ? -13.328 7.431   -0.482  1.00 60.58  ? 121 GLY A C   1 
ATOM   805  O  O   . GLY A 1 101 ? -13.549 6.724   -1.457  1.00 66.48  ? 121 GLY A O   1 
ATOM   806  N  N   . THR A 1 102 ? -12.664 8.573   -0.571  1.00 62.24  ? 122 THR A N   1 
ATOM   807  C  CA  . THR A 1 102 ? -12.183 9.059   -1.855  1.00 53.14  ? 122 THR A CA  1 
ATOM   808  C  C   . THR A 1 102 ? -10.709 9.009   -1.755  1.00 52.75  ? 122 THR A C   1 
ATOM   809  O  O   . THR A 1 102 ? -10.113 9.675   -0.891  1.00 53.02  ? 122 THR A O   1 
ATOM   810  C  CB  . THR A 1 102 ? -12.635 10.498  -2.159  1.00 53.78  ? 122 THR A CB  1 
ATOM   811  O  OG1 . THR A 1 102 ? -14.054 10.514  -2.340  1.00 52.95  ? 122 THR A OG1 1 
ATOM   812  C  CG2 . THR A 1 102 ? -12.006 11.004  -3.445  1.00 51.44  ? 122 THR A CG2 1 
ATOM   813  N  N   . LEU A 1 103 ? -10.137 8.184   -2.632  1.00 53.67  ? 123 LEU A N   1 
ATOM   814  C  CA  . LEU A 1 103 ? -8.695  8.081   -2.784  1.00 50.65  ? 123 LEU A CA  1 
ATOM   815  C  C   . LEU A 1 103 ? -8.291  8.928   -3.982  1.00 52.81  ? 123 LEU A C   1 
ATOM   816  O  O   . LEU A 1 103 ? -8.995  8.966   -5.044  1.00 46.12  ? 123 LEU A O   1 
ATOM   817  C  CB  . LEU A 1 103 ? -8.282  6.627   -2.958  1.00 48.21  ? 123 LEU A CB  1 
ATOM   818  C  CG  . LEU A 1 103 ? -6.774  6.386   -2.846  1.00 50.28  ? 123 LEU A CG  1 
ATOM   819  C  CD1 . LEU A 1 103 ? -6.204  6.764   -1.488  1.00 44.08  ? 123 LEU A CD1 1 
ATOM   820  C  CD2 . LEU A 1 103 ? -6.480  4.922   -3.175  1.00 47.88  ? 123 LEU A CD2 1 
ATOM   821  N  N   . THR A 1 104 ? -7.188  9.649   -3.789  1.00 52.77  ? 124 THR A N   1 
ATOM   822  C  CA  . THR A 1 104 ? -6.663  10.513  -4.848  1.00 57.25  ? 124 THR A CA  1 
ATOM   823  C  C   . THR A 1 104 ? -5.214  10.183  -5.048  1.00 57.42  ? 124 THR A C   1 
ATOM   824  O  O   . THR A 1 104 ? -4.414  10.313  -4.102  1.00 59.73  ? 124 THR A O   1 
ATOM   825  C  CB  . THR A 1 104 ? -6.868  12.009  -4.534  1.00 55.87  ? 124 THR A CB  1 
ATOM   826  O  OG1 . THR A 1 104 ? -8.274  12.233  -4.421  1.00 53.83  ? 124 THR A OG1 1 
ATOM   827  C  CG2 . THR A 1 104 ? -6.377  12.891  -5.693  1.00 51.65  ? 124 THR A CG2 1 
ATOM   828  N  N   . ILE A 1 105 ? -4.893  9.720   -6.260  1.00 58.23  ? 125 ILE A N   1 
ATOM   829  C  CA  . ILE A 1 105 ? -3.500  9.379   -6.646  1.00 64.81  ? 125 ILE A CA  1 
ATOM   830  C  C   . ILE A 1 105 ? -3.190  10.194  -7.884  1.00 67.58  ? 125 ILE A C   1 
ATOM   831  O  O   . ILE A 1 105 ? -3.989  10.180  -8.854  1.00 60.88  ? 125 ILE A O   1 
ATOM   832  C  CB  . ILE A 1 105 ? -3.294  7.889   -6.999  1.00 65.64  ? 125 ILE A CB  1 
ATOM   833  C  CG1 . ILE A 1 105 ? -4.011  6.977   -6.006  1.00 64.32  ? 125 ILE A CG1 1 
ATOM   834  C  CG2 . ILE A 1 105 ? -1.809  7.572   -7.042  1.00 75.79  ? 125 ILE A CG2 1 
ATOM   835  C  CD1 . ILE A 1 105 ? -3.925  5.496   -6.297  1.00 68.72  ? 125 ILE A CD1 1 
ATOM   836  N  N   . ALA A 1 106 ? -2.059  10.918  -7.835  1.00 66.71  ? 126 ALA A N   1 
ATOM   837  C  CA  . ALA A 1 106 ? -1.672  11.887  -8.901  1.00 62.46  ? 126 ALA A CA  1 
ATOM   838  C  C   . ALA A 1 106 ? -2.864  12.651  -9.497  1.00 63.58  ? 126 ALA A C   1 
ATOM   839  O  O   . ALA A 1 106 ? -3.117  12.590  -10.701 1.00 71.65  ? 126 ALA A O   1 
ATOM   840  C  CB  . ALA A 1 106 ? -0.890  11.185  -9.998  1.00 61.22  ? 126 ALA A CB  1 
ATOM   841  N  N   . GLY A 1 107 ? -3.643  13.304  -8.635  1.00 57.78  ? 127 GLY A N   1 
ATOM   842  C  CA  . GLY A 1 107 ? -4.783  14.088  -9.069  1.00 48.22  ? 127 GLY A CA  1 
ATOM   843  C  C   . GLY A 1 107 ? -5.951  13.333  -9.652  1.00 55.75  ? 127 GLY A C   1 
ATOM   844  O  O   . GLY A 1 107 ? -6.920  13.944  -10.129 1.00 63.55  ? 127 GLY A O   1 
ATOM   845  N  N   . VAL A 1 108 ? -5.916  12.007  -9.613  1.00 59.35  ? 128 VAL A N   1 
ATOM   846  C  CA  . VAL A 1 108 ? -7.118  11.269  -10.042 1.00 56.70  ? 128 VAL A CA  1 
ATOM   847  C  C   . VAL A 1 108 ? -7.821  10.615  -8.844  1.00 58.16  ? 128 VAL A C   1 
ATOM   848  O  O   . VAL A 1 108 ? -7.159  10.096  -7.896  1.00 49.81  ? 128 VAL A O   1 
ATOM   849  C  CB  . VAL A 1 108 ? -6.834  10.389  -11.272 1.00 60.03  ? 128 VAL A CB  1 
ATOM   850  C  CG1 . VAL A 1 108 ? -5.613  9.544   -11.016 1.00 76.29  ? 128 VAL A CG1 1 
ATOM   851  C  CG2 . VAL A 1 108 ? -8.038  9.562   -11.696 1.00 51.73  ? 128 VAL A CG2 1 
ATOM   852  N  N   . SER A 1 109 ? -9.151  10.760  -8.840  1.00 56.31  ? 129 SER A N   1 
ATOM   853  C  CA  . SER A 1 109 ? -9.940  10.459  -7.652  1.00 57.03  ? 129 SER A CA  1 
ATOM   854  C  C   . SER A 1 109 ? -10.957 9.412   -7.907  1.00 59.26  ? 129 SER A C   1 
ATOM   855  O  O   . SER A 1 109 ? -11.674 9.498   -8.880  1.00 63.82  ? 129 SER A O   1 
ATOM   856  C  CB  . SER A 1 109 ? -10.620 11.714  -7.122  1.00 60.31  ? 129 SER A CB  1 
ATOM   857  O  OG  . SER A 1 109 ? -9.654  12.459  -6.395  1.00 64.15  ? 129 SER A OG  1 
ATOM   858  N  N   . LYS A 1 110 ? -11.005 8.414   -7.030  1.00 66.27  ? 130 LYS A N   1 
ATOM   859  C  CA  . LYS A 1 110 ? -11.997 7.332   -7.096  1.00 63.77  ? 130 LYS A CA  1 
ATOM   860  C  C   . LYS A 1 110 ? -12.457 7.009   -5.673  1.00 59.10  ? 130 LYS A C   1 
ATOM   861  O  O   . LYS A 1 110 ? -11.696 7.130   -4.707  1.00 59.61  ? 130 LYS A O   1 
ATOM   862  C  CB  . LYS A 1 110 ? -11.380 6.126   -7.799  1.00 72.12  ? 130 LYS A CB  1 
ATOM   863  C  CG  . LYS A 1 110 ? -12.132 4.812   -7.682  1.00 86.62  ? 130 LYS A CG  1 
ATOM   864  C  CD  . LYS A 1 110 ? -12.810 4.385   -8.973  1.00 82.32  ? 130 LYS A CD  1 
ATOM   865  C  CE  . LYS A 1 110 ? -13.887 3.364   -8.666  1.00 79.02  ? 130 LYS A CE  1 
ATOM   866  N  NZ  . LYS A 1 110 ? -14.763 3.186   -9.855  1.00 94.83  ? 130 LYS A NZ  1 
ATOM   867  N  N   . ASP A 1 111 ? -13.732 6.675   -5.543  1.00 65.10  ? 131 ASP A N   1 
ATOM   868  C  CA  . ASP A 1 111 ? -14.289 6.160   -4.283  1.00 62.51  ? 131 ASP A CA  1 
ATOM   869  C  C   . ASP A 1 111 ? -13.967 4.697   -4.128  1.00 59.28  ? 131 ASP A C   1 
ATOM   870  O  O   . ASP A 1 111 ? -14.209 3.899   -5.037  1.00 68.66  ? 131 ASP A O   1 
ATOM   871  C  CB  . ASP A 1 111 ? -15.802 6.378   -4.221  1.00 63.71  ? 131 ASP A CB  1 
ATOM   872  C  CG  . ASP A 1 111 ? -16.167 7.830   -3.958  1.00 73.28  ? 131 ASP A CG  1 
ATOM   873  O  OD1 . ASP A 1 111 ? -15.248 8.643   -3.675  1.00 76.10  ? 131 ASP A OD1 1 
ATOM   874  O  OD2 . ASP A 1 111 ? -17.372 8.157   -4.038  1.00 72.03  ? 131 ASP A OD2 1 
ATOM   875  N  N   . ILE A 1 112 ? -13.387 4.363   -2.983  1.00 56.72  ? 132 ILE A N   1 
ATOM   876  C  CA  . ILE A 1 112 ? -12.978 2.991   -2.667  1.00 55.13  ? 132 ILE A CA  1 
ATOM   877  C  C   . ILE A 1 112 ? -13.620 2.434   -1.384  1.00 57.93  ? 132 ILE A C   1 
ATOM   878  O  O   . ILE A 1 112 ? -14.053 3.209   -0.532  1.00 62.14  ? 132 ILE A O   1 
ATOM   879  C  CB  . ILE A 1 112 ? -11.443 2.883   -2.662  1.00 50.09  ? 132 ILE A CB  1 
ATOM   880  C  CG1 . ILE A 1 112 ? -10.813 3.703   -1.540  1.00 47.28  ? 132 ILE A CG1 1 
ATOM   881  C  CG2 . ILE A 1 112 ? -10.936 3.403   -3.991  1.00 47.08  ? 132 ILE A CG2 1 
ATOM   882  C  CD1 . ILE A 1 112 ? -9.483  3.149   -1.072  1.00 42.98  ? 132 ILE A CD1 1 
ATOM   883  N  N   . VAL A 1 113 ? -13.743 1.106   -1.263  1.00 63.03  ? 133 VAL A N   1 
ATOM   884  C  CA  . VAL A 1 113 ? -14.185 0.513   0.013   1.00 57.24  ? 133 VAL A CA  1 
ATOM   885  C  C   . VAL A 1 113 ? -13.041 -0.193  0.689   1.00 55.00  ? 133 VAL A C   1 
ATOM   886  O  O   . VAL A 1 113 ? -12.312 -0.920  0.066   1.00 64.36  ? 133 VAL A O   1 
ATOM   887  C  CB  . VAL A 1 113 ? -15.427 -0.409  -0.062  1.00 58.25  ? 133 VAL A CB  1 
ATOM   888  C  CG1 . VAL A 1 113 ? -16.583 0.264   -0.800  1.00 51.46  ? 133 VAL A CG1 1 
ATOM   889  C  CG2 . VAL A 1 113 ? -15.080 -1.760  -0.663  1.00 70.03  ? 133 VAL A CG2 1 
ATOM   890  N  N   . LEU A 1 114 ? -12.864 0.074   1.969   1.00 62.46  ? 134 LEU A N   1 
ATOM   891  C  CA  . LEU A 1 114 ? -11.877 -0.625  2.772   1.00 60.22  ? 134 LEU A CA  1 
ATOM   892  C  C   . LEU A 1 114 ? -12.618 -1.392  3.850   1.00 61.90  ? 134 LEU A C   1 
ATOM   893  O  O   . LEU A 1 114 ? -13.677 -0.961  4.331   1.00 61.82  ? 134 LEU A O   1 
ATOM   894  C  CB  . LEU A 1 114 ? -10.890 0.351   3.402   1.00 62.30  ? 134 LEU A CB  1 
ATOM   895  C  CG  . LEU A 1 114 ? -10.141 1.288   2.458   1.00 60.70  ? 134 LEU A CG  1 
ATOM   896  C  CD1 . LEU A 1 114 ? -9.334  2.270   3.286   1.00 59.27  ? 134 LEU A CD1 1 
ATOM   897  C  CD2 . LEU A 1 114 ? -9.239  0.491   1.532   1.00 58.53  ? 134 LEU A CD2 1 
ATOM   898  N  N   . ASP A 1 115 ? -12.074 -2.544  4.197   1.00 58.84  ? 135 ASP A N   1 
ATOM   899  C  CA  . ASP A 1 115 ? -12.626 -3.330  5.258   1.00 59.91  ? 135 ASP A CA  1 
ATOM   900  C  C   . ASP A 1 115 ? -11.912 -2.966  6.535   1.00 62.19  ? 135 ASP A C   1 
ATOM   901  O  O   . ASP A 1 115 ? -10.691 -3.189  6.687   1.00 65.82  ? 135 ASP A O   1 
ATOM   902  C  CB  . ASP A 1 115 ? -12.533 -4.823  4.950   1.00 60.29  ? 135 ASP A CB  1 
ATOM   903  C  CG  . ASP A 1 115 ? -13.468 -5.238  3.825   1.00 66.35  ? 135 ASP A CG  1 
ATOM   904  O  OD1 . ASP A 1 115 ? -14.679 -4.908  3.853   1.00 72.47  ? 135 ASP A OD1 1 
ATOM   905  O  OD2 . ASP A 1 115 ? -12.985 -5.896  2.897   1.00 66.73  ? 135 ASP A OD2 1 
ATOM   906  N  N   . ALA A 1 116 ? -12.705 -2.351  7.415   1.00 59.43  ? 136 ALA A N   1 
ATOM   907  C  CA  . ALA A 1 116 ? -12.309 -1.969  8.758   1.00 58.04  ? 136 ALA A CA  1 
ATOM   908  C  C   . ALA A 1 116 ? -12.466 -3.182  9.620   1.00 60.87  ? 136 ALA A C   1 
ATOM   909  O  O   . ALA A 1 116 ? -13.531 -3.816  9.640   1.00 63.98  ? 136 ALA A O   1 
ATOM   910  C  CB  . ALA A 1 116 ? -13.204 -0.855  9.272   1.00 53.14  ? 136 ALA A CB  1 
ATOM   911  N  N   . GLU A 1 117 ? -11.384 -3.496  10.308  1.00 66.18  ? 137 GLU A N   1 
ATOM   912  C  CA  . GLU A 1 117 ? -11.342 -4.516  11.328  1.00 66.92  ? 137 GLU A CA  1 
ATOM   913  C  C   . GLU A 1 117 ? -10.795 -3.854  12.610  1.00 73.19  ? 137 GLU A C   1 
ATOM   914  O  O   . GLU A 1 117 ? -9.597  -3.541  12.674  1.00 74.35  ? 137 GLU A O   1 
ATOM   915  C  CB  . GLU A 1 117 ? -10.431 -5.630  10.834  1.00 66.97  ? 137 GLU A CB  1 
ATOM   916  C  CG  . GLU A 1 117 ? -10.514 -6.937  11.608  1.00 89.40  ? 137 GLU A CG  1 
ATOM   917  C  CD  . GLU A 1 117 ? -10.754 -8.125  10.693  1.00 98.17  ? 137 GLU A CD  1 
ATOM   918  O  OE1 . GLU A 1 117 ? -9.848  -8.450  9.889   1.00 89.74  ? 137 GLU A OE1 1 
ATOM   919  O  OE2 . GLU A 1 117 ? -11.864 -8.724  10.772  1.00 114.93 ? 137 GLU A OE2 1 
ATOM   920  N  N   . ILE A 1 118 ? -11.660 -3.583  13.594  1.00 74.72  ? 138 ILE A N   1 
ATOM   921  C  CA  . ILE A 1 118 ? -11.194 -3.041  14.889  1.00 75.00  ? 138 ILE A CA  1 
ATOM   922  C  C   . ILE A 1 118 ? -10.585 -4.138  15.749  1.00 84.11  ? 138 ILE A C   1 
ATOM   923  O  O   . ILE A 1 118 ? -11.301 -4.889  16.426  1.00 89.59  ? 138 ILE A O   1 
ATOM   924  C  CB  . ILE A 1 118 ? -12.272 -2.346  15.736  1.00 64.52  ? 138 ILE A CB  1 
ATOM   925  C  CG1 . ILE A 1 118 ? -12.805 -1.117  15.052  1.00 60.17  ? 138 ILE A CG1 1 
ATOM   926  C  CG2 . ILE A 1 118 ? -11.642 -1.861  17.031  1.00 75.05  ? 138 ILE A CG2 1 
ATOM   927  C  CD1 . ILE A 1 118 ? -14.225 -1.203  14.575  1.00 61.31  ? 138 ILE A CD1 1 
ATOM   928  N  N   . GLY A 1 119 ? -9.258  -4.205  15.727  1.00 96.11  ? 139 GLY A N   1 
ATOM   929  C  CA  . GLY A 1 119 ? -8.500  -5.130  16.566  1.00 100.85 ? 139 GLY A CA  1 
ATOM   930  C  C   . GLY A 1 119 ? -8.238  -4.720  18.022  1.00 108.19 ? 139 GLY A C   1 
ATOM   931  O  O   . GLY A 1 119 ? -7.329  -5.306  18.627  1.00 113.71 ? 139 GLY A O   1 
ATOM   932  N  N   . GLY A 1 120 ? -8.990  -3.747  18.591  1.00 85.03  ? 140 GLY A N   1 
ATOM   933  C  CA  . GLY A 1 120 ? -8.856  -3.432  20.032  1.00 77.15  ? 140 GLY A CA  1 
ATOM   934  C  C   . GLY A 1 120 ? -8.951  -2.014  20.584  1.00 82.39  ? 140 GLY A C   1 
ATOM   935  O  O   . GLY A 1 120 ? -8.136  -1.163  20.278  1.00 93.09  ? 140 GLY A O   1 
ATOM   936  N  N   . VAL A 1 121 ? -9.935  -1.794  21.442  1.00 77.55  ? 141 VAL A N   1 
ATOM   937  C  CA  . VAL A 1 121 ? -10.297 -0.493  21.981  1.00 81.32  ? 141 VAL A CA  1 
ATOM   938  C  C   . VAL A 1 121 ? -9.992  -0.616  23.450  1.00 95.97  ? 141 VAL A C   1 
ATOM   939  O  O   . VAL A 1 121 ? -10.247 -1.660  24.037  1.00 124.23 ? 141 VAL A O   1 
ATOM   940  C  CB  . VAL A 1 121 ? -11.816 -0.217  21.768  1.00 81.40  ? 141 VAL A CB  1 
ATOM   941  C  CG1 . VAL A 1 121 ? -12.287 1.109   22.391  1.00 76.40  ? 141 VAL A CG1 1 
ATOM   942  C  CG2 . VAL A 1 121 ? -12.158 -0.273  20.279  1.00 77.43  ? 141 VAL A CG2 1 
ATOM   943  N  N   . ALA A 1 122 ? -9.433  0.431   24.048  1.00 102.51 ? 142 ALA A N   1 
ATOM   944  C  CA  . ALA A 1 122 ? -8.909  0.363   25.414  1.00 94.97  ? 142 ALA A CA  1 
ATOM   945  C  C   . ALA A 1 122 ? -8.809  1.756   26.042  1.00 103.26 ? 142 ALA A C   1 
ATOM   946  O  O   . ALA A 1 122 ? -8.806  2.780   25.327  1.00 100.46 ? 142 ALA A O   1 
ATOM   947  C  CB  . ALA A 1 122 ? -7.539  -0.344  25.416  1.00 81.19  ? 142 ALA A CB  1 
ATOM   948  N  N   . LYS A 1 123 ? -8.768  1.788   27.378  1.00 105.50 ? 143 LYS A N   1 
ATOM   949  C  CA  . LYS A 1 123 ? -8.190  2.927   28.108  1.00 112.04 ? 143 LYS A CA  1 
ATOM   950  C  C   . LYS A 1 123 ? -6.728  2.615   28.448  1.00 119.73 ? 143 LYS A C   1 
ATOM   951  O  O   . LYS A 1 123 ? -6.426  1.567   29.016  1.00 121.15 ? 143 LYS A O   1 
ATOM   952  C  CB  . LYS A 1 123 ? -9.006  3.268   29.352  1.00 102.75 ? 143 LYS A CB  1 
ATOM   953  C  CG  . LYS A 1 123 ? -9.973  4.417   29.126  1.00 110.58 ? 143 LYS A CG  1 
ATOM   954  C  CD  . LYS A 1 123 ? -11.279 4.223   29.883  1.00 115.42 ? 143 LYS A CD  1 
ATOM   955  C  CE  . LYS A 1 123 ? -12.267 5.341   29.563  1.00 116.10 ? 143 LYS A CE  1 
ATOM   956  N  NZ  . LYS A 1 123 ? -13.668 4.818   29.482  1.00 111.78 ? 143 LYS A NZ  1 
ATOM   957  N  N   . GLY A 1 124 ? -5.822  3.515   28.073  1.00 138.07 ? 144 GLY A N   1 
ATOM   958  C  CA  . GLY A 1 124 ? -4.382  3.268   28.204  1.00 158.56 ? 144 GLY A CA  1 
ATOM   959  C  C   . GLY A 1 124 ? -3.878  3.233   29.638  1.00 182.50 ? 144 GLY A C   1 
ATOM   960  O  O   . GLY A 1 124 ? -4.665  3.399   30.595  1.00 171.08 ? 144 GLY A O   1 
ATOM   961  N  N   . LYS A 1 125 ? -2.563  3.009   29.771  1.00 185.06 ? 145 LYS A N   1 
ATOM   962  C  CA  . LYS A 1 125 ? -1.813  3.093   31.043  1.00 161.78 ? 145 LYS A CA  1 
ATOM   963  C  C   . LYS A 1 125 ? -2.347  4.259   31.918  1.00 155.69 ? 145 LYS A C   1 
ATOM   964  O  O   . LYS A 1 125 ? -2.821  4.054   33.044  1.00 126.83 ? 145 LYS A O   1 
ATOM   965  C  CB  . LYS A 1 125 ? -0.297  3.267   30.765  1.00 146.83 ? 145 LYS A CB  1 
ATOM   966  C  CG  . LYS A 1 125 ? 0.223   2.727   29.428  1.00 133.58 ? 145 LYS A CG  1 
ATOM   967  C  CD  . LYS A 1 125 ? 0.805   1.328   29.564  1.00 132.01 ? 145 LYS A CD  1 
ATOM   968  C  CE  . LYS A 1 125 ? 0.484   0.469   28.354  1.00 120.88 ? 145 LYS A CE  1 
ATOM   969  N  NZ  . LYS A 1 125 ? -0.945  0.053   28.404  1.00 107.99 ? 145 LYS A NZ  1 
ATOM   970  N  N   . ASP A 1 126 ? -2.331  5.458   31.330  1.00 151.35 ? 146 ASP A N   1 
ATOM   971  C  CA  . ASP A 1 126 ? -2.725  6.726   31.955  1.00 143.26 ? 146 ASP A CA  1 
ATOM   972  C  C   . ASP A 1 126 ? -4.244  7.018   32.088  1.00 134.56 ? 146 ASP A C   1 
ATOM   973  O  O   . ASP A 1 126 ? -4.613  8.117   32.500  1.00 123.75 ? 146 ASP A O   1 
ATOM   974  C  CB  . ASP A 1 126 ? -2.030  7.882   31.199  1.00 144.92 ? 146 ASP A CB  1 
ATOM   975  C  CG  . ASP A 1 126 ? -2.337  7.884   29.686  1.00 151.25 ? 146 ASP A CG  1 
ATOM   976  O  OD1 . ASP A 1 126 ? -2.073  6.869   28.997  1.00 147.86 ? 146 ASP A OD1 1 
ATOM   977  O  OD2 . ASP A 1 126 ? -2.827  8.916   29.178  1.00 145.34 ? 146 ASP A OD2 1 
ATOM   978  N  N   . GLY A 1 127 ? -5.117  6.066   31.750  1.00 127.88 ? 147 GLY A N   1 
ATOM   979  C  CA  . GLY A 1 127 ? -6.568  6.340   31.690  1.00 125.41 ? 147 GLY A CA  1 
ATOM   980  C  C   . GLY A 1 127 ? -7.108  7.168   30.503  1.00 135.20 ? 147 GLY A C   1 
ATOM   981  O  O   . GLY A 1 127 ? -8.299  7.514   30.480  1.00 122.10 ? 147 GLY A O   1 
ATOM   982  N  N   . LYS A 1 128 ? -6.243  7.496   29.530  1.00 138.58 ? 148 LYS A N   1 
ATOM   983  C  CA  . LYS A 1 128 ? -6.654  8.083   28.232  1.00 123.59 ? 148 LYS A CA  1 
ATOM   984  C  C   . LYS A 1 128 ? -6.709  7.000   27.149  1.00 125.57 ? 148 LYS A C   1 
ATOM   985  O  O   . LYS A 1 128 ? -5.871  6.079   27.132  1.00 116.71 ? 148 LYS A O   1 
ATOM   986  C  CB  . LYS A 1 128 ? -5.710  9.210   27.800  1.00 117.78 ? 148 LYS A CB  1 
ATOM   987  C  CG  . LYS A 1 128 ? -6.164  10.609  28.199  1.00 131.82 ? 148 LYS A CG  1 
ATOM   988  C  CD  . LYS A 1 128 ? -5.006  11.461  28.722  1.00 145.12 ? 148 LYS A CD  1 
ATOM   989  C  CE  . LYS A 1 128 ? -4.229  12.189  27.629  1.00 146.53 ? 148 LYS A CE  1 
ATOM   990  N  NZ  . LYS A 1 128 ? -4.901  13.451  27.199  1.00 153.51 ? 148 LYS A NZ  1 
ATOM   991  N  N   . GLU A 1 129 ? -7.684  7.141   26.246  1.00 114.19 ? 149 GLU A N   1 
ATOM   992  C  CA  . GLU A 1 129 ? -8.036  6.129   25.221  1.00 107.29 ? 149 GLU A CA  1 
ATOM   993  C  C   . GLU A 1 129 ? -6.928  5.718   24.226  1.00 96.47  ? 149 GLU A C   1 
ATOM   994  O  O   . GLU A 1 129 ? -6.052  6.527   23.848  1.00 87.08  ? 149 GLU A O   1 
ATOM   995  C  CB  . GLU A 1 129 ? -9.254  6.602   24.400  1.00 112.29 ? 149 GLU A CB  1 
ATOM   996  C  CG  . GLU A 1 129 ? -10.560 6.833   25.158  1.00 105.12 ? 149 GLU A CG  1 
ATOM   997  C  CD  . GLU A 1 129 ? -11.491 5.633   25.163  1.00 111.57 ? 149 GLU A CD  1 
ATOM   998  O  OE1 . GLU A 1 129 ? -12.447 5.677   25.961  1.00 101.52 ? 149 GLU A OE1 1 
ATOM   999  O  OE2 . GLU A 1 129 ? -11.292 4.667   24.373  1.00 117.73 ? 149 GLU A OE2 1 
ATOM   1000 N  N   . LYS A 1 130 ? -6.995  4.454   23.812  1.00 81.99  ? 150 LYS A N   1 
ATOM   1001 C  CA  . LYS A 1 130 ? -6.310  3.984   22.608  1.00 81.12  ? 150 LYS A CA  1 
ATOM   1002 C  C   . LYS A 1 130 ? -7.250  3.168   21.705  1.00 81.43  ? 150 LYS A C   1 
ATOM   1003 O  O   . LYS A 1 130 ? -8.388  2.868   22.107  1.00 78.88  ? 150 LYS A O   1 
ATOM   1004 C  CB  . LYS A 1 130 ? -4.992  3.257   22.920  1.00 80.59  ? 150 LYS A CB  1 
ATOM   1005 C  CG  . LYS A 1 130 ? -5.025  2.252   24.059  1.00 92.31  ? 150 LYS A CG  1 
ATOM   1006 C  CD  . LYS A 1 130 ? -3.616  1.874   24.512  1.00 88.82  ? 150 LYS A CD  1 
ATOM   1007 C  CE  . LYS A 1 130 ? -3.642  0.649   25.423  1.00 95.87  ? 150 LYS A CE  1 
ATOM   1008 N  NZ  . LYS A 1 130 ? -2.499  -0.277  25.147  1.00 101.33 ? 150 LYS A NZ  1 
ATOM   1009 N  N   . ILE A 1 131 ? -6.804  2.921   20.465  1.00 74.58  ? 151 ILE A N   1 
ATOM   1010 C  CA  . ILE A 1 131 ? -7.463  2.033   19.478  1.00 73.26  ? 151 ILE A CA  1 
ATOM   1011 C  C   . ILE A 1 131 ? -6.410  1.421   18.601  1.00 76.95  ? 151 ILE A C   1 
ATOM   1012 O  O   . ILE A 1 131 ? -5.355  2.021   18.389  1.00 85.96  ? 151 ILE A O   1 
ATOM   1013 C  CB  . ILE A 1 131 ? -8.452  2.707   18.488  1.00 69.68  ? 151 ILE A CB  1 
ATOM   1014 C  CG1 . ILE A 1 131 ? -7.831  3.937   17.833  1.00 66.95  ? 151 ILE A CG1 1 
ATOM   1015 C  CG2 . ILE A 1 131 ? -9.804  3.018   19.123  1.00 71.40  ? 151 ILE A CG2 1 
ATOM   1016 C  CD1 . ILE A 1 131 ? -8.796  4.616   16.890  1.00 76.02  ? 151 ILE A CD1 1 
ATOM   1017 N  N   . GLY A 1 132 ? -6.723  0.242   18.075  1.00 79.84  ? 152 GLY A N   1 
ATOM   1018 C  CA  . GLY A 1 132 ? -5.892  -0.443  17.089  1.00 83.84  ? 152 GLY A CA  1 
ATOM   1019 C  C   . GLY A 1 132 ? -6.840  -1.025  16.062  1.00 87.89  ? 152 GLY A C   1 
ATOM   1020 O  O   . GLY A 1 132 ? -7.598  -1.931  16.375  1.00 109.93 ? 152 GLY A O   1 
ATOM   1021 N  N   . PHE A 1 133 ? -6.844  -0.479  14.853  1.00 75.98  ? 153 PHE A N   1 
ATOM   1022 C  CA  . PHE A 1 133 ? -7.671  -1.036  13.788  1.00 71.70  ? 153 PHE A CA  1 
ATOM   1023 C  C   . PHE A 1 133 ? -6.852  -1.303  12.549  1.00 70.48  ? 153 PHE A C   1 
ATOM   1024 O  O   . PHE A 1 133 ? -5.723  -0.817  12.430  1.00 75.09  ? 153 PHE A O   1 
ATOM   1025 C  CB  . PHE A 1 133 ? -8.851  -0.123  13.453  1.00 70.96  ? 153 PHE A CB  1 
ATOM   1026 C  CG  . PHE A 1 133 ? -8.444  1.230   12.981  1.00 74.88  ? 153 PHE A CG  1 
ATOM   1027 C  CD1 . PHE A 1 133 ? -8.217  2.258   13.889  1.00 77.94  ? 153 PHE A CD1 1 
ATOM   1028 C  CD2 . PHE A 1 133 ? -8.275  1.487   11.630  1.00 73.15  ? 153 PHE A CD2 1 
ATOM   1029 C  CE1 . PHE A 1 133 ? -7.823  3.512   13.452  1.00 77.72  ? 153 PHE A CE1 1 
ATOM   1030 C  CE2 . PHE A 1 133 ? -7.884  2.742   11.191  1.00 74.11  ? 153 PHE A CE2 1 
ATOM   1031 C  CZ  . PHE A 1 133 ? -7.652  3.756   12.102  1.00 73.45  ? 153 PHE A CZ  1 
ATOM   1032 N  N   . SER A 1 134 ? -7.421  -2.078  11.627  1.00 67.40  ? 154 SER A N   1 
ATOM   1033 C  CA  . SER A 1 134 ? -6.819  -2.229  10.307  1.00 62.27  ? 154 SER A CA  1 
ATOM   1034 C  C   . SER A 1 134 ? -7.792  -1.830  9.172   1.00 60.39  ? 154 SER A C   1 
ATOM   1035 O  O   . SER A 1 134 ? -9.033  -1.911  9.307   1.00 61.02  ? 154 SER A O   1 
ATOM   1036 C  CB  . SER A 1 134 ? -6.293  -3.636  10.134  1.00 63.36  ? 154 SER A CB  1 
ATOM   1037 O  OG  . SER A 1 134 ? -7.387  -4.484  9.852   1.00 78.62  ? 154 SER A OG  1 
ATOM   1038 N  N   . LEU A 1 135 ? -7.219  -1.351  8.078   1.00 57.04  ? 155 LEU A N   1 
ATOM   1039 C  CA  . LEU A 1 135 ? -7.985  -1.041  6.874   1.00 61.75  ? 155 LEU A CA  1 
ATOM   1040 C  C   . LEU A 1 135 ? -7.382  -1.843  5.745   1.00 64.01  ? 155 LEU A C   1 
ATOM   1041 O  O   . LEU A 1 135 ? -6.143  -1.804  5.548   1.00 61.68  ? 155 LEU A O   1 
ATOM   1042 C  CB  . LEU A 1 135 ? -7.943  0.453   6.566   1.00 58.37  ? 155 LEU A CB  1 
ATOM   1043 C  CG  . LEU A 1 135 ? -8.568  1.384   7.609   1.00 61.71  ? 155 LEU A CG  1 
ATOM   1044 C  CD1 . LEU A 1 135 ? -8.452  2.831   7.151   1.00 60.69  ? 155 LEU A CD1 1 
ATOM   1045 C  CD2 . LEU A 1 135 ? -10.031 1.061   7.882   1.00 56.75  ? 155 LEU A CD2 1 
ATOM   1046 N  N   . ASN A 1 136 ? -8.234  -2.608  5.051   1.00 58.48  ? 156 ASN A N   1 
ATOM   1047 C  CA  . ASN A 1 136 ? -7.760  -3.516  4.004   1.00 55.89  ? 156 ASN A CA  1 
ATOM   1048 C  C   . ASN A 1 136 ? -8.671  -3.415  2.848   1.00 60.45  ? 156 ASN A C   1 
ATOM   1049 O  O   . ASN A 1 136 ? -9.879  -3.311  3.057   1.00 71.39  ? 156 ASN A O   1 
ATOM   1050 C  CB  . ASN A 1 136 ? -7.770  -4.950  4.473   1.00 56.61  ? 156 ASN A CB  1 
ATOM   1051 C  CG  . ASN A 1 136 ? -6.750  -5.206  5.549   1.00 67.62  ? 156 ASN A CG  1 
ATOM   1052 O  OD1 . ASN A 1 136 ? -5.601  -5.520  5.264   1.00 72.59  ? 156 ASN A OD1 1 
ATOM   1053 N  ND2 . ASN A 1 136 ? -7.169  -5.075  6.809   1.00 77.38  ? 156 ASN A ND2 1 
ATOM   1054 N  N   . GLY A 1 137 ? -8.104  -3.426  1.637   1.00 53.86  ? 157 GLY A N   1 
ATOM   1055 C  CA  . GLY A 1 137 ? -8.885  -3.463  0.397   1.00 51.64  ? 157 GLY A CA  1 
ATOM   1056 C  C   . GLY A 1 137 ? -7.993  -3.509  -0.829  1.00 55.96  ? 157 GLY A C   1 
ATOM   1057 O  O   . GLY A 1 137 ? -6.774  -3.368  -0.738  1.00 61.71  ? 157 GLY A O   1 
ATOM   1058 N  N   . LYS A 1 138 ? -8.608  -3.721  -1.980  1.00 57.09  ? 158 LYS A N   1 
ATOM   1059 C  CA  . LYS A 1 138 ? -7.887  -3.876  -3.228  1.00 57.33  ? 158 LYS A CA  1 
ATOM   1060 C  C   . LYS A 1 138 ? -8.310  -2.708  -4.154  1.00 59.31  ? 158 LYS A C   1 
ATOM   1061 O  O   . LYS A 1 138 ? -9.496  -2.461  -4.340  1.00 60.79  ? 158 LYS A O   1 
ATOM   1062 C  CB  . LYS A 1 138 ? -8.123  -5.295  -3.846  1.00 51.44  ? 158 LYS A CB  1 
ATOM   1063 N  N   . ILE A 1 139 ? -7.348  -1.968  -4.704  1.00 58.84  ? 159 ILE A N   1 
ATOM   1064 C  CA  . ILE A 1 139 ? -7.642  -0.934  -5.727  1.00 60.26  ? 159 ILE A CA  1 
ATOM   1065 C  C   . ILE A 1 139 ? -6.998  -1.334  -7.054  1.00 62.52  ? 159 ILE A C   1 
ATOM   1066 O  O   . ILE A 1 139 ? -5.981  -2.058  -7.050  1.00 67.58  ? 159 ILE A O   1 
ATOM   1067 C  CB  . ILE A 1 139 ? -7.173  0.472   -5.282  1.00 56.74  ? 159 ILE A CB  1 
ATOM   1068 C  CG1 . ILE A 1 139 ? -5.663  0.499   -5.034  1.00 58.97  ? 159 ILE A CG1 1 
ATOM   1069 C  CG2 . ILE A 1 139 ? -7.894  0.855   -4.001  1.00 59.34  ? 159 ILE A CG2 1 
ATOM   1070 C  CD1 . ILE A 1 139 ? -5.102  1.850   -4.676  1.00 57.99  ? 159 ILE A CD1 1 
ATOM   1071 N  N   . LYS A 1 140 ? -7.585  -0.885  -8.166  1.00 60.10  ? 160 LYS A N   1 
ATOM   1072 C  CA  . LYS A 1 140 ? -7.011  -1.146  -9.509  1.00 59.79  ? 160 LYS A CA  1 
ATOM   1073 C  C   . LYS A 1 140 ? -6.239  0.049   -10.078 1.00 58.43  ? 160 LYS A C   1 
ATOM   1074 O  O   . LYS A 1 140 ? -6.845  1.087   -10.356 1.00 62.35  ? 160 LYS A O   1 
ATOM   1075 C  CB  . LYS A 1 140 ? -8.100  -1.521  -10.525 1.00 55.57  ? 160 LYS A CB  1 
ATOM   1076 C  CG  . LYS A 1 140 ? -9.084  -2.563  -10.048 1.00 61.82  ? 160 LYS A CG  1 
ATOM   1077 C  CD  . LYS A 1 140 ? -9.488  -3.502  -11.159 1.00 69.25  ? 160 LYS A CD  1 
ATOM   1078 C  CE  . LYS A 1 140 ? -10.682 -2.992  -11.933 1.00 75.17  ? 160 LYS A CE  1 
ATOM   1079 N  NZ  . LYS A 1 140 ? -11.813 -3.918  -11.680 1.00 90.30  ? 160 LYS A NZ  1 
ATOM   1080 N  N   . ARG A 1 141 ? -4.928  -0.101  -10.280 1.00 58.44  ? 161 ARG A N   1 
ATOM   1081 C  CA  . ARG A 1 141 ? -4.107  0.848   -11.090 1.00 53.69  ? 161 ARG A CA  1 
ATOM   1082 C  C   . ARG A 1 141 ? -4.957  1.500   -12.205 1.00 56.33  ? 161 ARG A C   1 
ATOM   1083 O  O   . ARG A 1 141 ? -5.013  2.720   -12.327 1.00 60.91  ? 161 ARG A O   1 
ATOM   1084 C  CB  . ARG A 1 141 ? -2.854  0.151   -11.676 1.00 49.60  ? 161 ARG A CB  1 
ATOM   1085 C  CG  . ARG A 1 141 ? -1.680  -0.089  -10.693 1.00 55.04  ? 161 ARG A CG  1 
ATOM   1086 C  CD  . ARG A 1 141 ? -0.472  -0.813  -11.318 1.00 55.33  ? 161 ARG A CD  1 
ATOM   1087 N  NE  . ARG A 1 141 ? -0.477  -0.571  -12.755 1.00 73.12  ? 161 ARG A NE  1 
ATOM   1088 C  CZ  . ARG A 1 141 ? -0.092  -1.399  -13.717 1.00 77.26  ? 161 ARG A CZ  1 
ATOM   1089 N  NH1 . ARG A 1 141 ? 0.395   -2.592  -13.463 1.00 92.53  ? 161 ARG A NH1 1 
ATOM   1090 N  NH2 . ARG A 1 141 ? -0.205  -1.008  -14.970 1.00 88.22  ? 161 ARG A NH2 1 
ATOM   1091 N  N   . SER A 1 142 ? -5.687  0.702   -12.972 1.00 52.22  ? 162 SER A N   1 
ATOM   1092 C  CA  . SER A 1 142 ? -6.394  1.253   -14.104 1.00 52.65  ? 162 SER A CA  1 
ATOM   1093 C  C   . SER A 1 142 ? -7.517  2.228   -13.725 1.00 56.13  ? 162 SER A C   1 
ATOM   1094 O  O   . SER A 1 142 ? -7.865  3.104   -14.504 1.00 62.00  ? 162 SER A O   1 
ATOM   1095 C  CB  . SER A 1 142 ? -6.927  0.132   -14.985 1.00 49.63  ? 162 SER A CB  1 
ATOM   1096 O  OG  . SER A 1 142 ? -7.916  -0.618  -14.293 1.00 54.54  ? 162 SER A OG  1 
ATOM   1097 N  N   . ASP A 1 143 ? -8.111  2.062   -12.550 1.00 64.67  ? 163 ASP A N   1 
ATOM   1098 C  CA  . ASP A 1 143 ? -9.195  2.942   -12.112 1.00 64.44  ? 163 ASP A CA  1 
ATOM   1099 C  C   . ASP A 1 143 ? -8.669  4.366   -11.909 1.00 65.58  ? 163 ASP A C   1 
ATOM   1100 O  O   . ASP A 1 143 ? -9.420  5.318   -12.043 1.00 67.92  ? 163 ASP A O   1 
ATOM   1101 C  CB  . ASP A 1 143 ? -9.781  2.453   -10.788 1.00 76.98  ? 163 ASP A CB  1 
ATOM   1102 C  CG  . ASP A 1 143 ? -10.756 1.299   -10.944 1.00 72.31  ? 163 ASP A CG  1 
ATOM   1103 O  OD1 . ASP A 1 143 ? -11.441 1.202   -11.976 1.00 60.62  ? 163 ASP A OD1 1 
ATOM   1104 O  OD2 . ASP A 1 143 ? -10.838 0.505   -9.992  1.00 76.03  ? 163 ASP A OD2 1 
ATOM   1105 N  N   . PHE A 1 144 ? -7.378  4.477   -11.602 1.00 58.89  ? 164 PHE A N   1 
ATOM   1106 C  CA  . PHE A 1 144 ? -6.693  5.723   -11.315 1.00 60.23  ? 164 PHE A CA  1 
ATOM   1107 C  C   . PHE A 1 144 ? -5.749  6.135   -12.430 1.00 64.39  ? 164 PHE A C   1 
ATOM   1108 O  O   . PHE A 1 144 ? -4.898  6.994   -12.209 1.00 61.66  ? 164 PHE A O   1 
ATOM   1109 C  CB  . PHE A 1 144 ? -5.815  5.531   -10.066 1.00 62.34  ? 164 PHE A CB  1 
ATOM   1110 C  CG  . PHE A 1 144 ? -6.595  5.348   -8.807  1.00 68.91  ? 164 PHE A CG  1 
ATOM   1111 C  CD1 . PHE A 1 144 ? -7.021  4.081   -8.417  1.00 65.85  ? 164 PHE A CD1 1 
ATOM   1112 C  CD2 . PHE A 1 144 ? -6.939  6.454   -8.019  1.00 67.92  ? 164 PHE A CD2 1 
ATOM   1113 C  CE1 . PHE A 1 144 ? -7.751  3.920   -7.253  1.00 71.55  ? 164 PHE A CE1 1 
ATOM   1114 C  CE2 . PHE A 1 144 ? -7.666  6.303   -6.854  1.00 63.87  ? 164 PHE A CE2 1 
ATOM   1115 C  CZ  . PHE A 1 144 ? -8.074  5.033   -6.472  1.00 74.16  ? 164 PHE A CZ  1 
ATOM   1116 N  N   . LYS A 1 145 ? -5.850  5.492   -13.595 1.00 62.24  ? 165 LYS A N   1 
ATOM   1117 C  CA  . LYS A 1 145 ? -4.808  5.566   -14.640 1.00 58.08  ? 165 LYS A CA  1 
ATOM   1118 C  C   . LYS A 1 145 ? -3.358  5.648   -14.136 1.00 55.17  ? 165 LYS A C   1 
ATOM   1119 O  O   . LYS A 1 145 ? -2.557  6.413   -14.670 1.00 64.65  ? 165 LYS A O   1 
ATOM   1120 C  CB  . LYS A 1 145 ? -5.123  6.667   -15.637 1.00 61.57  ? 165 LYS A CB  1 
ATOM   1121 C  CG  . LYS A 1 145 ? -6.584  6.627   -16.045 1.00 66.78  ? 165 LYS A CG  1 
ATOM   1122 C  CD  . LYS A 1 145 ? -6.777  6.558   -17.560 1.00 73.72  ? 165 LYS A CD  1 
ATOM   1123 C  CE  . LYS A 1 145 ? -8.242  6.808   -17.936 1.00 78.62  ? 165 LYS A CE  1 
ATOM   1124 N  NZ  . LYS A 1 145 ? -8.803  8.068   -17.306 1.00 74.93  ? 165 LYS A NZ  1 
ATOM   1125 N  N   . PHE A 1 146 ? -3.044  4.855   -13.109 1.00 53.80  ? 166 PHE A N   1 
ATOM   1126 C  CA  . PHE A 1 146 ? -1.718  4.788   -12.528 1.00 58.57  ? 166 PHE A CA  1 
ATOM   1127 C  C   . PHE A 1 146 ? -0.785  3.879   -13.330 1.00 64.98  ? 166 PHE A C   1 
ATOM   1128 O  O   . PHE A 1 146 ? -1.163  2.738   -13.690 1.00 73.81  ? 166 PHE A O   1 
ATOM   1129 C  CB  . PHE A 1 146 ? -1.816  4.291   -11.102 1.00 55.04  ? 166 PHE A CB  1 
ATOM   1130 C  CG  . PHE A 1 146 ? -0.546  4.398   -10.370 1.00 51.85  ? 166 PHE A CG  1 
ATOM   1131 C  CD1 . PHE A 1 146 ? -0.108  5.644   -9.983  1.00 51.33  ? 166 PHE A CD1 1 
ATOM   1132 C  CD2 . PHE A 1 146 ? 0.250   3.270   -10.100 1.00 48.49  ? 166 PHE A CD2 1 
ATOM   1133 C  CE1 . PHE A 1 146 ? 1.101   5.808   -9.305  1.00 55.96  ? 166 PHE A CE1 1 
ATOM   1134 C  CE2 . PHE A 1 146 ? 1.457   3.420   -9.396  1.00 54.14  ? 166 PHE A CE2 1 
ATOM   1135 C  CZ  . PHE A 1 146 ? 1.882   4.699   -8.999  1.00 55.52  ? 166 PHE A CZ  1 
ATOM   1136 N  N   . ALA A 1 147 ? 0.419   4.399   -13.594 1.00 60.71  ? 167 ALA A N   1 
ATOM   1137 C  CA  . ALA A 1 147 ? 1.466   3.725   -14.391 1.00 65.48  ? 167 ALA A CA  1 
ATOM   1138 C  C   . ALA A 1 147 ? 0.973   3.108   -15.715 1.00 67.23  ? 167 ALA A C   1 
ATOM   1139 O  O   . ALA A 1 147 ? 1.364   1.985   -16.044 1.00 75.44  ? 167 ALA A O   1 
ATOM   1140 C  CB  . ALA A 1 147 ? 2.230   2.696   -13.541 1.00 59.16  ? 167 ALA A CB  1 
ATOM   1141 N  N   . THR A 1 148 ? 0.125   3.844   -16.456 1.00 60.60  ? 168 THR A N   1 
ATOM   1142 C  CA  . THR A 1 148 ? -0.499  3.341   -17.713 1.00 69.21  ? 168 THR A CA  1 
ATOM   1143 C  C   . THR A 1 148 ? 0.481   2.758   -18.735 1.00 65.62  ? 168 THR A C   1 
ATOM   1144 O  O   . THR A 1 148 ? 0.097   1.865   -19.460 1.00 65.84  ? 168 THR A O   1 
ATOM   1145 C  CB  . THR A 1 148 ? -1.428  4.360   -18.457 1.00 68.00  ? 168 THR A CB  1 
ATOM   1146 O  OG1 . THR A 1 148 ? -0.833  5.664   -18.443 1.00 103.74 ? 168 THR A OG1 1 
ATOM   1147 C  CG2 . THR A 1 148 ? -2.835  4.430   -17.838 1.00 75.74  ? 168 THR A CG2 1 
ATOM   1148 N  N   . SER A 1 149 ? 1.715   3.273   -18.783 1.00 68.07  ? 169 SER A N   1 
ATOM   1149 C  CA  . SER A 1 149 ? 2.789   2.774   -19.656 1.00 75.81  ? 169 SER A CA  1 
ATOM   1150 C  C   . SER A 1 149 ? 3.191   1.297   -19.334 1.00 80.97  ? 169 SER A C   1 
ATOM   1151 O  O   . SER A 1 149 ? 3.359   0.479   -20.263 1.00 79.88  ? 169 SER A O   1 
ATOM   1152 C  CB  . SER A 1 149 ? 4.015   3.693   -19.560 1.00 66.71  ? 169 SER A CB  1 
ATOM   1153 O  OG  . SER A 1 149 ? 4.445   3.732   -18.210 1.00 85.67  ? 169 SER A OG  1 
ATOM   1154 N  N   . THR A 1 150 ? 3.350   0.980   -18.035 1.00 74.80  ? 170 THR A N   1 
ATOM   1155 C  CA  . THR A 1 150 ? 3.532   -0.408  -17.539 1.00 68.09  ? 170 THR A CA  1 
ATOM   1156 C  C   . THR A 1 150 ? 2.312   -1.316  -17.770 1.00 68.81  ? 170 THR A C   1 
ATOM   1157 O  O   . THR A 1 150 ? 1.205   -0.981  -17.361 1.00 68.25  ? 170 THR A O   1 
ATOM   1158 C  CB  . THR A 1 150 ? 3.843   -0.434  -16.051 1.00 60.36  ? 170 THR A CB  1 
ATOM   1159 O  OG1 . THR A 1 150 ? 4.886   0.503   -15.751 1.00 61.72  ? 170 THR A OG1 1 
ATOM   1160 C  CG2 . THR A 1 150 ? 4.284   -1.787  -15.647 1.00 62.55  ? 170 THR A CG2 1 
ATOM   1161 N  N   . SER A 1 151 ? 2.530   -2.438  -18.463 1.00 78.34  ? 171 SER A N   1 
ATOM   1162 C  CA  . SER A 1 151 ? 1.494   -3.451  -18.758 1.00 80.95  ? 171 SER A CA  1 
ATOM   1163 C  C   . SER A 1 151 ? 0.929   -4.100  -17.494 1.00 79.54  ? 171 SER A C   1 
ATOM   1164 O  O   . SER A 1 151 ? 1.642   -4.247  -16.466 1.00 72.13  ? 171 SER A O   1 
ATOM   1165 C  CB  . SER A 1 151 ? 2.104   -4.568  -19.603 1.00 86.06  ? 171 SER A CB  1 
ATOM   1166 O  OG  . SER A 1 151 ? 1.111   -5.321  -20.259 1.00 89.37  ? 171 SER A OG  1 
ATOM   1167 N  N   . THR A 1 152 ? -0.338  -4.514  -17.572 1.00 68.19  ? 172 THR A N   1 
ATOM   1168 C  CA  . THR A 1 152 ? -0.901  -5.309  -16.473 1.00 70.15  ? 172 THR A CA  1 
ATOM   1169 C  C   . THR A 1 152 ? -0.279  -6.717  -16.371 1.00 74.64  ? 172 THR A C   1 
ATOM   1170 O  O   . THR A 1 152 ? -0.451  -7.379  -15.353 1.00 85.96  ? 172 THR A O   1 
ATOM   1171 C  CB  . THR A 1 152 ? -2.421  -5.464  -16.529 1.00 65.74  ? 172 THR A CB  1 
ATOM   1172 O  OG1 . THR A 1 152 ? -2.810  -5.800  -17.850 1.00 67.88  ? 172 THR A OG1 1 
ATOM   1173 C  CG2 . THR A 1 152 ? -3.120  -4.217  -16.077 1.00 59.03  ? 172 THR A CG2 1 
ATOM   1174 N  N   . ILE A 1 153 ? 0.447   -7.156  -17.401 1.00 68.69  ? 173 ILE A N   1 
ATOM   1175 C  CA  . ILE A 1 153 ? 1.226   -8.381  -17.332 1.00 63.99  ? 173 ILE A CA  1 
ATOM   1176 C  C   . ILE A 1 153 ? 2.431   -8.271  -16.402 1.00 64.12  ? 173 ILE A C   1 
ATOM   1177 O  O   . ILE A 1 153 ? 2.515   -9.017  -15.439 1.00 83.05  ? 173 ILE A O   1 
ATOM   1178 C  CB  . ILE A 1 153 ? 1.657   -8.846  -18.711 1.00 67.66  ? 173 ILE A CB  1 
ATOM   1179 C  CG1 . ILE A 1 153 ? 0.431   -8.919  -19.633 1.00 66.52  ? 173 ILE A CG1 1 
ATOM   1180 C  CG2 . ILE A 1 153 ? 2.328   -10.199 -18.578 1.00 74.80  ? 173 ILE A CG2 1 
ATOM   1181 C  CD1 . ILE A 1 153 ? 0.733   -8.998  -21.119 1.00 62.78  ? 173 ILE A CD1 1 
ATOM   1182 N  N   . THR A 1 154 ? 3.343   -7.348  -16.675 1.00 66.84  ? 174 THR A N   1 
ATOM   1183 C  CA  . THR A 1 154 ? 4.547   -7.105  -15.846 1.00 71.65  ? 174 THR A CA  1 
ATOM   1184 C  C   . THR A 1 154 ? 4.244   -6.825  -14.356 1.00 69.26  ? 174 THR A C   1 
ATOM   1185 O  O   . THR A 1 154 ? 4.946   -7.303  -13.452 1.00 64.11  ? 174 THR A O   1 
ATOM   1186 C  CB  . THR A 1 154 ? 5.355   -5.900  -16.413 1.00 77.00  ? 174 THR A CB  1 
ATOM   1187 O  OG1 . THR A 1 154 ? 5.514   -6.058  -17.826 1.00 94.28  ? 174 THR A OG1 1 
ATOM   1188 C  CG2 . THR A 1 154 ? 6.752   -5.695  -15.706 1.00 74.80  ? 174 THR A CG2 1 
ATOM   1189 N  N   . LEU A 1 155 ? 3.223   -5.992  -14.135 1.00 71.57  ? 175 LEU A N   1 
ATOM   1190 C  CA  . LEU A 1 155 ? 2.872   -5.445  -12.824 1.00 61.79  ? 175 LEU A CA  1 
ATOM   1191 C  C   . LEU A 1 155 ? 1.379   -5.545  -12.761 1.00 68.35  ? 175 LEU A C   1 
ATOM   1192 O  O   . LEU A 1 155 ? 0.681   -5.191  -13.729 1.00 67.72  ? 175 LEU A O   1 
ATOM   1193 C  CB  . LEU A 1 155 ? 3.266   -4.003  -12.735 1.00 54.14  ? 175 LEU A CB  1 
ATOM   1194 C  CG  . LEU A 1 155 ? 3.068   -3.246  -11.443 1.00 59.90  ? 175 LEU A CG  1 
ATOM   1195 C  CD1 . LEU A 1 155 ? 4.098   -3.620  -10.379 1.00 55.04  ? 175 LEU A CD1 1 
ATOM   1196 C  CD2 . LEU A 1 155 ? 3.185   -1.765  -11.793 1.00 60.12  ? 175 LEU A CD2 1 
ATOM   1197 N  N   . SER A 1 156 ? 0.900   -6.079  -11.641 1.00 65.99  ? 176 SER A N   1 
ATOM   1198 C  CA  . SER A 1 156 ? -0.497  -6.403  -11.496 1.00 62.56  ? 176 SER A CA  1 
ATOM   1199 C  C   . SER A 1 156 ? -1.321  -5.111  -11.519 1.00 64.18  ? 176 SER A C   1 
ATOM   1200 O  O   . SER A 1 156 ? -0.870  -4.080  -10.981 1.00 63.02  ? 176 SER A O   1 
ATOM   1201 C  CB  . SER A 1 156 ? -0.695  -7.110  -10.171 1.00 60.55  ? 176 SER A CB  1 
ATOM   1202 O  OG  . SER A 1 156 ? -2.078  -7.223  -9.939  1.00 73.26  ? 176 SER A OG  1 
ATOM   1203 N  N   . ASP A 1 157 ? -2.513  -5.163  -12.117 1.00 56.86  ? 177 ASP A N   1 
ATOM   1204 C  CA  . ASP A 1 157 ? -3.473  -4.061  -11.992 1.00 54.39  ? 177 ASP A CA  1 
ATOM   1205 C  C   . ASP A 1 157 ? -3.946  -3.886  -10.543 1.00 62.80  ? 177 ASP A C   1 
ATOM   1206 O  O   . ASP A 1 157 ? -4.262  -2.766  -10.135 1.00 69.94  ? 177 ASP A O   1 
ATOM   1207 C  CB  . ASP A 1 157 ? -4.670  -4.293  -12.900 1.00 53.43  ? 177 ASP A CB  1 
ATOM   1208 C  CG  . ASP A 1 157 ? -5.455  -3.016  -13.217 1.00 60.46  ? 177 ASP A CG  1 
ATOM   1209 O  OD1 . ASP A 1 157 ? -4.909  -1.885  -13.249 1.00 61.42  ? 177 ASP A OD1 1 
ATOM   1210 O  OD2 . ASP A 1 157 ? -6.660  -3.160  -13.481 1.00 65.47  ? 177 ASP A OD2 1 
ATOM   1211 N  N   . ASP A 1 158 ? -3.967  -4.980  -9.765  1.00 64.65  ? 178 ASP A N   1 
ATOM   1212 C  CA  . ASP A 1 158 ? -4.458  -4.966  -8.377  1.00 61.38  ? 178 ASP A CA  1 
ATOM   1213 C  C   . ASP A 1 158 ? -3.380  -4.560  -7.421  1.00 60.29  ? 178 ASP A C   1 
ATOM   1214 O  O   . ASP A 1 158 ? -2.291  -5.151  -7.457  1.00 68.04  ? 178 ASP A O   1 
ATOM   1215 C  CB  . ASP A 1 158 ? -5.042  -6.328  -7.970  1.00 60.11  ? 178 ASP A CB  1 
ATOM   1216 C  CG  . ASP A 1 158 ? -6.220  -6.731  -8.841  1.00 71.83  ? 178 ASP A CG  1 
ATOM   1217 O  OD1 . ASP A 1 158 ? -7.293  -6.093  -8.782  1.00 79.39  ? 178 ASP A OD1 1 
ATOM   1218 O  OD2 . ASP A 1 158 ? -6.062  -7.667  -9.635  1.00 81.55  ? 178 ASP A OD2 1 
ATOM   1219 N  N   . ILE A 1 159 ? -3.680  -3.545  -6.592  1.00 59.24  ? 179 ILE A N   1 
ATOM   1220 C  CA  . ILE A 1 159 ? -2.858  -3.183  -5.416  1.00 59.31  ? 179 ILE A CA  1 
ATOM   1221 C  C   . ILE A 1 159 ? -3.644  -3.518  -4.160  1.00 59.79  ? 179 ILE A C   1 
ATOM   1222 O  O   . ILE A 1 159 ? -4.827  -3.199  -4.082  1.00 57.89  ? 179 ILE A O   1 
ATOM   1223 C  CB  . ILE A 1 159 ? -2.551  -1.671  -5.329  1.00 57.88  ? 179 ILE A CB  1 
ATOM   1224 C  CG1 . ILE A 1 159 ? -1.871  -1.169  -6.578  1.00 59.31  ? 179 ILE A CG1 1 
ATOM   1225 C  CG2 . ILE A 1 159 ? -1.602  -1.411  -4.170  1.00 61.88  ? 179 ILE A CG2 1 
ATOM   1226 C  CD1 . ILE A 1 159 ? -1.962  0.323   -6.751  1.00 69.30  ? 179 ILE A CD1 1 
ATOM   1227 N  N   . ASN A 1 160 ? -2.984  -4.130  -3.181  1.00 59.91  ? 180 ASN A N   1 
ATOM   1228 C  CA  . ASN A 1 160 ? -3.623  -4.478  -1.915  1.00 65.38  ? 180 ASN A CA  1 
ATOM   1229 C  C   . ASN A 1 160 ? -3.164  -3.532  -0.865  1.00 68.57  ? 180 ASN A C   1 
ATOM   1230 O  O   . ASN A 1 160 ? -1.970  -3.418  -0.610  1.00 75.80  ? 180 ASN A O   1 
ATOM   1231 C  CB  . ASN A 1 160 ? -3.289  -5.910  -1.450  1.00 70.57  ? 180 ASN A CB  1 
ATOM   1232 C  CG  . ASN A 1 160 ? -3.951  -6.986  -2.299  1.00 70.84  ? 180 ASN A CG  1 
ATOM   1233 O  OD1 . ASN A 1 160 ? -5.143  -6.935  -2.641  1.00 84.94  ? 180 ASN A OD1 1 
ATOM   1234 N  ND2 . ASN A 1 160 ? -3.163  -7.973  -2.654  1.00 89.57  ? 180 ASN A ND2 1 
ATOM   1235 N  N   . LEU A 1 161 ? -4.123  -2.875  -0.236  1.00 66.45  ? 181 LEU A N   1 
ATOM   1236 C  CA  . LEU A 1 161 ? -3.835  -1.900  0.790   1.00 64.26  ? 181 LEU A CA  1 
ATOM   1237 C  C   . LEU A 1 161 ? -3.977  -2.560  2.138   1.00 66.84  ? 181 LEU A C   1 
ATOM   1238 O  O   . LEU A 1 161 ? -5.013  -3.164  2.451   1.00 69.13  ? 181 LEU A O   1 
ATOM   1239 C  CB  . LEU A 1 161 ? -4.790  -0.721  0.660   1.00 64.74  ? 181 LEU A CB  1 
ATOM   1240 C  CG  . LEU A 1 161 ? -4.985  -0.170  -0.737  1.00 65.31  ? 181 LEU A CG  1 
ATOM   1241 C  CD1 . LEU A 1 161 ? -5.917  1.020   -0.721  1.00 68.13  ? 181 LEU A CD1 1 
ATOM   1242 C  CD2 . LEU A 1 161 ? -3.623  0.222   -1.266  1.00 70.85  ? 181 LEU A CD2 1 
ATOM   1243 N  N   . ASN A 1 162 ? -2.914  -2.491  2.916   1.00 69.60  ? 182 ASN A N   1 
ATOM   1244 C  CA  . ASN A 1 162 ? -2.970  -2.922  4.291   1.00 73.84  ? 182 ASN A CA  1 
ATOM   1245 C  C   . ASN A 1 162 ? -2.537  -1.758  5.237   1.00 78.01  ? 182 ASN A C   1 
ATOM   1246 O  O   . ASN A 1 162 ? -1.334  -1.490  5.414   1.00 83.04  ? 182 ASN A O   1 
ATOM   1247 C  CB  . ASN A 1 162 ? -2.169  -4.225  4.490   1.00 78.18  ? 182 ASN A CB  1 
ATOM   1248 C  CG  . ASN A 1 162 ? -2.066  -4.612  5.961   1.00 96.90  ? 182 ASN A CG  1 
ATOM   1249 O  OD1 . ASN A 1 162 ? -1.094  -4.264  6.634   1.00 119.72 ? 182 ASN A OD1 1 
ATOM   1250 N  ND2 . ASN A 1 162 ? -3.106  -5.256  6.490   1.00 97.01  ? 182 ASN A ND2 1 
ATOM   1251 N  N   . ILE A 1 163 ? -3.519  -1.055  5.811   1.00 66.29  ? 183 ILE A N   1 
ATOM   1252 C  CA  . ILE A 1 163 ? -3.237  0.037   6.740   1.00 63.05  ? 183 ILE A CA  1 
ATOM   1253 C  C   . ILE A 1 163 ? -3.405  -0.506  8.145   1.00 68.77  ? 183 ILE A C   1 
ATOM   1254 O  O   . ILE A 1 163 ? -4.503  -0.913  8.529   1.00 71.87  ? 183 ILE A O   1 
ATOM   1255 C  CB  . ILE A 1 163 ? -4.192  1.243   6.567   1.00 62.90  ? 183 ILE A CB  1 
ATOM   1256 C  CG1 . ILE A 1 163 ? -4.464  1.579   5.093   1.00 62.14  ? 183 ILE A CG1 1 
ATOM   1257 C  CG2 . ILE A 1 163 ? -3.686  2.459   7.318   1.00 57.48  ? 183 ILE A CG2 1 
ATOM   1258 C  CD1 . ILE A 1 163 ? -3.260  1.597   4.186   1.00 61.73  ? 183 ILE A CD1 1 
ATOM   1259 N  N   . GLU A 1 164 ? -2.319  -0.519  8.905   1.00 69.79  ? 184 GLU A N   1 
ATOM   1260 C  CA  . GLU A 1 164 ? -2.351  -0.996  10.274  1.00 73.80  ? 184 GLU A CA  1 
ATOM   1261 C  C   . GLU A 1 164 ? -2.095  0.179   11.232  1.00 72.63  ? 184 GLU A C   1 
ATOM   1262 O  O   . GLU A 1 164 ? -1.007  0.728   11.253  1.00 78.50  ? 184 GLU A O   1 
ATOM   1263 C  CB  . GLU A 1 164 ? -1.316  -2.108  10.445  1.00 84.87  ? 184 GLU A CB  1 
ATOM   1264 C  CG  . GLU A 1 164 ? -1.556  -3.030  11.638  1.00 102.99 ? 184 GLU A CG  1 
ATOM   1265 C  CD  . GLU A 1 164 ? -2.523  -4.160  11.323  1.00 115.98 ? 184 GLU A CD  1 
ATOM   1266 O  OE1 . GLU A 1 164 ? -2.284  -4.899  10.330  1.00 120.62 ? 184 GLU A OE1 1 
ATOM   1267 O  OE2 . GLU A 1 164 ? -3.516  -4.303  12.078  1.00 111.68 ? 184 GLU A OE2 1 
ATOM   1268 N  N   . VAL A 1 165 ? -3.096  0.565   12.011  1.00 63.96  ? 185 VAL A N   1 
ATOM   1269 C  CA  . VAL A 1 165 ? -3.017  1.761   12.856  1.00 68.57  ? 185 VAL A CA  1 
ATOM   1270 C  C   . VAL A 1 165 ? -3.076  1.360   14.327  1.00 72.35  ? 185 VAL A C   1 
ATOM   1271 O  O   . VAL A 1 165 ? -3.903  0.528   14.701  1.00 79.65  ? 185 VAL A O   1 
ATOM   1272 C  CB  . VAL A 1 165 ? -4.207  2.717   12.552  1.00 71.45  ? 185 VAL A CB  1 
ATOM   1273 C  CG1 . VAL A 1 165 ? -4.222  3.954   13.445  1.00 67.24  ? 185 VAL A CG1 1 
ATOM   1274 C  CG2 . VAL A 1 165 ? -4.200  3.125   11.096  1.00 70.19  ? 185 VAL A CG2 1 
ATOM   1275 N  N   . GLU A 1 166 ? -2.161  1.904   15.134  1.00 76.96  ? 186 GLU A N   1 
ATOM   1276 C  CA  . GLU A 1 166 ? -2.370  2.094   16.585  1.00 77.41  ? 186 GLU A CA  1 
ATOM   1277 C  C   . GLU A 1 166 ? -2.452  3.619   16.791  1.00 78.82  ? 186 GLU A C   1 
ATOM   1278 O  O   . GLU A 1 166 ? -1.844  4.391   16.029  1.00 84.85  ? 186 GLU A O   1 
ATOM   1279 C  CB  . GLU A 1 166 ? -1.288  1.406   17.437  1.00 66.24  ? 186 GLU A CB  1 
ATOM   1280 N  N   . ALA A 1 167 ? -3.246  4.068   17.760  1.00 72.44  ? 187 ALA A N   1 
ATOM   1281 C  CA  . ALA A 1 167 ? -3.542  5.498   17.874  1.00 74.16  ? 187 ALA A CA  1 
ATOM   1282 C  C   . ALA A 1 167 ? -4.109  5.893   19.253  1.00 82.18  ? 187 ALA A C   1 
ATOM   1283 O  O   . ALA A 1 167 ? -4.999  5.215   19.773  1.00 99.15  ? 187 ALA A O   1 
ATOM   1284 C  CB  . ALA A 1 167 ? -4.476  5.937   16.746  1.00 63.27  ? 187 ALA A CB  1 
ATOM   1285 N  N   . ASN A 1 168 ? -3.601  7.000   19.814  1.00 79.84  ? 188 ASN A N   1 
ATOM   1286 C  CA  . ASN A 1 168 ? -3.955  7.493   21.161  1.00 70.52  ? 188 ASN A CA  1 
ATOM   1287 C  C   . ASN A 1 168 ? -4.818  8.750   21.106  1.00 72.33  ? 188 ASN A C   1 
ATOM   1288 O  O   . ASN A 1 168 ? -4.848  9.442   20.084  1.00 75.94  ? 188 ASN A O   1 
ATOM   1289 C  CB  . ASN A 1 168 ? -2.689  7.723   21.968  1.00 67.85  ? 188 ASN A CB  1 
ATOM   1290 C  CG  . ASN A 1 168 ? -1.782  6.502   21.977  1.00 77.09  ? 188 ASN A CG  1 
ATOM   1291 O  OD1 . ASN A 1 168 ? -1.997  5.546   22.736  1.00 77.08  ? 188 ASN A OD1 1 
ATOM   1292 N  ND2 . ASN A 1 168 ? -0.769  6.512   21.114  1.00 83.32  ? 188 ASN A ND2 1 
ATOM   1293 N  N   . GLU A 1 169 ? -5.546  9.025   22.187  1.00 76.45  ? 189 GLU A N   1 
ATOM   1294 C  CA  . GLU A 1 169 ? -6.475  10.177  22.239  1.00 89.41  ? 189 GLU A CA  1 
ATOM   1295 C  C   . GLU A 1 169 ? -5.725  11.525  22.104  1.00 101.59 ? 189 GLU A C   1 
ATOM   1296 O  O   . GLU A 1 169 ? -4.501  11.558  22.207  1.00 106.33 ? 189 GLU A O   1 
ATOM   1297 C  CB  . GLU A 1 169 ? -7.292  10.119  23.537  1.00 85.02  ? 189 GLU A CB  1 
ATOM   1298 C  CG  . GLU A 1 169 ? -8.686  10.735  23.464  1.00 92.07  ? 189 GLU A CG  1 
ATOM   1299 C  CD  . GLU A 1 169 ? -9.448  10.711  24.799  1.00 100.35 ? 189 GLU A CD  1 
ATOM   1300 O  OE1 . GLU A 1 169 ? -10.518 11.373  24.875  1.00 94.80  ? 189 GLU A OE1 1 
ATOM   1301 O  OE2 . GLU A 1 169 ? -8.998  10.036  25.768  1.00 92.64  ? 189 GLU A OE2 1 
ATOM   1302 N  N   . LYS A 1 170 ? -6.450  12.627  21.894  1.00 113.99 ? 190 LYS A N   1 
ATOM   1303 C  CA  . LYS A 1 170 ? -5.830  13.938  21.626  1.00 120.48 ? 190 LYS A CA  1 
ATOM   1304 C  C   . LYS A 1 170 ? -5.637  14.873  22.858  1.00 139.62 ? 190 LYS A C   1 
ATOM   1305 O  O   . LYS A 1 170 ? -6.227  14.627  23.922  1.00 141.76 ? 190 LYS A O   1 
ATOM   1306 C  CB  . LYS A 1 170 ? -6.585  14.651  20.490  1.00 117.13 ? 190 LYS A CB  1 
ATOM   1307 C  CG  . LYS A 1 170 ? -5.681  14.970  19.307  1.00 111.87 ? 190 LYS A CG  1 
ATOM   1308 C  CD  . LYS A 1 170 ? -6.144  16.166  18.499  1.00 106.85 ? 190 LYS A CD  1 
ATOM   1309 C  CE  . LYS A 1 170 ? -4.922  16.712  17.759  1.00 125.87 ? 190 LYS A CE  1 
ATOM   1310 N  NZ  . LYS A 1 170 ? -5.193  17.953  16.976  1.00 142.51 ? 190 LYS A NZ  1 
ATOM   1311 N  N   . GLU A 1 171 ? -4.815  15.931  22.681  1.00 147.84 ? 191 GLU A N   1 
ATOM   1312 C  CA  . GLU A 1 171 ? -4.505  17.008  23.677  1.00 125.07 ? 191 GLU A CA  1 
ATOM   1313 C  C   . GLU A 1 171 ? -3.939  16.470  24.990  1.00 120.96 ? 191 GLU A C   1 
ATOM   1314 O  O   . GLU A 1 171 ? -3.162  15.513  24.989  1.00 112.36 ? 191 GLU A O   1 
ATOM   1315 C  CB  . GLU A 1 171 ? -5.700  17.962  23.930  1.00 107.02 ? 191 GLU A CB  1 
HETATM 1316 C  C1  . UNL B 2 .   ? -4.548  4.885   1.690   1.00 62.98  ? 301 UNL A C1  1 
HETATM 1317 C  C2  . UNL B 2 .   ? -3.235  4.144   1.328   1.00 73.79  ? 301 UNL A C2  1 
HETATM 1318 C  C3  . UNL B 2 .   ? -2.911  4.061   -0.180  1.00 75.21  ? 301 UNL A C3  1 
HETATM 1319 C  C4  . UNL B 2 .   ? -1.665  3.264   -0.618  1.00 69.73  ? 301 UNL A C4  1 
HETATM 1320 C  C5  . UNL B 2 .   ? -1.680  3.193   -2.165  1.00 67.12  ? 301 UNL A C5  1 
HETATM 1321 C  C6  . UNL B 2 .   ? -0.303  3.014   -2.803  1.00 70.63  ? 301 UNL A C6  1 
HETATM 1322 C  C7  . UNL B 2 .   ? -0.257  2.655   -4.299  1.00 68.35  ? 301 UNL A C7  1 
HETATM 1323 C  C8  . UNL B 2 .   ? 1.113   1.979   -4.476  1.00 71.00  ? 301 UNL A C8  1 
HETATM 1324 C  C9  . UNL B 2 .   ? 1.501   1.452   -5.864  1.00 69.36  ? 301 UNL A C9  1 
HETATM 1325 C  C10 . UNL B 2 .   ? 2.951   0.904   -5.851  1.00 72.27  ? 301 UNL A C10 1 
HETATM 1326 C  C11 . UNL B 2 .   ? 3.567   0.477   -7.207  1.00 73.54  ? 301 UNL A C11 1 
HETATM 1327 C  C12 . UNL B 2 .   ? 4.918   -0.275  -7.079  1.00 73.07  ? 301 UNL A C12 1 
HETATM 1328 C  C13 . UNL B 2 .   ? 5.521   -0.719  -8.425  1.00 73.16  ? 301 UNL A C13 1 
HETATM 1329 C  C14 . UNL B 2 .   ? 6.897   -1.398  -8.286  1.00 82.29  ? 301 UNL A C14 1 
HETATM 1330 C  C15 . UNL B 2 .   ? 7.848   -1.179  -9.483  1.00 89.99  ? 301 UNL A C15 1 
HETATM 1331 C  C16 . UNL B 2 .   ? 8.009   -2.345  -10.473 1.00 100.45 ? 301 UNL A C16 1 
HETATM 1332 C  C17 . UNL B 2 .   ? 8.401   -1.879  -11.884 1.00 92.86  ? 301 UNL A C17 1 
HETATM 1333 S  S   . SO4 C 3 .   ? -15.912 7.329   -8.496  0.90 99.61  ? 302 SO4 A S   1 
HETATM 1334 O  O1  . SO4 C 3 .   ? -16.967 7.664   -9.494  0.90 80.08  ? 302 SO4 A O1  1 
HETATM 1335 O  O2  . SO4 C 3 .   ? -15.564 8.482   -7.623  0.90 109.50 ? 302 SO4 A O2  1 
HETATM 1336 O  O3  . SO4 C 3 .   ? -14.684 6.957   -9.235  0.90 129.97 ? 302 SO4 A O3  1 
HETATM 1337 O  O4  . SO4 C 3 .   ? -16.309 6.193   -7.634  0.90 107.03 ? 302 SO4 A O4  1 
HETATM 1338 S  S   . SO4 D 3 .   ? 6.587   -3.204  -19.228 0.45 55.41  ? 303 SO4 A S   1 
HETATM 1339 O  O1  . SO4 D 3 .   ? 6.963   -2.083  -20.117 0.45 55.69  ? 303 SO4 A O1  1 
HETATM 1340 O  O2  . SO4 D 3 .   ? 7.542   -3.232  -18.058 0.45 47.16  ? 303 SO4 A O2  1 
HETATM 1341 O  O3  . SO4 D 3 .   ? 5.183   -3.021  -18.774 0.45 50.19  ? 303 SO4 A O3  1 
HETATM 1342 O  O4  . SO4 D 3 .   ? 6.606   -4.444  -20.051 0.45 51.34  ? 303 SO4 A O4  1 
HETATM 1343 HG HG  . MBO E 4 .   ? 7.807   -0.616  4.463   0.85 107.69 ? 304 MBO A HG  1 
HETATM 1344 C  CE1 . MBO E 4 .   ? 8.628   -2.683  3.895   0.85 115.80 ? 304 MBO A CE1 1 
HETATM 1345 C  CE2 . MBO E 4 .   ? 8.672   -2.956  2.526   0.85 113.75 ? 304 MBO A CE2 1 
HETATM 1346 C  CE3 . MBO E 4 .   ? 9.164   -4.173  2.078   0.85 114.03 ? 304 MBO A CE3 1 
HETATM 1347 C  CE4 . MBO E 4 .   ? 9.606   -5.127  2.998   0.85 114.47 ? 304 MBO A CE4 1 
HETATM 1348 C  CE5 . MBO E 4 .   ? 9.567   -4.859  4.386   0.85 113.66 ? 304 MBO A CE5 1 
HETATM 1349 C  CE6 . MBO E 4 .   ? 9.074   -3.626  4.844   0.85 110.69 ? 304 MBO A CE6 1 
HETATM 1350 C  CZ  . MBO E 4 .   ? 10.139  -6.418  2.434   0.85 111.40 ? 304 MBO A CZ  1 
HETATM 1351 O  OZ1 . MBO E 4 .   ? 10.244  -6.545  1.182   0.85 98.63  ? 304 MBO A OZ1 1 
HETATM 1352 O  OZ2 . MBO E 4 .   ? 10.495  -7.318  3.229   0.85 110.99 ? 304 MBO A OZ2 1 
HETATM 1353 O  O   . HOH F 5 .   ? -8.715  11.950  -1.661  1.00 60.69  ? 401 HOH A O   1 
HETATM 1354 O  O   . HOH F 5 .   ? -2.975  8.343   -11.102 1.00 71.24  ? 402 HOH A O   1 
HETATM 1355 O  O   . HOH F 5 .   ? -16.980 -4.813  2.648   1.00 62.17  ? 403 HOH A O   1 
HETATM 1356 O  O   . HOH F 5 .   ? -19.339 2.365   3.714   1.00 57.20  ? 404 HOH A O   1 
HETATM 1357 O  O   . HOH F 5 .   ? 34.678  -39.635 -19.183 1.00 76.78  ? 405 HOH A O   1 
HETATM 1358 O  O   . HOH F 5 .   ? 0.499   9.402   -17.758 1.00 68.78  ? 406 HOH A O   1 
HETATM 1359 O  O   . HOH F 5 .   ? 10.646  12.184  -14.060 1.00 64.67  ? 407 HOH A O   1 
HETATM 1360 O  O   . HOH F 5 .   ? 0.508   7.553   -13.151 1.00 82.95  ? 408 HOH A O   1 
HETATM 1361 O  O   . HOH F 5 .   ? -4.772  15.361  7.932   1.00 81.76  ? 409 HOH A O   1 
HETATM 1362 O  O   . HOH F 5 .   ? 18.827  -0.341  -2.086  1.00 69.04  ? 410 HOH A O   1 
HETATM 1363 O  O   . HOH F 5 .   ? -2.298  -3.502  -19.831 1.00 60.23  ? 411 HOH A O   1 
HETATM 1364 O  O   . HOH F 5 .   ? 0.286   7.048   -15.863 1.00 58.20  ? 412 HOH A O   1 
HETATM 1365 O  O   . HOH F 5 .   ? 13.245  -6.840  -5.050  1.00 62.92  ? 413 HOH A O   1 
HETATM 1366 O  O   . HOH F 5 .   ? 0.847   -10.238 -12.644 1.00 61.36  ? 414 HOH A O   1 
HETATM 1367 O  O   . HOH F 5 .   ? -1.096  13.648  12.268  1.00 62.09  ? 415 HOH A O   1 
HETATM 1368 O  O   . HOH F 5 .   ? -0.655  12.306  -18.649 1.00 63.63  ? 416 HOH A O   1 
HETATM 1369 O  O   . HOH F 5 .   ? 20.947  -12.727 -22.548 1.00 72.80  ? 417 HOH A O   1 
# 
loop_
_pdbx_poly_seq_scheme.asym_id 
_pdbx_poly_seq_scheme.entity_id 
_pdbx_poly_seq_scheme.seq_id 
_pdbx_poly_seq_scheme.mon_id 
_pdbx_poly_seq_scheme.ndb_seq_num 
_pdbx_poly_seq_scheme.pdb_seq_num 
_pdbx_poly_seq_scheme.auth_seq_num 
_pdbx_poly_seq_scheme.pdb_mon_id 
_pdbx_poly_seq_scheme.auth_mon_id 
_pdbx_poly_seq_scheme.pdb_strand_id 
_pdbx_poly_seq_scheme.pdb_ins_code 
_pdbx_poly_seq_scheme.hetero 
A 1 1   MET 1   21  21  MET MET A . n 
A 1 2   LYS 2   22  22  LYS LYS A . n 
A 1 3   GLU 3   23  23  GLU GLU A . n 
A 1 4   TYR 4   24  24  TYR TYR A . n 
A 1 5   THR 5   25  25  THR THR A . n 
A 1 6   LEU 6   26  26  LEU LEU A . n 
A 1 7   ASP 7   27  27  ASP ASP A . n 
A 1 8   LYS 8   28  28  LYS LYS A . n 
A 1 9   ALA 9   29  29  ALA ALA A . n 
A 1 10  HIS 10  30  30  HIS HIS A . n 
A 1 11  THR 11  31  31  THR THR A . n 
A 1 12  ASP 12  32  32  ASP ASP A . n 
A 1 13  VAL 13  33  33  VAL VAL A . n 
A 1 14  GLY 14  34  34  GLY GLY A . n 
A 1 15  PHE 15  35  35  PHE PHE A . n 
A 1 16  LYS 16  36  36  LYS LYS A . n 
A 1 17  ILE 17  37  37  ILE ILE A . n 
A 1 18  LYS 18  38  38  LYS LYS A . n 
A 1 19  HIS 19  39  39  HIS HIS A . n 
A 1 20  LEU 20  40  40  LEU LEU A . n 
A 1 21  GLN 21  41  41  GLN GLN A . n 
A 1 22  ILE 22  42  42  ILE ILE A . n 
A 1 23  SER 23  43  43  SER SER A . n 
A 1 24  ASN 24  44  44  ASN ASN A . n 
A 1 25  VAL 25  45  45  VAL VAL A . n 
A 1 26  LYS 26  46  46  LYS LYS A . n 
A 1 27  GLY 27  47  47  GLY GLY A . n 
A 1 28  CYS 28  48  48  CYS CYS A . n 
A 1 29  PHE 29  49  49  PHE PHE A . n 
A 1 30  LYS 30  50  50  LYS LYS A . n 
A 1 31  ASP 31  51  51  ASP ASP A . n 
A 1 32  TYR 32  52  52  TYR TYR A . n 
A 1 33  SER 33  53  53  SER SER A . n 
A 1 34  ALA 34  54  54  ALA ALA A . n 
A 1 35  VAL 35  55  55  VAL VAL A . n 
A 1 36  ILE 36  56  56  ILE ILE A . n 
A 1 37  ASP 37  57  57  ASP ASP A . n 
A 1 38  PHE 38  58  58  PHE PHE A . n 
A 1 39  ASP 39  59  59  ASP ASP A . n 
A 1 40  PRO 40  60  60  PRO PRO A . n 
A 1 41  ALA 41  61  61  ALA ALA A . n 
A 1 42  SER 42  62  62  SER SER A . n 
A 1 43  ALA 43  63  63  ALA ALA A . n 
A 1 44  GLU 44  64  64  GLU GLU A . n 
A 1 45  PHE 45  65  65  PHE PHE A . n 
A 1 46  LYS 46  66  66  LYS LYS A . n 
A 1 47  LYS 47  67  67  LYS LYS A . n 
A 1 48  LEU 48  68  68  LEU LEU A . n 
A 1 49  ASP 49  69  69  ASP ASP A . n 
A 1 50  VAL 50  70  70  VAL VAL A . n 
A 1 51  THR 51  71  71  THR THR A . n 
A 1 52  ILE 52  72  72  ILE ILE A . n 
A 1 53  LYS 53  73  73  LYS LYS A . n 
A 1 54  ILE 54  74  74  ILE ILE A . n 
A 1 55  ALA 55  75  75  ALA ALA A . n 
A 1 56  SER 56  76  76  SER SER A . n 
A 1 57  VAL 57  77  77  VAL VAL A . n 
A 1 58  ASN 58  78  78  ASN ASN A . n 
A 1 59  THR 59  79  79  THR THR A . n 
A 1 60  GLU 60  80  80  GLU GLU A . n 
A 1 61  ASN 61  81  81  ASN ASN A . n 
A 1 62  GLN 62  82  82  GLN GLN A . n 
A 1 63  THR 63  83  83  THR THR A . n 
A 1 64  ARG 64  84  84  ARG ARG A . n 
A 1 65  ASP 65  85  85  ASP ASP A . n 
A 1 66  ASN 66  86  86  ASN ASN A . n 
A 1 67  HIS 67  87  87  HIS HIS A . n 
A 1 68  LEU 68  88  88  LEU LEU A . n 
A 1 69  GLN 69  89  89  GLN GLN A . n 
A 1 70  GLN 70  90  90  GLN GLN A . n 
A 1 71  ASP 71  91  91  ASP ASP A . n 
A 1 72  ASP 72  92  92  ASP ASP A . n 
A 1 73  PHE 73  93  93  PHE PHE A . n 
A 1 74  PHE 74  94  94  PHE PHE A . n 
A 1 75  LYS 75  95  95  LYS LYS A . n 
A 1 76  ALA 76  96  96  ALA ALA A . n 
A 1 77  LYS 77  97  97  LYS LYS A . n 
A 1 78  LYS 78  98  98  LYS LYS A . n 
A 1 79  TYR 79  99  99  TYR TYR A . n 
A 1 80  PRO 80  100 100 PRO PRO A . n 
A 1 81  ASP 81  101 101 ASP ASP A . n 
A 1 82  MET 82  102 102 MET MET A . n 
A 1 83  THR 83  103 103 THR THR A . n 
A 1 84  PHE 84  104 104 PHE PHE A . n 
A 1 85  THR 85  105 105 THR THR A . n 
A 1 86  MET 86  106 106 MET MET A . n 
A 1 87  LYS 87  107 107 LYS LYS A . n 
A 1 88  LYS 88  108 108 LYS LYS A . n 
A 1 89  TYR 89  109 109 TYR TYR A . n 
A 1 90  GLU 90  110 110 GLU GLU A . n 
A 1 91  LYS 91  111 111 LYS LYS A . n 
A 1 92  ILE 92  112 112 ILE ILE A . n 
A 1 93  ASP 93  113 113 ASP ASP A . n 
A 1 94  ASN 94  114 114 ASN ASN A . n 
A 1 95  GLU 95  115 115 GLU GLU A . n 
A 1 96  LYS 96  116 116 LYS LYS A . n 
A 1 97  GLY 97  117 117 GLY GLY A . n 
A 1 98  LYS 98  118 118 LYS LYS A . n 
A 1 99  MET 99  119 119 MET MET A . n 
A 1 100 THR 100 120 120 THR THR A . n 
A 1 101 GLY 101 121 121 GLY GLY A . n 
A 1 102 THR 102 122 122 THR THR A . n 
A 1 103 LEU 103 123 123 LEU LEU A . n 
A 1 104 THR 104 124 124 THR THR A . n 
A 1 105 ILE 105 125 125 ILE ILE A . n 
A 1 106 ALA 106 126 126 ALA ALA A . n 
A 1 107 GLY 107 127 127 GLY GLY A . n 
A 1 108 VAL 108 128 128 VAL VAL A . n 
A 1 109 SER 109 129 129 SER SER A . n 
A 1 110 LYS 110 130 130 LYS LYS A . n 
A 1 111 ASP 111 131 131 ASP ASP A . n 
A 1 112 ILE 112 132 132 ILE ILE A . n 
A 1 113 VAL 113 133 133 VAL VAL A . n 
A 1 114 LEU 114 134 134 LEU LEU A . n 
A 1 115 ASP 115 135 135 ASP ASP A . n 
A 1 116 ALA 116 136 136 ALA ALA A . n 
A 1 117 GLU 117 137 137 GLU GLU A . n 
A 1 118 ILE 118 138 138 ILE ILE A . n 
A 1 119 GLY 119 139 139 GLY GLY A . n 
A 1 120 GLY 120 140 140 GLY GLY A . n 
A 1 121 VAL 121 141 141 VAL VAL A . n 
A 1 122 ALA 122 142 142 ALA ALA A . n 
A 1 123 LYS 123 143 143 LYS LYS A . n 
A 1 124 GLY 124 144 144 GLY GLY A . n 
A 1 125 LYS 125 145 145 LYS LYS A . n 
A 1 126 ASP 126 146 146 ASP ASP A . n 
A 1 127 GLY 127 147 147 GLY GLY A . n 
A 1 128 LYS 128 148 148 LYS LYS A . n 
A 1 129 GLU 129 149 149 GLU GLU A . n 
A 1 130 LYS 130 150 150 LYS LYS A . n 
A 1 131 ILE 131 151 151 ILE ILE A . n 
A 1 132 GLY 132 152 152 GLY GLY A . n 
A 1 133 PHE 133 153 153 PHE PHE A . n 
A 1 134 SER 134 154 154 SER SER A . n 
A 1 135 LEU 135 155 155 LEU LEU A . n 
A 1 136 ASN 136 156 156 ASN ASN A . n 
A 1 137 GLY 137 157 157 GLY GLY A . n 
A 1 138 LYS 138 158 158 LYS LYS A . n 
A 1 139 ILE 139 159 159 ILE ILE A . n 
A 1 140 LYS 140 160 160 LYS LYS A . n 
A 1 141 ARG 141 161 161 ARG ARG A . n 
A 1 142 SER 142 162 162 SER SER A . n 
A 1 143 ASP 143 163 163 ASP ASP A . n 
A 1 144 PHE 144 164 164 PHE PHE A . n 
A 1 145 LYS 145 165 165 LYS LYS A . n 
A 1 146 PHE 146 166 166 PHE PHE A . n 
A 1 147 ALA 147 167 167 ALA ALA A . n 
A 1 148 THR 148 168 168 THR THR A . n 
A 1 149 SER 149 169 169 SER SER A . n 
A 1 150 THR 150 170 170 THR THR A . n 
A 1 151 SER 151 171 171 SER SER A . n 
A 1 152 THR 152 172 172 THR THR A . n 
A 1 153 ILE 153 173 173 ILE ILE A . n 
A 1 154 THR 154 174 174 THR THR A . n 
A 1 155 LEU 155 175 175 LEU LEU A . n 
A 1 156 SER 156 176 176 SER SER A . n 
A 1 157 ASP 157 177 177 ASP ASP A . n 
A 1 158 ASP 158 178 178 ASP ASP A . n 
A 1 159 ILE 159 179 179 ILE ILE A . n 
A 1 160 ASN 160 180 180 ASN ASN A . n 
A 1 161 LEU 161 181 181 LEU LEU A . n 
A 1 162 ASN 162 182 182 ASN ASN A . n 
A 1 163 ILE 163 183 183 ILE ILE A . n 
A 1 164 GLU 164 184 184 GLU GLU A . n 
A 1 165 VAL 165 185 185 VAL VAL A . n 
A 1 166 GLU 166 186 186 GLU GLU A . n 
A 1 167 ALA 167 187 187 ALA ALA A . n 
A 1 168 ASN 168 188 188 ASN ASN A . n 
A 1 169 GLU 169 189 189 GLU GLU A . n 
A 1 170 LYS 170 190 190 LYS LYS A . n 
A 1 171 GLU 171 191 191 GLU GLU A . n 
A 1 172 GLY 172 192 ?   ?   ?   A . n 
A 1 173 GLY 173 193 ?   ?   ?   A . n 
A 1 174 SER 174 194 ?   ?   ?   A . n 
A 1 175 HIS 175 195 ?   ?   ?   A . n 
A 1 176 HIS 176 196 ?   ?   ?   A . n 
A 1 177 HIS 177 197 ?   ?   ?   A . n 
A 1 178 HIS 178 198 ?   ?   ?   A . n 
A 1 179 HIS 179 199 ?   ?   ?   A . n 
A 1 180 HIS 180 200 ?   ?   ?   A . n 
# 
loop_
_pdbx_nonpoly_scheme.asym_id 
_pdbx_nonpoly_scheme.entity_id 
_pdbx_nonpoly_scheme.mon_id 
_pdbx_nonpoly_scheme.ndb_seq_num 
_pdbx_nonpoly_scheme.pdb_seq_num 
_pdbx_nonpoly_scheme.auth_seq_num 
_pdbx_nonpoly_scheme.pdb_mon_id 
_pdbx_nonpoly_scheme.auth_mon_id 
_pdbx_nonpoly_scheme.pdb_strand_id 
_pdbx_nonpoly_scheme.pdb_ins_code 
B 2 UNL 1  301 1  UNL LFA A . 
C 3 SO4 1  302 1  SO4 SO4 A . 
D 3 SO4 1  303 2  SO4 SO4 A . 
E 4 MBO 1  304 1  MBO MBO A . 
F 5 HOH 1  401 17 HOH HOH A . 
F 5 HOH 2  402 26 HOH HOH A . 
F 5 HOH 3  403 7  HOH HOH A . 
F 5 HOH 4  404 1  HOH HOH A . 
F 5 HOH 5  405 9  HOH HOH A . 
F 5 HOH 6  406 14 HOH HOH A . 
F 5 HOH 7  407 22 HOH HOH A . 
F 5 HOH 8  408 27 HOH HOH A . 
F 5 HOH 9  409 10 HOH HOH A . 
F 5 HOH 10 410 4  HOH HOH A . 
F 5 HOH 11 411 5  HOH HOH A . 
F 5 HOH 12 412 12 HOH HOH A . 
F 5 HOH 13 413 2  HOH HOH A . 
F 5 HOH 14 414 3  HOH HOH A . 
F 5 HOH 15 415 8  HOH HOH A . 
F 5 HOH 16 416 23 HOH HOH A . 
F 5 HOH 17 417 20 HOH HOH A . 
# 
_pdbx_struct_assembly.id                   1 
_pdbx_struct_assembly.details              author_and_software_defined_assembly 
_pdbx_struct_assembly.method_details       PISA 
_pdbx_struct_assembly.oligomeric_details   tetrameric 
_pdbx_struct_assembly.oligomeric_count     4 
# 
_pdbx_struct_assembly_gen.assembly_id       1 
_pdbx_struct_assembly_gen.oper_expression   1,2,3,4 
_pdbx_struct_assembly_gen.asym_id_list      A,B,C,D,E,F 
# 
loop_
_pdbx_struct_assembly_prop.biol_id 
_pdbx_struct_assembly_prop.type 
_pdbx_struct_assembly_prop.value 
_pdbx_struct_assembly_prop.details 
1 'ABSA (A^2)' 22730 ? 
1 MORE         -236  ? 
1 'SSA (A^2)'  32350 ? 
# 
loop_
_pdbx_struct_oper_list.id 
_pdbx_struct_oper_list.type 
_pdbx_struct_oper_list.name 
_pdbx_struct_oper_list.symmetry_operation 
_pdbx_struct_oper_list.matrix[1][1] 
_pdbx_struct_oper_list.matrix[1][2] 
_pdbx_struct_oper_list.matrix[1][3] 
_pdbx_struct_oper_list.vector[1] 
_pdbx_struct_oper_list.matrix[2][1] 
_pdbx_struct_oper_list.matrix[2][2] 
_pdbx_struct_oper_list.matrix[2][3] 
_pdbx_struct_oper_list.vector[2] 
_pdbx_struct_oper_list.matrix[3][1] 
_pdbx_struct_oper_list.matrix[3][2] 
_pdbx_struct_oper_list.matrix[3][3] 
_pdbx_struct_oper_list.vector[3] 
1 'identity operation'         1_555  x,y,z        1.0000000000  0.0000000000  0.0000000000  0.0000000000   0.0000000000  1.0000000000  0.0000000000  0.0000000000   0.0000000000  0.0000000000  1.0000000000  0.0000000000   
2 'crystal symmetry operation' 4_545  -x,-y-1,z    -0.9560361908 0.2879520624  -0.0554834351 11.1273014481  0.2879520624  0.8860146974  -0.3634027596 -9.3397572048  -0.0554834351 -0.3634027596 -0.9299785066 -39.6551472877 
3 'crystal symmetry operation' 9_556  -x,-x+y,-z+1 -0.0251730049 0.0436043301  0.9987316868  23.0309770938  0.0436043301  -0.9980495641 0.0446735947  -26.2328276329 0.9987316868  0.0446735947  0.0232225690  -21.3344120371 
4 'crystal symmetry operation' 12_546 x,x-y-1,-z+1 -0.0187908042 -0.3315563925 -0.9432482517 -17.2612365172 -0.3315563925 -0.8879651334 0.3187291649  -18.1976264801 -0.9432482517 0.3187291649  -0.0932440624 -11.5593584115 
# 
_pdbx_struct_conn_angle.id                    1 
_pdbx_struct_conn_angle.ptnr1_label_atom_id   SG 
_pdbx_struct_conn_angle.ptnr1_label_alt_id    ? 
_pdbx_struct_conn_angle.ptnr1_label_asym_id   A 
_pdbx_struct_conn_angle.ptnr1_label_comp_id   CYS 
_pdbx_struct_conn_angle.ptnr1_label_seq_id    28 
_pdbx_struct_conn_angle.ptnr1_auth_atom_id    ? 
_pdbx_struct_conn_angle.ptnr1_auth_asym_id    A 
_pdbx_struct_conn_angle.ptnr1_auth_comp_id    CYS 
_pdbx_struct_conn_angle.ptnr1_auth_seq_id     48 
_pdbx_struct_conn_angle.ptnr1_PDB_ins_code    ? 
_pdbx_struct_conn_angle.ptnr1_symmetry        1_555 
_pdbx_struct_conn_angle.ptnr2_label_atom_id   HG 
_pdbx_struct_conn_angle.ptnr2_label_alt_id    ? 
_pdbx_struct_conn_angle.ptnr2_label_asym_id   E 
_pdbx_struct_conn_angle.ptnr2_label_comp_id   MBO 
_pdbx_struct_conn_angle.ptnr2_label_seq_id    . 
_pdbx_struct_conn_angle.ptnr2_auth_atom_id    ? 
_pdbx_struct_conn_angle.ptnr2_auth_asym_id    A 
_pdbx_struct_conn_angle.ptnr2_auth_comp_id    MBO 
_pdbx_struct_conn_angle.ptnr2_auth_seq_id     304 
_pdbx_struct_conn_angle.ptnr2_PDB_ins_code    ? 
_pdbx_struct_conn_angle.ptnr2_symmetry        1_555 
_pdbx_struct_conn_angle.ptnr3_label_atom_id   CE1 
_pdbx_struct_conn_angle.ptnr3_label_alt_id    ? 
_pdbx_struct_conn_angle.ptnr3_label_asym_id   E 
_pdbx_struct_conn_angle.ptnr3_label_comp_id   MBO 
_pdbx_struct_conn_angle.ptnr3_label_seq_id    . 
_pdbx_struct_conn_angle.ptnr3_auth_atom_id    ? 
_pdbx_struct_conn_angle.ptnr3_auth_asym_id    A 
_pdbx_struct_conn_angle.ptnr3_auth_comp_id    MBO 
_pdbx_struct_conn_angle.ptnr3_auth_seq_id     304 
_pdbx_struct_conn_angle.ptnr3_PDB_ins_code    ? 
_pdbx_struct_conn_angle.ptnr3_symmetry        1_555 
_pdbx_struct_conn_angle.value                 173.6 
_pdbx_struct_conn_angle.value_esd             ? 
# 
loop_
_pdbx_audit_revision_history.ordinal 
_pdbx_audit_revision_history.data_content_type 
_pdbx_audit_revision_history.major_revision 
_pdbx_audit_revision_history.minor_revision 
_pdbx_audit_revision_history.revision_date 
1 'Structure model' 1 0 2018-01-03 
2 'Structure model' 1 1 2018-01-24 
3 'Structure model' 1 2 2023-10-04 
# 
_pdbx_audit_revision_details.ordinal             1 
_pdbx_audit_revision_details.revision_ordinal    1 
_pdbx_audit_revision_details.data_content_type   'Structure model' 
_pdbx_audit_revision_details.provider            repository 
_pdbx_audit_revision_details.type                'Initial release' 
_pdbx_audit_revision_details.description         ? 
_pdbx_audit_revision_details.details             ? 
# 
loop_
_pdbx_audit_revision_group.ordinal 
_pdbx_audit_revision_group.revision_ordinal 
_pdbx_audit_revision_group.data_content_type 
_pdbx_audit_revision_group.group 
1 2 'Structure model' 'Database references'    
2 3 'Structure model' 'Data collection'        
3 3 'Structure model' 'Database references'    
4 3 'Structure model' 'Refinement description' 
# 
loop_
_pdbx_audit_revision_category.ordinal 
_pdbx_audit_revision_category.revision_ordinal 
_pdbx_audit_revision_category.data_content_type 
_pdbx_audit_revision_category.category 
1 2 'Structure model' citation                      
2 3 'Structure model' chem_comp_atom                
3 3 'Structure model' chem_comp_bond                
4 3 'Structure model' database_2                    
5 3 'Structure model' pdbx_initial_refinement_model 
# 
loop_
_pdbx_audit_revision_item.ordinal 
_pdbx_audit_revision_item.revision_ordinal 
_pdbx_audit_revision_item.data_content_type 
_pdbx_audit_revision_item.item 
1 2 'Structure model' '_citation.journal_volume'            
2 2 'Structure model' '_citation.page_first'                
3 2 'Structure model' '_citation.page_last'                 
4 2 'Structure model' '_citation.year'                      
5 3 'Structure model' '_database_2.pdbx_DOI'                
6 3 'Structure model' '_database_2.pdbx_database_accession' 
# 
loop_
_software.citation_id 
_software.classification 
_software.compiler_name 
_software.compiler_version 
_software.contact_author 
_software.contact_author_email 
_software.date 
_software.description 
_software.dependencies 
_software.hardware 
_software.language 
_software.location 
_software.mods 
_software.name 
_software.os 
_software.os_version 
_software.type 
_software.version 
_software.pdbx_ordinal 
? 'data scaling'    ? ? ? ? ? ? ? ? ? ? ? SCALA       ? ? ? 3.3.22   1 
? refinement        ? ? ? ? ? ? ? ? ? ? ? REFMAC      ? ? ? 5.8.0158 2 
? 'data extraction' ? ? ? ? ? ? ? ? ? ? ? PDB_EXTRACT ? ? ? 3.22     3 
? 'data reduction'  ? ? ? ? ? ? ? ? ? ? ? XDS         ? ? ? 20161101 4 
? phasing           ? ? ? ? ? ? ? ? ? ? ? REFMAC      ? ? ? 5.8.0158 5 
# 
loop_
_pdbx_validate_torsion.id 
_pdbx_validate_torsion.PDB_model_num 
_pdbx_validate_torsion.auth_comp_id 
_pdbx_validate_torsion.auth_asym_id 
_pdbx_validate_torsion.auth_seq_id 
_pdbx_validate_torsion.PDB_ins_code 
_pdbx_validate_torsion.label_alt_id 
_pdbx_validate_torsion.phi 
_pdbx_validate_torsion.psi 
1 1 ASN A 81  ? ? -169.09 106.16  
2 1 PHE A 93  ? ? -123.75 -114.49 
3 1 ILE A 112 ? ? -100.43 -63.46  
4 1 ALA A 126 ? ? 36.94   54.81   
5 1 LYS A 165 ? ? 35.16   41.98   
# 
loop_
_pdbx_unobs_or_zero_occ_atoms.id 
_pdbx_unobs_or_zero_occ_atoms.PDB_model_num 
_pdbx_unobs_or_zero_occ_atoms.polymer_flag 
_pdbx_unobs_or_zero_occ_atoms.occupancy_flag 
_pdbx_unobs_or_zero_occ_atoms.auth_asym_id 
_pdbx_unobs_or_zero_occ_atoms.auth_comp_id 
_pdbx_unobs_or_zero_occ_atoms.auth_seq_id 
_pdbx_unobs_or_zero_occ_atoms.PDB_ins_code 
_pdbx_unobs_or_zero_occ_atoms.auth_atom_id 
_pdbx_unobs_or_zero_occ_atoms.label_alt_id 
_pdbx_unobs_or_zero_occ_atoms.label_asym_id 
_pdbx_unobs_or_zero_occ_atoms.label_comp_id 
_pdbx_unobs_or_zero_occ_atoms.label_seq_id 
_pdbx_unobs_or_zero_occ_atoms.label_atom_id 
1  1 Y 1 A LYS 46  ? CG  ? A LYS 26  CG  
2  1 Y 1 A LYS 46  ? CD  ? A LYS 26  CD  
3  1 Y 1 A LYS 46  ? CE  ? A LYS 26  CE  
4  1 Y 1 A LYS 46  ? NZ  ? A LYS 26  NZ  
5  1 Y 1 A LYS 50  ? CG  ? A LYS 30  CG  
6  1 Y 1 A LYS 50  ? CD  ? A LYS 30  CD  
7  1 Y 1 A LYS 50  ? CE  ? A LYS 30  CE  
8  1 Y 1 A LYS 50  ? NZ  ? A LYS 30  NZ  
9  1 Y 1 A GLN 82  ? CG  ? A GLN 62  CG  
10 1 Y 1 A GLN 82  ? CD  ? A GLN 62  CD  
11 1 Y 1 A GLN 82  ? OE1 ? A GLN 62  OE1 
12 1 Y 1 A GLN 82  ? NE2 ? A GLN 62  NE2 
13 1 Y 1 A LYS 97  ? CG  ? A LYS 77  CG  
14 1 Y 1 A LYS 97  ? CD  ? A LYS 77  CD  
15 1 Y 1 A LYS 97  ? CE  ? A LYS 77  CE  
16 1 Y 1 A LYS 97  ? NZ  ? A LYS 77  NZ  
17 1 Y 1 A LYS 158 ? CG  ? A LYS 138 CG  
18 1 Y 1 A LYS 158 ? CD  ? A LYS 138 CD  
19 1 Y 1 A LYS 158 ? CE  ? A LYS 138 CE  
20 1 Y 1 A LYS 158 ? NZ  ? A LYS 138 NZ  
21 1 Y 1 A GLU 186 ? CG  ? A GLU 166 CG  
22 1 Y 1 A GLU 186 ? CD  ? A GLU 166 CD  
23 1 Y 1 A GLU 186 ? OE1 ? A GLU 166 OE1 
24 1 Y 1 A GLU 186 ? OE2 ? A GLU 166 OE2 
25 1 Y 1 A GLU 191 ? CG  ? A GLU 171 CG  
26 1 Y 1 A GLU 191 ? CD  ? A GLU 171 CD  
27 1 Y 1 A GLU 191 ? OE1 ? A GLU 171 OE1 
28 1 Y 1 A GLU 191 ? OE2 ? A GLU 171 OE2 
# 
loop_
_pdbx_unobs_or_zero_occ_residues.id 
_pdbx_unobs_or_zero_occ_residues.PDB_model_num 
_pdbx_unobs_or_zero_occ_residues.polymer_flag 
_pdbx_unobs_or_zero_occ_residues.occupancy_flag 
_pdbx_unobs_or_zero_occ_residues.auth_asym_id 
_pdbx_unobs_or_zero_occ_residues.auth_comp_id 
_pdbx_unobs_or_zero_occ_residues.auth_seq_id 
_pdbx_unobs_or_zero_occ_residues.PDB_ins_code 
_pdbx_unobs_or_zero_occ_residues.label_asym_id 
_pdbx_unobs_or_zero_occ_residues.label_comp_id 
_pdbx_unobs_or_zero_occ_residues.label_seq_id 
1 1 Y 1 A GLY 192 ? A GLY 172 
2 1 Y 1 A GLY 193 ? A GLY 173 
3 1 Y 1 A SER 194 ? A SER 174 
4 1 Y 1 A HIS 195 ? A HIS 175 
5 1 Y 1 A HIS 196 ? A HIS 176 
6 1 Y 1 A HIS 197 ? A HIS 177 
7 1 Y 1 A HIS 198 ? A HIS 178 
8 1 Y 1 A HIS 199 ? A HIS 179 
9 1 Y 1 A HIS 200 ? A HIS 180 
# 
loop_
_chem_comp_atom.comp_id 
_chem_comp_atom.atom_id 
_chem_comp_atom.type_symbol 
_chem_comp_atom.pdbx_aromatic_flag 
_chem_comp_atom.pdbx_stereo_config 
_chem_comp_atom.pdbx_ordinal 
ALA N    N  N N 1   
ALA CA   C  N S 2   
ALA C    C  N N 3   
ALA O    O  N N 4   
ALA CB   C  N N 5   
ALA OXT  O  N N 6   
ALA H    H  N N 7   
ALA H2   H  N N 8   
ALA HA   H  N N 9   
ALA HB1  H  N N 10  
ALA HB2  H  N N 11  
ALA HB3  H  N N 12  
ALA HXT  H  N N 13  
ARG N    N  N N 14  
ARG CA   C  N S 15  
ARG C    C  N N 16  
ARG O    O  N N 17  
ARG CB   C  N N 18  
ARG CG   C  N N 19  
ARG CD   C  N N 20  
ARG NE   N  N N 21  
ARG CZ   C  N N 22  
ARG NH1  N  N N 23  
ARG NH2  N  N N 24  
ARG OXT  O  N N 25  
ARG H    H  N N 26  
ARG H2   H  N N 27  
ARG HA   H  N N 28  
ARG HB2  H  N N 29  
ARG HB3  H  N N 30  
ARG HG2  H  N N 31  
ARG HG3  H  N N 32  
ARG HD2  H  N N 33  
ARG HD3  H  N N 34  
ARG HE   H  N N 35  
ARG HH11 H  N N 36  
ARG HH12 H  N N 37  
ARG HH21 H  N N 38  
ARG HH22 H  N N 39  
ARG HXT  H  N N 40  
ASN N    N  N N 41  
ASN CA   C  N S 42  
ASN C    C  N N 43  
ASN O    O  N N 44  
ASN CB   C  N N 45  
ASN CG   C  N N 46  
ASN OD1  O  N N 47  
ASN ND2  N  N N 48  
ASN OXT  O  N N 49  
ASN H    H  N N 50  
ASN H2   H  N N 51  
ASN HA   H  N N 52  
ASN HB2  H  N N 53  
ASN HB3  H  N N 54  
ASN HD21 H  N N 55  
ASN HD22 H  N N 56  
ASN HXT  H  N N 57  
ASP N    N  N N 58  
ASP CA   C  N S 59  
ASP C    C  N N 60  
ASP O    O  N N 61  
ASP CB   C  N N 62  
ASP CG   C  N N 63  
ASP OD1  O  N N 64  
ASP OD2  O  N N 65  
ASP OXT  O  N N 66  
ASP H    H  N N 67  
ASP H2   H  N N 68  
ASP HA   H  N N 69  
ASP HB2  H  N N 70  
ASP HB3  H  N N 71  
ASP HD2  H  N N 72  
ASP HXT  H  N N 73  
CYS N    N  N N 74  
CYS CA   C  N R 75  
CYS C    C  N N 76  
CYS O    O  N N 77  
CYS CB   C  N N 78  
CYS SG   S  N N 79  
CYS OXT  O  N N 80  
CYS H    H  N N 81  
CYS H2   H  N N 82  
CYS HA   H  N N 83  
CYS HB2  H  N N 84  
CYS HB3  H  N N 85  
CYS HG   H  N N 86  
CYS HXT  H  N N 87  
GLN N    N  N N 88  
GLN CA   C  N S 89  
GLN C    C  N N 90  
GLN O    O  N N 91  
GLN CB   C  N N 92  
GLN CG   C  N N 93  
GLN CD   C  N N 94  
GLN OE1  O  N N 95  
GLN NE2  N  N N 96  
GLN OXT  O  N N 97  
GLN H    H  N N 98  
GLN H2   H  N N 99  
GLN HA   H  N N 100 
GLN HB2  H  N N 101 
GLN HB3  H  N N 102 
GLN HG2  H  N N 103 
GLN HG3  H  N N 104 
GLN HE21 H  N N 105 
GLN HE22 H  N N 106 
GLN HXT  H  N N 107 
GLU N    N  N N 108 
GLU CA   C  N S 109 
GLU C    C  N N 110 
GLU O    O  N N 111 
GLU CB   C  N N 112 
GLU CG   C  N N 113 
GLU CD   C  N N 114 
GLU OE1  O  N N 115 
GLU OE2  O  N N 116 
GLU OXT  O  N N 117 
GLU H    H  N N 118 
GLU H2   H  N N 119 
GLU HA   H  N N 120 
GLU HB2  H  N N 121 
GLU HB3  H  N N 122 
GLU HG2  H  N N 123 
GLU HG3  H  N N 124 
GLU HE2  H  N N 125 
GLU HXT  H  N N 126 
GLY N    N  N N 127 
GLY CA   C  N N 128 
GLY C    C  N N 129 
GLY O    O  N N 130 
GLY OXT  O  N N 131 
GLY H    H  N N 132 
GLY H2   H  N N 133 
GLY HA2  H  N N 134 
GLY HA3  H  N N 135 
GLY HXT  H  N N 136 
HIS N    N  N N 137 
HIS CA   C  N S 138 
HIS C    C  N N 139 
HIS O    O  N N 140 
HIS CB   C  N N 141 
HIS CG   C  Y N 142 
HIS ND1  N  Y N 143 
HIS CD2  C  Y N 144 
HIS CE1  C  Y N 145 
HIS NE2  N  Y N 146 
HIS OXT  O  N N 147 
HIS H    H  N N 148 
HIS H2   H  N N 149 
HIS HA   H  N N 150 
HIS HB2  H  N N 151 
HIS HB3  H  N N 152 
HIS HD1  H  N N 153 
HIS HD2  H  N N 154 
HIS HE1  H  N N 155 
HIS HE2  H  N N 156 
HIS HXT  H  N N 157 
HOH O    O  N N 158 
HOH H1   H  N N 159 
HOH H2   H  N N 160 
ILE N    N  N N 161 
ILE CA   C  N S 162 
ILE C    C  N N 163 
ILE O    O  N N 164 
ILE CB   C  N S 165 
ILE CG1  C  N N 166 
ILE CG2  C  N N 167 
ILE CD1  C  N N 168 
ILE OXT  O  N N 169 
ILE H    H  N N 170 
ILE H2   H  N N 171 
ILE HA   H  N N 172 
ILE HB   H  N N 173 
ILE HG12 H  N N 174 
ILE HG13 H  N N 175 
ILE HG21 H  N N 176 
ILE HG22 H  N N 177 
ILE HG23 H  N N 178 
ILE HD11 H  N N 179 
ILE HD12 H  N N 180 
ILE HD13 H  N N 181 
ILE HXT  H  N N 182 
LEU N    N  N N 183 
LEU CA   C  N S 184 
LEU C    C  N N 185 
LEU O    O  N N 186 
LEU CB   C  N N 187 
LEU CG   C  N N 188 
LEU CD1  C  N N 189 
LEU CD2  C  N N 190 
LEU OXT  O  N N 191 
LEU H    H  N N 192 
LEU H2   H  N N 193 
LEU HA   H  N N 194 
LEU HB2  H  N N 195 
LEU HB3  H  N N 196 
LEU HG   H  N N 197 
LEU HD11 H  N N 198 
LEU HD12 H  N N 199 
LEU HD13 H  N N 200 
LEU HD21 H  N N 201 
LEU HD22 H  N N 202 
LEU HD23 H  N N 203 
LEU HXT  H  N N 204 
LYS N    N  N N 205 
LYS CA   C  N S 206 
LYS C    C  N N 207 
LYS O    O  N N 208 
LYS CB   C  N N 209 
LYS CG   C  N N 210 
LYS CD   C  N N 211 
LYS CE   C  N N 212 
LYS NZ   N  N N 213 
LYS OXT  O  N N 214 
LYS H    H  N N 215 
LYS H2   H  N N 216 
LYS HA   H  N N 217 
LYS HB2  H  N N 218 
LYS HB3  H  N N 219 
LYS HG2  H  N N 220 
LYS HG3  H  N N 221 
LYS HD2  H  N N 222 
LYS HD3  H  N N 223 
LYS HE2  H  N N 224 
LYS HE3  H  N N 225 
LYS HZ1  H  N N 226 
LYS HZ2  H  N N 227 
LYS HZ3  H  N N 228 
LYS HXT  H  N N 229 
MBO HG   HG N N 230 
MBO CE1  C  Y N 231 
MBO CE2  C  Y N 232 
MBO CE3  C  Y N 233 
MBO CE4  C  Y N 234 
MBO CE5  C  Y N 235 
MBO CE6  C  Y N 236 
MBO CZ   C  N N 237 
MBO OZ1  O  N N 238 
MBO OZ2  O  N N 239 
MBO HE2  H  N N 240 
MBO HE3  H  N N 241 
MBO HE5  H  N N 242 
MBO HE6  H  N N 243 
MBO HZ2  H  N N 244 
MET N    N  N N 245 
MET CA   C  N S 246 
MET C    C  N N 247 
MET O    O  N N 248 
MET CB   C  N N 249 
MET CG   C  N N 250 
MET SD   S  N N 251 
MET CE   C  N N 252 
MET OXT  O  N N 253 
MET H    H  N N 254 
MET H2   H  N N 255 
MET HA   H  N N 256 
MET HB2  H  N N 257 
MET HB3  H  N N 258 
MET HG2  H  N N 259 
MET HG3  H  N N 260 
MET HE1  H  N N 261 
MET HE2  H  N N 262 
MET HE3  H  N N 263 
MET HXT  H  N N 264 
PHE N    N  N N 265 
PHE CA   C  N S 266 
PHE C    C  N N 267 
PHE O    O  N N 268 
PHE CB   C  N N 269 
PHE CG   C  Y N 270 
PHE CD1  C  Y N 271 
PHE CD2  C  Y N 272 
PHE CE1  C  Y N 273 
PHE CE2  C  Y N 274 
PHE CZ   C  Y N 275 
PHE OXT  O  N N 276 
PHE H    H  N N 277 
PHE H2   H  N N 278 
PHE HA   H  N N 279 
PHE HB2  H  N N 280 
PHE HB3  H  N N 281 
PHE HD1  H  N N 282 
PHE HD2  H  N N 283 
PHE HE1  H  N N 284 
PHE HE2  H  N N 285 
PHE HZ   H  N N 286 
PHE HXT  H  N N 287 
PRO N    N  N N 288 
PRO CA   C  N S 289 
PRO C    C  N N 290 
PRO O    O  N N 291 
PRO CB   C  N N 292 
PRO CG   C  N N 293 
PRO CD   C  N N 294 
PRO OXT  O  N N 295 
PRO H    H  N N 296 
PRO HA   H  N N 297 
PRO HB2  H  N N 298 
PRO HB3  H  N N 299 
PRO HG2  H  N N 300 
PRO HG3  H  N N 301 
PRO HD2  H  N N 302 
PRO HD3  H  N N 303 
PRO HXT  H  N N 304 
SER N    N  N N 305 
SER CA   C  N S 306 
SER C    C  N N 307 
SER O    O  N N 308 
SER CB   C  N N 309 
SER OG   O  N N 310 
SER OXT  O  N N 311 
SER H    H  N N 312 
SER H2   H  N N 313 
SER HA   H  N N 314 
SER HB2  H  N N 315 
SER HB3  H  N N 316 
SER HG   H  N N 317 
SER HXT  H  N N 318 
SO4 S    S  N N 319 
SO4 O1   O  N N 320 
SO4 O2   O  N N 321 
SO4 O3   O  N N 322 
SO4 O4   O  N N 323 
THR N    N  N N 324 
THR CA   C  N S 325 
THR C    C  N N 326 
THR O    O  N N 327 
THR CB   C  N R 328 
THR OG1  O  N N 329 
THR CG2  C  N N 330 
THR OXT  O  N N 331 
THR H    H  N N 332 
THR H2   H  N N 333 
THR HA   H  N N 334 
THR HB   H  N N 335 
THR HG1  H  N N 336 
THR HG21 H  N N 337 
THR HG22 H  N N 338 
THR HG23 H  N N 339 
THR HXT  H  N N 340 
TYR N    N  N N 341 
TYR CA   C  N S 342 
TYR C    C  N N 343 
TYR O    O  N N 344 
TYR CB   C  N N 345 
TYR CG   C  Y N 346 
TYR CD1  C  Y N 347 
TYR CD2  C  Y N 348 
TYR CE1  C  Y N 349 
TYR CE2  C  Y N 350 
TYR CZ   C  Y N 351 
TYR OH   O  N N 352 
TYR OXT  O  N N 353 
TYR H    H  N N 354 
TYR H2   H  N N 355 
TYR HA   H  N N 356 
TYR HB2  H  N N 357 
TYR HB3  H  N N 358 
TYR HD1  H  N N 359 
TYR HD2  H  N N 360 
TYR HE1  H  N N 361 
TYR HE2  H  N N 362 
TYR HH   H  N N 363 
TYR HXT  H  N N 364 
VAL N    N  N N 365 
VAL CA   C  N S 366 
VAL C    C  N N 367 
VAL O    O  N N 368 
VAL CB   C  N N 369 
VAL CG1  C  N N 370 
VAL CG2  C  N N 371 
VAL OXT  O  N N 372 
VAL H    H  N N 373 
VAL H2   H  N N 374 
VAL HA   H  N N 375 
VAL HB   H  N N 376 
VAL HG11 H  N N 377 
VAL HG12 H  N N 378 
VAL HG13 H  N N 379 
VAL HG21 H  N N 380 
VAL HG22 H  N N 381 
VAL HG23 H  N N 382 
VAL HXT  H  N N 383 
# 
loop_
_chem_comp_bond.comp_id 
_chem_comp_bond.atom_id_1 
_chem_comp_bond.atom_id_2 
_chem_comp_bond.value_order 
_chem_comp_bond.pdbx_aromatic_flag 
_chem_comp_bond.pdbx_stereo_config 
_chem_comp_bond.pdbx_ordinal 
ALA N   CA   sing N N 1   
ALA N   H    sing N N 2   
ALA N   H2   sing N N 3   
ALA CA  C    sing N N 4   
ALA CA  CB   sing N N 5   
ALA CA  HA   sing N N 6   
ALA C   O    doub N N 7   
ALA C   OXT  sing N N 8   
ALA CB  HB1  sing N N 9   
ALA CB  HB2  sing N N 10  
ALA CB  HB3  sing N N 11  
ALA OXT HXT  sing N N 12  
ARG N   CA   sing N N 13  
ARG N   H    sing N N 14  
ARG N   H2   sing N N 15  
ARG CA  C    sing N N 16  
ARG CA  CB   sing N N 17  
ARG CA  HA   sing N N 18  
ARG C   O    doub N N 19  
ARG C   OXT  sing N N 20  
ARG CB  CG   sing N N 21  
ARG CB  HB2  sing N N 22  
ARG CB  HB3  sing N N 23  
ARG CG  CD   sing N N 24  
ARG CG  HG2  sing N N 25  
ARG CG  HG3  sing N N 26  
ARG CD  NE   sing N N 27  
ARG CD  HD2  sing N N 28  
ARG CD  HD3  sing N N 29  
ARG NE  CZ   sing N N 30  
ARG NE  HE   sing N N 31  
ARG CZ  NH1  sing N N 32  
ARG CZ  NH2  doub N N 33  
ARG NH1 HH11 sing N N 34  
ARG NH1 HH12 sing N N 35  
ARG NH2 HH21 sing N N 36  
ARG NH2 HH22 sing N N 37  
ARG OXT HXT  sing N N 38  
ASN N   CA   sing N N 39  
ASN N   H    sing N N 40  
ASN N   H2   sing N N 41  
ASN CA  C    sing N N 42  
ASN CA  CB   sing N N 43  
ASN CA  HA   sing N N 44  
ASN C   O    doub N N 45  
ASN C   OXT  sing N N 46  
ASN CB  CG   sing N N 47  
ASN CB  HB2  sing N N 48  
ASN CB  HB3  sing N N 49  
ASN CG  OD1  doub N N 50  
ASN CG  ND2  sing N N 51  
ASN ND2 HD21 sing N N 52  
ASN ND2 HD22 sing N N 53  
ASN OXT HXT  sing N N 54  
ASP N   CA   sing N N 55  
ASP N   H    sing N N 56  
ASP N   H2   sing N N 57  
ASP CA  C    sing N N 58  
ASP CA  CB   sing N N 59  
ASP CA  HA   sing N N 60  
ASP C   O    doub N N 61  
ASP C   OXT  sing N N 62  
ASP CB  CG   sing N N 63  
ASP CB  HB2  sing N N 64  
ASP CB  HB3  sing N N 65  
ASP CG  OD1  doub N N 66  
ASP CG  OD2  sing N N 67  
ASP OD2 HD2  sing N N 68  
ASP OXT HXT  sing N N 69  
CYS N   CA   sing N N 70  
CYS N   H    sing N N 71  
CYS N   H2   sing N N 72  
CYS CA  C    sing N N 73  
CYS CA  CB   sing N N 74  
CYS CA  HA   sing N N 75  
CYS C   O    doub N N 76  
CYS C   OXT  sing N N 77  
CYS CB  SG   sing N N 78  
CYS CB  HB2  sing N N 79  
CYS CB  HB3  sing N N 80  
CYS SG  HG   sing N N 81  
CYS OXT HXT  sing N N 82  
GLN N   CA   sing N N 83  
GLN N   H    sing N N 84  
GLN N   H2   sing N N 85  
GLN CA  C    sing N N 86  
GLN CA  CB   sing N N 87  
GLN CA  HA   sing N N 88  
GLN C   O    doub N N 89  
GLN C   OXT  sing N N 90  
GLN CB  CG   sing N N 91  
GLN CB  HB2  sing N N 92  
GLN CB  HB3  sing N N 93  
GLN CG  CD   sing N N 94  
GLN CG  HG2  sing N N 95  
GLN CG  HG3  sing N N 96  
GLN CD  OE1  doub N N 97  
GLN CD  NE2  sing N N 98  
GLN NE2 HE21 sing N N 99  
GLN NE2 HE22 sing N N 100 
GLN OXT HXT  sing N N 101 
GLU N   CA   sing N N 102 
GLU N   H    sing N N 103 
GLU N   H2   sing N N 104 
GLU CA  C    sing N N 105 
GLU CA  CB   sing N N 106 
GLU CA  HA   sing N N 107 
GLU C   O    doub N N 108 
GLU C   OXT  sing N N 109 
GLU CB  CG   sing N N 110 
GLU CB  HB2  sing N N 111 
GLU CB  HB3  sing N N 112 
GLU CG  CD   sing N N 113 
GLU CG  HG2  sing N N 114 
GLU CG  HG3  sing N N 115 
GLU CD  OE1  doub N N 116 
GLU CD  OE2  sing N N 117 
GLU OE2 HE2  sing N N 118 
GLU OXT HXT  sing N N 119 
GLY N   CA   sing N N 120 
GLY N   H    sing N N 121 
GLY N   H2   sing N N 122 
GLY CA  C    sing N N 123 
GLY CA  HA2  sing N N 124 
GLY CA  HA3  sing N N 125 
GLY C   O    doub N N 126 
GLY C   OXT  sing N N 127 
GLY OXT HXT  sing N N 128 
HIS N   CA   sing N N 129 
HIS N   H    sing N N 130 
HIS N   H2   sing N N 131 
HIS CA  C    sing N N 132 
HIS CA  CB   sing N N 133 
HIS CA  HA   sing N N 134 
HIS C   O    doub N N 135 
HIS C   OXT  sing N N 136 
HIS CB  CG   sing N N 137 
HIS CB  HB2  sing N N 138 
HIS CB  HB3  sing N N 139 
HIS CG  ND1  sing Y N 140 
HIS CG  CD2  doub Y N 141 
HIS ND1 CE1  doub Y N 142 
HIS ND1 HD1  sing N N 143 
HIS CD2 NE2  sing Y N 144 
HIS CD2 HD2  sing N N 145 
HIS CE1 NE2  sing Y N 146 
HIS CE1 HE1  sing N N 147 
HIS NE2 HE2  sing N N 148 
HIS OXT HXT  sing N N 149 
HOH O   H1   sing N N 150 
HOH O   H2   sing N N 151 
ILE N   CA   sing N N 152 
ILE N   H    sing N N 153 
ILE N   H2   sing N N 154 
ILE CA  C    sing N N 155 
ILE CA  CB   sing N N 156 
ILE CA  HA   sing N N 157 
ILE C   O    doub N N 158 
ILE C   OXT  sing N N 159 
ILE CB  CG1  sing N N 160 
ILE CB  CG2  sing N N 161 
ILE CB  HB   sing N N 162 
ILE CG1 CD1  sing N N 163 
ILE CG1 HG12 sing N N 164 
ILE CG1 HG13 sing N N 165 
ILE CG2 HG21 sing N N 166 
ILE CG2 HG22 sing N N 167 
ILE CG2 HG23 sing N N 168 
ILE CD1 HD11 sing N N 169 
ILE CD1 HD12 sing N N 170 
ILE CD1 HD13 sing N N 171 
ILE OXT HXT  sing N N 172 
LEU N   CA   sing N N 173 
LEU N   H    sing N N 174 
LEU N   H2   sing N N 175 
LEU CA  C    sing N N 176 
LEU CA  CB   sing N N 177 
LEU CA  HA   sing N N 178 
LEU C   O    doub N N 179 
LEU C   OXT  sing N N 180 
LEU CB  CG   sing N N 181 
LEU CB  HB2  sing N N 182 
LEU CB  HB3  sing N N 183 
LEU CG  CD1  sing N N 184 
LEU CG  CD2  sing N N 185 
LEU CG  HG   sing N N 186 
LEU CD1 HD11 sing N N 187 
LEU CD1 HD12 sing N N 188 
LEU CD1 HD13 sing N N 189 
LEU CD2 HD21 sing N N 190 
LEU CD2 HD22 sing N N 191 
LEU CD2 HD23 sing N N 192 
LEU OXT HXT  sing N N 193 
LYS N   CA   sing N N 194 
LYS N   H    sing N N 195 
LYS N   H2   sing N N 196 
LYS CA  C    sing N N 197 
LYS CA  CB   sing N N 198 
LYS CA  HA   sing N N 199 
LYS C   O    doub N N 200 
LYS C   OXT  sing N N 201 
LYS CB  CG   sing N N 202 
LYS CB  HB2  sing N N 203 
LYS CB  HB3  sing N N 204 
LYS CG  CD   sing N N 205 
LYS CG  HG2  sing N N 206 
LYS CG  HG3  sing N N 207 
LYS CD  CE   sing N N 208 
LYS CD  HD2  sing N N 209 
LYS CD  HD3  sing N N 210 
LYS CE  NZ   sing N N 211 
LYS CE  HE2  sing N N 212 
LYS CE  HE3  sing N N 213 
LYS NZ  HZ1  sing N N 214 
LYS NZ  HZ2  sing N N 215 
LYS NZ  HZ3  sing N N 216 
LYS OXT HXT  sing N N 217 
MBO HG  CE1  sing N N 218 
MBO CE1 CE2  sing Y N 219 
MBO CE1 CE6  doub Y N 220 
MBO CE2 CE3  doub Y N 221 
MBO CE2 HE2  sing N N 222 
MBO CE3 CE4  sing Y N 223 
MBO CE3 HE3  sing N N 224 
MBO CE4 CE5  doub Y N 225 
MBO CE4 CZ   sing N N 226 
MBO CE5 CE6  sing Y N 227 
MBO CE5 HE5  sing N N 228 
MBO CE6 HE6  sing N N 229 
MBO CZ  OZ1  doub N N 230 
MBO CZ  OZ2  sing N N 231 
MBO OZ2 HZ2  sing N N 232 
MET N   CA   sing N N 233 
MET N   H    sing N N 234 
MET N   H2   sing N N 235 
MET CA  C    sing N N 236 
MET CA  CB   sing N N 237 
MET CA  HA   sing N N 238 
MET C   O    doub N N 239 
MET C   OXT  sing N N 240 
MET CB  CG   sing N N 241 
MET CB  HB2  sing N N 242 
MET CB  HB3  sing N N 243 
MET CG  SD   sing N N 244 
MET CG  HG2  sing N N 245 
MET CG  HG3  sing N N 246 
MET SD  CE   sing N N 247 
MET CE  HE1  sing N N 248 
MET CE  HE2  sing N N 249 
MET CE  HE3  sing N N 250 
MET OXT HXT  sing N N 251 
PHE N   CA   sing N N 252 
PHE N   H    sing N N 253 
PHE N   H2   sing N N 254 
PHE CA  C    sing N N 255 
PHE CA  CB   sing N N 256 
PHE CA  HA   sing N N 257 
PHE C   O    doub N N 258 
PHE C   OXT  sing N N 259 
PHE CB  CG   sing N N 260 
PHE CB  HB2  sing N N 261 
PHE CB  HB3  sing N N 262 
PHE CG  CD1  doub Y N 263 
PHE CG  CD2  sing Y N 264 
PHE CD1 CE1  sing Y N 265 
PHE CD1 HD1  sing N N 266 
PHE CD2 CE2  doub Y N 267 
PHE CD2 HD2  sing N N 268 
PHE CE1 CZ   doub Y N 269 
PHE CE1 HE1  sing N N 270 
PHE CE2 CZ   sing Y N 271 
PHE CE2 HE2  sing N N 272 
PHE CZ  HZ   sing N N 273 
PHE OXT HXT  sing N N 274 
PRO N   CA   sing N N 275 
PRO N   CD   sing N N 276 
PRO N   H    sing N N 277 
PRO CA  C    sing N N 278 
PRO CA  CB   sing N N 279 
PRO CA  HA   sing N N 280 
PRO C   O    doub N N 281 
PRO C   OXT  sing N N 282 
PRO CB  CG   sing N N 283 
PRO CB  HB2  sing N N 284 
PRO CB  HB3  sing N N 285 
PRO CG  CD   sing N N 286 
PRO CG  HG2  sing N N 287 
PRO CG  HG3  sing N N 288 
PRO CD  HD2  sing N N 289 
PRO CD  HD3  sing N N 290 
PRO OXT HXT  sing N N 291 
SER N   CA   sing N N 292 
SER N   H    sing N N 293 
SER N   H2   sing N N 294 
SER CA  C    sing N N 295 
SER CA  CB   sing N N 296 
SER CA  HA   sing N N 297 
SER C   O    doub N N 298 
SER C   OXT  sing N N 299 
SER CB  OG   sing N N 300 
SER CB  HB2  sing N N 301 
SER CB  HB3  sing N N 302 
SER OG  HG   sing N N 303 
SER OXT HXT  sing N N 304 
SO4 S   O1   doub N N 305 
SO4 S   O2   doub N N 306 
SO4 S   O3   sing N N 307 
SO4 S   O4   sing N N 308 
THR N   CA   sing N N 309 
THR N   H    sing N N 310 
THR N   H2   sing N N 311 
THR CA  C    sing N N 312 
THR CA  CB   sing N N 313 
THR CA  HA   sing N N 314 
THR C   O    doub N N 315 
THR C   OXT  sing N N 316 
THR CB  OG1  sing N N 317 
THR CB  CG2  sing N N 318 
THR CB  HB   sing N N 319 
THR OG1 HG1  sing N N 320 
THR CG2 HG21 sing N N 321 
THR CG2 HG22 sing N N 322 
THR CG2 HG23 sing N N 323 
THR OXT HXT  sing N N 324 
TYR N   CA   sing N N 325 
TYR N   H    sing N N 326 
TYR N   H2   sing N N 327 
TYR CA  C    sing N N 328 
TYR CA  CB   sing N N 329 
TYR CA  HA   sing N N 330 
TYR C   O    doub N N 331 
TYR C   OXT  sing N N 332 
TYR CB  CG   sing N N 333 
TYR CB  HB2  sing N N 334 
TYR CB  HB3  sing N N 335 
TYR CG  CD1  doub Y N 336 
TYR CG  CD2  sing Y N 337 
TYR CD1 CE1  sing Y N 338 
TYR CD1 HD1  sing N N 339 
TYR CD2 CE2  doub Y N 340 
TYR CD2 HD2  sing N N 341 
TYR CE1 CZ   doub Y N 342 
TYR CE1 HE1  sing N N 343 
TYR CE2 CZ   sing Y N 344 
TYR CE2 HE2  sing N N 345 
TYR CZ  OH   sing N N 346 
TYR OH  HH   sing N N 347 
TYR OXT HXT  sing N N 348 
VAL N   CA   sing N N 349 
VAL N   H    sing N N 350 
VAL N   H2   sing N N 351 
VAL CA  C    sing N N 352 
VAL CA  CB   sing N N 353 
VAL CA  HA   sing N N 354 
VAL C   O    doub N N 355 
VAL C   OXT  sing N N 356 
VAL CB  CG1  sing N N 357 
VAL CB  CG2  sing N N 358 
VAL CB  HB   sing N N 359 
VAL CG1 HG11 sing N N 360 
VAL CG1 HG12 sing N N 361 
VAL CG1 HG13 sing N N 362 
VAL CG2 HG21 sing N N 363 
VAL CG2 HG22 sing N N 364 
VAL CG2 HG23 sing N N 365 
VAL OXT HXT  sing N N 366 
# 
loop_
_pdbx_entity_nonpoly.entity_id 
_pdbx_entity_nonpoly.name 
_pdbx_entity_nonpoly.comp_id 
2 'UNKNOWN LIGAND'      UNL 
3 'SULFATE ION'         SO4 
4 'MERCURIBENZOIC ACID' MBO 
5 water                 HOH 
# 
_pdbx_initial_refinement_model.id               1 
_pdbx_initial_refinement_model.entity_id_list   ? 
_pdbx_initial_refinement_model.type             'experimental model' 
_pdbx_initial_refinement_model.source_name      PDB 
_pdbx_initial_refinement_model.accession_code   5W2X 
_pdbx_initial_refinement_model.details          ? 
# 
_pdbx_struct_assembly_auth_evidence.id                     1 
_pdbx_struct_assembly_auth_evidence.assembly_id            1 
_pdbx_struct_assembly_auth_evidence.experimental_support   none 
_pdbx_struct_assembly_auth_evidence.details                . 
# 
